data_2HH8
#
_entry.id   2HH8
#
_entity_poly.entity_id   1
_entity_poly.type   'polypeptide(L)'
_entity_poly.pdbx_seq_one_letter_code
;MEGLSMDQVVIFKQIFDKVRNDLNYQWFYSELKRHNVSHYIYYLATENVHIVLKNDNTVLLKGLKNIVSVKFSKDRHLIE
TTSNKLKSREITFQEYRRNLAKAGVFRWVTNIHEQKRYYYTFDNSLLFTESIQKTTQIFPRLEHHHHHH
;
_entity_poly.pdbx_strand_id   A
#
# COMPACT_ATOMS: atom_id res chain seq x y z
N ASP A 7 3.10 2.68 -21.68
CA ASP A 7 3.86 1.95 -20.66
C ASP A 7 2.92 1.48 -19.56
N GLN A 8 3.06 0.22 -19.18
CA GLN A 8 2.19 -0.40 -18.19
C GLN A 8 2.37 0.26 -16.82
N VAL A 9 3.56 0.81 -16.60
CA VAL A 9 3.85 1.54 -15.37
C VAL A 9 2.92 2.74 -15.23
N VAL A 10 2.63 3.40 -16.36
CA VAL A 10 1.78 4.57 -16.36
C VAL A 10 0.37 4.21 -15.87
N ILE A 11 -0.16 3.11 -16.40
CA ILE A 11 -1.51 2.66 -16.04
C ILE A 11 -1.61 2.42 -14.53
N PHE A 12 -0.67 1.65 -13.99
CA PHE A 12 -0.68 1.34 -12.56
C PHE A 12 -0.55 2.60 -11.72
N LYS A 13 0.40 3.46 -12.09
CA LYS A 13 0.65 4.68 -11.33
C LYS A 13 -0.59 5.57 -11.31
N GLN A 14 -1.23 5.72 -12.47
CA GLN A 14 -2.41 6.57 -12.59
C GLN A 14 -3.54 6.10 -11.66
N ILE A 15 -3.67 4.79 -11.51
CA ILE A 15 -4.67 4.24 -10.60
C ILE A 15 -4.41 4.72 -9.18
N PHE A 16 -3.15 4.65 -8.76
CA PHE A 16 -2.76 5.08 -7.43
C PHE A 16 -2.85 6.59 -7.29
N ASP A 17 -2.44 7.32 -8.33
CA ASP A 17 -2.53 8.78 -8.34
C ASP A 17 -3.95 9.24 -8.06
N LYS A 18 -4.92 8.56 -8.65
CA LYS A 18 -6.31 8.93 -8.49
C LYS A 18 -6.84 8.49 -7.12
N VAL A 19 -6.62 7.21 -6.79
CA VAL A 19 -7.24 6.60 -5.60
C VAL A 19 -6.81 7.28 -4.30
N ARG A 20 -5.61 7.88 -4.28
CA ARG A 20 -5.12 8.53 -3.06
C ARG A 20 -6.07 9.63 -2.57
N ASN A 21 -6.75 10.27 -3.52
CA ASN A 21 -7.65 11.37 -3.18
C ASN A 21 -9.09 11.03 -3.58
N ASP A 22 -9.24 10.16 -4.56
CA ASP A 22 -10.56 9.81 -5.08
C ASP A 22 -11.26 8.83 -4.15
N LEU A 23 -10.50 7.87 -3.63
CA LEU A 23 -10.99 6.92 -2.61
C LEU A 23 -11.98 5.90 -3.15
N ASN A 24 -12.09 5.75 -4.47
CA ASN A 24 -12.92 4.69 -5.01
C ASN A 24 -12.17 3.36 -4.91
N TYR A 25 -12.79 2.39 -4.27
CA TYR A 25 -12.12 1.12 -4.01
C TYR A 25 -12.55 0.02 -4.97
N GLN A 26 -13.73 0.17 -5.59
CA GLN A 26 -14.23 -0.88 -6.46
C GLN A 26 -13.35 -1.06 -7.68
N TRP A 27 -13.09 0.04 -8.39
CA TRP A 27 -12.26 0.00 -9.58
C TRP A 27 -10.81 -0.30 -9.19
N PHE A 28 -10.40 0.24 -8.06
CA PHE A 28 -9.08 0.02 -7.52
C PHE A 28 -8.82 -1.48 -7.30
N TYR A 29 -9.65 -2.09 -6.47
CA TYR A 29 -9.48 -3.52 -6.14
C TYR A 29 -9.78 -4.41 -7.34
N SER A 30 -10.68 -3.96 -8.21
CA SER A 30 -11.02 -4.72 -9.42
C SER A 30 -9.79 -4.84 -10.31
N GLU A 31 -9.16 -3.71 -10.59
CA GLU A 31 -7.95 -3.69 -11.42
C GLU A 31 -6.79 -4.34 -10.69
N LEU A 32 -6.81 -4.30 -9.35
CA LEU A 32 -5.80 -4.98 -8.56
C LEU A 32 -5.80 -6.47 -8.86
N LYS A 33 -6.94 -7.12 -8.63
CA LYS A 33 -7.04 -8.56 -8.86
C LYS A 33 -6.97 -8.89 -10.35
N ARG A 34 -7.24 -7.90 -11.18
CA ARG A 34 -7.28 -8.12 -12.62
C ARG A 34 -5.91 -7.87 -13.25
N HIS A 35 -4.95 -7.41 -12.45
CA HIS A 35 -3.59 -7.22 -12.93
C HIS A 35 -2.59 -7.85 -11.97
N ASN A 36 -2.62 -7.40 -10.73
CA ASN A 36 -1.74 -7.92 -9.70
C ASN A 36 -2.33 -9.20 -9.11
N VAL A 37 -1.97 -10.32 -9.69
CA VAL A 37 -2.47 -11.61 -9.25
C VAL A 37 -1.59 -12.16 -8.12
N SER A 38 -0.49 -11.48 -7.83
CA SER A 38 0.42 -11.91 -6.79
C SER A 38 0.50 -10.90 -5.64
N HIS A 39 1.46 -9.97 -5.72
CA HIS A 39 1.69 -9.03 -4.63
C HIS A 39 2.47 -7.81 -5.09
N TYR A 40 2.15 -6.65 -4.53
CA TYR A 40 2.93 -5.46 -4.79
C TYR A 40 3.54 -4.95 -3.49
N ILE A 41 4.81 -4.57 -3.57
CA ILE A 41 5.53 -4.06 -2.42
C ILE A 41 5.61 -2.53 -2.49
N TYR A 42 4.79 -1.88 -1.70
CA TYR A 42 4.68 -0.43 -1.71
C TYR A 42 5.62 0.16 -0.66
N TYR A 43 6.59 0.94 -1.10
CA TYR A 43 7.52 1.59 -0.18
C TYR A 43 7.09 3.01 0.10
N LEU A 44 6.57 3.25 1.29
CA LEU A 44 6.11 4.58 1.70
C LEU A 44 7.29 5.53 1.88
N ALA A 45 8.50 4.98 1.83
CA ALA A 45 9.71 5.76 2.00
C ALA A 45 10.05 6.56 0.75
N THR A 46 9.64 6.04 -0.41
CA THR A 46 9.98 6.68 -1.68
C THR A 46 8.76 6.84 -2.57
N GLU A 47 7.61 6.37 -2.09
CA GLU A 47 6.38 6.32 -2.89
C GLU A 47 6.60 5.41 -4.11
N ASN A 48 7.57 4.51 -4.00
CA ASN A 48 7.89 3.61 -5.09
C ASN A 48 7.24 2.26 -4.81
N VAL A 49 6.69 1.64 -5.85
CA VAL A 49 5.94 0.42 -5.68
C VAL A 49 6.48 -0.69 -6.56
N HIS A 50 6.75 -1.83 -5.96
CA HIS A 50 7.20 -3.01 -6.70
C HIS A 50 6.03 -3.96 -6.93
N ILE A 51 5.32 -3.80 -8.04
CA ILE A 51 4.17 -4.64 -8.33
C ILE A 51 4.63 -5.91 -9.03
N VAL A 52 4.76 -6.98 -8.25
CA VAL A 52 5.13 -8.27 -8.80
C VAL A 52 3.87 -9.00 -9.24
N LEU A 53 3.66 -9.07 -10.54
CA LEU A 53 2.45 -9.66 -11.10
C LEU A 53 2.43 -11.17 -10.92
N LYS A 54 1.42 -11.82 -11.51
CA LYS A 54 1.23 -13.26 -11.43
C LYS A 54 2.53 -14.01 -11.70
N ASN A 55 3.05 -13.87 -12.91
CA ASN A 55 4.34 -14.44 -13.28
C ASN A 55 4.83 -13.70 -14.52
N ASP A 56 4.29 -12.50 -14.68
CA ASP A 56 4.49 -11.72 -15.89
C ASP A 56 5.76 -10.90 -15.78
N ASN A 57 5.71 -9.84 -14.98
CA ASN A 57 6.86 -8.98 -14.76
C ASN A 57 6.64 -8.14 -13.51
N THR A 58 7.65 -7.35 -13.15
CA THR A 58 7.51 -6.45 -12.01
C THR A 58 7.32 -5.02 -12.51
N VAL A 59 6.25 -4.40 -12.06
CA VAL A 59 5.97 -3.02 -12.40
C VAL A 59 6.49 -2.12 -11.30
N LEU A 60 7.30 -1.13 -11.66
CA LEU A 60 7.88 -0.23 -10.67
C LEU A 60 7.34 1.17 -10.84
N LEU A 61 6.59 1.64 -9.85
CA LEU A 61 6.02 2.98 -9.89
C LEU A 61 6.91 3.95 -9.14
N LYS A 62 6.96 5.18 -9.60
CA LYS A 62 7.70 6.24 -8.92
C LYS A 62 6.82 7.48 -8.78
N GLY A 63 6.49 7.84 -7.55
CA GLY A 63 5.73 9.06 -7.30
C GLY A 63 6.26 9.82 -6.12
N LEU A 64 5.63 10.97 -5.83
CA LEU A 64 5.97 11.81 -4.67
C LEU A 64 7.48 11.84 -4.40
N LYS A 65 8.23 12.34 -5.38
CA LYS A 65 9.68 12.35 -5.28
C LYS A 65 10.15 13.34 -4.22
N ASN A 66 10.32 12.81 -3.01
CA ASN A 66 10.82 13.58 -1.87
C ASN A 66 11.66 12.67 -0.99
N ILE A 67 11.13 11.47 -0.74
CA ILE A 67 11.81 10.42 0.01
C ILE A 67 11.88 10.76 1.50
N VAL A 68 11.83 9.71 2.32
CA VAL A 68 11.90 9.84 3.77
C VAL A 68 10.64 10.54 4.30
N SER A 69 9.53 9.84 4.21
CA SER A 69 8.28 10.32 4.77
C SER A 69 7.85 9.37 5.89
N VAL A 70 8.77 8.48 6.25
CA VAL A 70 8.50 7.43 7.21
C VAL A 70 9.35 7.63 8.45
N LYS A 71 8.83 7.24 9.61
CA LYS A 71 9.58 7.31 10.84
C LYS A 71 9.74 5.93 11.43
N PHE A 72 10.92 5.64 11.96
CA PHE A 72 11.17 4.34 12.57
C PHE A 72 10.54 4.29 13.96
N SER A 73 9.24 4.13 13.98
CA SER A 73 8.49 3.99 15.22
C SER A 73 7.42 2.92 15.07
N LYS A 74 7.87 1.67 15.16
CA LYS A 74 7.03 0.53 14.85
C LYS A 74 6.02 0.24 15.97
N ASP A 75 4.76 0.58 15.70
CA ASP A 75 3.67 0.33 16.65
C ASP A 75 2.49 -0.31 15.93
N ARG A 76 1.92 -1.34 16.54
CA ARG A 76 0.85 -2.10 15.90
C ARG A 76 -0.50 -1.44 16.11
N HIS A 77 -0.64 -0.72 17.22
CA HIS A 77 -1.93 -0.13 17.58
C HIS A 77 -2.22 1.07 16.70
N LEU A 78 -1.19 1.83 16.38
CA LEU A 78 -1.33 2.96 15.48
C LEU A 78 -1.86 2.50 14.12
N ILE A 79 -1.49 1.29 13.74
CA ILE A 79 -1.93 0.72 12.47
C ILE A 79 -3.42 0.43 12.51
N GLU A 80 -3.85 -0.30 13.54
CA GLU A 80 -5.25 -0.71 13.65
C GLU A 80 -6.17 0.48 13.91
N THR A 81 -5.65 1.49 14.60
CA THR A 81 -6.42 2.71 14.84
C THR A 81 -6.65 3.46 13.54
N THR A 82 -5.65 3.43 12.66
CA THR A 82 -5.74 4.13 11.39
C THR A 82 -6.68 3.40 10.43
N SER A 83 -6.65 2.06 10.45
CA SER A 83 -7.54 1.28 9.62
C SER A 83 -8.97 1.38 10.13
N ASN A 84 -9.12 1.52 11.44
CA ASN A 84 -10.44 1.74 12.05
C ASN A 84 -11.02 3.08 11.60
N LYS A 85 -10.15 4.07 11.48
CA LYS A 85 -10.58 5.39 11.00
C LYS A 85 -11.00 5.30 9.54
N LEU A 86 -10.25 4.52 8.76
CA LEU A 86 -10.56 4.29 7.36
C LEU A 86 -11.87 3.50 7.22
N LYS A 87 -12.07 2.57 8.14
CA LYS A 87 -13.29 1.76 8.20
C LYS A 87 -14.52 2.65 8.34
N SER A 88 -14.44 3.64 9.23
CA SER A 88 -15.59 4.49 9.52
C SER A 88 -15.82 5.56 8.46
N ARG A 89 -14.92 6.54 8.38
CA ARG A 89 -15.13 7.70 7.51
C ARG A 89 -14.34 7.59 6.21
N GLU A 90 -13.38 6.67 6.16
CA GLU A 90 -12.52 6.47 5.00
C GLU A 90 -11.53 7.63 4.81
N ILE A 91 -11.77 8.73 5.52
CA ILE A 91 -10.91 9.93 5.53
C ILE A 91 -10.28 10.23 4.18
N THR A 92 -9.00 9.93 4.03
CA THR A 92 -8.30 10.08 2.78
C THR A 92 -7.13 9.09 2.73
N PHE A 93 -6.92 8.47 1.58
CA PHE A 93 -5.92 7.41 1.44
C PHE A 93 -4.50 7.93 1.73
N GLN A 94 -4.28 9.19 1.43
CA GLN A 94 -2.97 9.81 1.69
C GLN A 94 -2.71 9.92 3.19
N GLU A 95 -3.74 10.30 3.96
CA GLU A 95 -3.61 10.44 5.41
C GLU A 95 -3.45 9.06 6.05
N TYR A 96 -4.18 8.10 5.50
CA TYR A 96 -4.10 6.72 5.95
C TYR A 96 -2.66 6.23 5.95
N ARG A 97 -1.95 6.55 4.88
CA ARG A 97 -0.57 6.12 4.73
C ARG A 97 0.40 6.99 5.53
N ARG A 98 -0.03 8.20 5.86
CA ARG A 98 0.80 9.09 6.68
C ARG A 98 0.94 8.55 8.10
N ASN A 99 -0.17 8.07 8.65
CA ASN A 99 -0.16 7.48 9.98
C ASN A 99 0.59 6.15 9.96
N LEU A 100 0.46 5.41 8.85
CA LEU A 100 1.18 4.15 8.68
C LEU A 100 2.69 4.37 8.61
N ALA A 101 3.09 5.44 7.93
CA ALA A 101 4.50 5.79 7.88
C ALA A 101 5.03 6.17 9.25
N LYS A 102 4.14 6.72 10.08
CA LYS A 102 4.48 7.07 11.44
C LYS A 102 4.53 5.82 12.32
N ALA A 103 3.97 4.73 11.81
CA ALA A 103 3.93 3.46 12.52
C ALA A 103 5.11 2.57 12.13
N GLY A 104 6.00 3.11 11.31
CA GLY A 104 7.20 2.39 10.93
C GLY A 104 6.97 1.39 9.82
N VAL A 105 5.89 1.58 9.06
CA VAL A 105 5.59 0.71 7.95
C VAL A 105 6.37 1.12 6.71
N PHE A 106 7.46 0.42 6.46
CA PHE A 106 8.29 0.71 5.30
C PHE A 106 7.88 -0.17 4.12
N ARG A 107 7.39 -1.37 4.42
CA ARG A 107 7.00 -2.32 3.39
C ARG A 107 5.50 -2.61 3.43
N TRP A 108 4.77 -1.97 2.54
CA TRP A 108 3.37 -2.25 2.32
C TRP A 108 3.25 -3.38 1.30
N VAL A 109 3.18 -4.61 1.78
CA VAL A 109 3.17 -5.76 0.90
C VAL A 109 1.77 -6.35 0.81
N THR A 110 1.06 -5.99 -0.23
CA THR A 110 -0.28 -6.53 -0.44
C THR A 110 -0.22 -7.75 -1.34
N ASN A 111 -0.37 -8.91 -0.73
CA ASN A 111 -0.29 -10.18 -1.45
C ASN A 111 -1.70 -10.68 -1.75
N ILE A 112 -2.25 -10.19 -2.85
CA ILE A 112 -3.60 -10.53 -3.30
C ILE A 112 -3.71 -12.04 -3.52
N HIS A 113 -2.63 -12.64 -3.98
CA HIS A 113 -2.58 -14.06 -4.28
C HIS A 113 -2.92 -14.90 -3.04
N GLU A 114 -2.65 -14.34 -1.86
CA GLU A 114 -2.90 -15.07 -0.62
C GLU A 114 -3.99 -14.38 0.19
N GLN A 115 -4.45 -13.23 -0.31
CA GLN A 115 -5.55 -12.46 0.31
C GLN A 115 -5.09 -11.72 1.58
N LYS A 116 -3.80 -11.48 1.72
CA LYS A 116 -3.27 -10.78 2.88
C LYS A 116 -2.59 -9.47 2.50
N ARG A 117 -2.76 -8.45 3.33
CA ARG A 117 -2.00 -7.22 3.23
C ARG A 117 -1.04 -7.13 4.40
N TYR A 118 0.24 -7.32 4.13
CA TYR A 118 1.25 -7.36 5.19
C TYR A 118 1.91 -5.99 5.36
N TYR A 119 2.09 -5.60 6.61
CA TYR A 119 2.79 -4.37 6.93
C TYR A 119 4.11 -4.70 7.62
N TYR A 120 5.21 -4.45 6.92
CA TYR A 120 6.53 -4.73 7.47
C TYR A 120 7.30 -3.45 7.76
N THR A 121 8.14 -3.49 8.77
CA THR A 121 9.08 -2.42 9.04
C THR A 121 10.34 -2.63 8.20
N PHE A 122 11.31 -1.71 8.29
CA PHE A 122 12.52 -1.79 7.49
C PHE A 122 13.31 -3.06 7.81
N ASP A 123 13.25 -3.46 9.07
CA ASP A 123 13.93 -4.68 9.52
C ASP A 123 13.04 -5.91 9.29
N ASN A 124 12.14 -5.78 8.32
CA ASN A 124 11.27 -6.86 7.81
C ASN A 124 10.47 -7.59 8.89
N SER A 125 10.36 -6.99 10.08
CA SER A 125 9.49 -7.54 11.10
C SER A 125 8.03 -7.30 10.75
N LEU A 126 7.20 -8.32 10.90
CA LEU A 126 5.78 -8.18 10.65
C LEU A 126 5.15 -7.30 11.72
N LEU A 127 4.62 -6.16 11.31
CA LEU A 127 3.97 -5.26 12.23
C LEU A 127 2.52 -5.63 12.38
N PHE A 128 1.85 -5.84 11.25
CA PHE A 128 0.43 -6.14 11.25
C PHE A 128 0.03 -6.69 9.89
N THR A 129 -1.17 -7.25 9.80
CA THR A 129 -1.69 -7.74 8.53
C THR A 129 -3.20 -7.78 8.57
N GLU A 130 -3.81 -7.69 7.40
CA GLU A 130 -5.26 -7.67 7.27
C GLU A 130 -5.69 -8.31 5.96
N SER A 131 -6.95 -8.73 5.90
CA SER A 131 -7.51 -9.25 4.67
C SER A 131 -7.93 -8.10 3.76
N ILE A 132 -7.60 -8.21 2.48
CA ILE A 132 -7.83 -7.11 1.54
C ILE A 132 -9.29 -7.04 1.06
N GLN A 133 -10.16 -6.56 1.94
CA GLN A 133 -11.57 -6.35 1.60
C GLN A 133 -12.23 -5.43 2.60
N ASP A 7 3.93 1.32 -22.66
CA ASP A 7 4.58 1.64 -21.41
C ASP A 7 3.69 1.22 -20.25
N GLN A 8 4.00 0.06 -19.71
CA GLN A 8 3.22 -0.57 -18.66
C GLN A 8 3.19 0.32 -17.42
N VAL A 9 4.23 1.13 -17.27
CA VAL A 9 4.34 2.04 -16.14
C VAL A 9 3.21 3.07 -16.14
N VAL A 10 2.83 3.53 -17.33
CA VAL A 10 1.79 4.55 -17.44
C VAL A 10 0.47 4.08 -16.85
N ILE A 11 -0.02 2.95 -17.36
CA ILE A 11 -1.30 2.41 -16.96
C ILE A 11 -1.37 2.18 -15.45
N PHE A 12 -0.38 1.47 -14.93
CA PHE A 12 -0.38 1.09 -13.52
C PHE A 12 -0.24 2.29 -12.58
N LYS A 13 0.62 3.24 -12.95
CA LYS A 13 0.83 4.42 -12.12
C LYS A 13 -0.46 5.23 -12.04
N GLN A 14 -1.18 5.29 -13.16
CA GLN A 14 -2.43 6.03 -13.24
C GLN A 14 -3.50 5.39 -12.35
N ILE A 15 -3.41 4.08 -12.16
CA ILE A 15 -4.33 3.38 -11.27
C ILE A 15 -4.14 3.87 -9.83
N PHE A 16 -2.89 3.87 -9.38
CA PHE A 16 -2.55 4.36 -8.04
C PHE A 16 -2.79 5.86 -7.94
N ASP A 17 -2.69 6.53 -9.07
CA ASP A 17 -2.91 7.97 -9.15
C ASP A 17 -4.38 8.30 -8.87
N LYS A 18 -5.26 7.58 -9.56
CA LYS A 18 -6.69 7.87 -9.47
C LYS A 18 -7.29 7.37 -8.17
N VAL A 19 -6.76 6.28 -7.61
CA VAL A 19 -7.23 5.81 -6.32
C VAL A 19 -6.77 6.75 -5.21
N ARG A 20 -5.69 7.46 -5.48
CA ARG A 20 -5.15 8.43 -4.53
C ARG A 20 -6.03 9.67 -4.45
N ASN A 21 -6.75 9.95 -5.54
CA ASN A 21 -7.62 11.12 -5.59
C ASN A 21 -9.07 10.75 -5.28
N ASP A 22 -9.54 9.71 -5.95
CA ASP A 22 -10.95 9.31 -5.87
C ASP A 22 -11.21 8.40 -4.68
N LEU A 23 -10.15 7.73 -4.21
CA LEU A 23 -10.20 6.88 -3.02
C LEU A 23 -11.13 5.69 -3.20
N ASN A 24 -11.31 5.24 -4.43
CA ASN A 24 -12.13 4.07 -4.69
C ASN A 24 -11.30 2.80 -4.55
N TYR A 25 -11.33 2.21 -3.37
CA TYR A 25 -10.57 0.99 -3.11
C TYR A 25 -11.15 -0.19 -3.87
N GLN A 26 -12.47 -0.20 -4.06
CA GLN A 26 -13.12 -1.31 -4.75
C GLN A 26 -12.61 -1.40 -6.19
N TRP A 27 -12.60 -0.27 -6.88
CA TRP A 27 -12.10 -0.19 -8.24
C TRP A 27 -10.61 -0.52 -8.28
N PHE A 28 -9.88 -0.01 -7.29
CA PHE A 28 -8.44 -0.26 -7.17
C PHE A 28 -8.16 -1.76 -7.08
N TYR A 29 -8.84 -2.44 -6.17
CA TYR A 29 -8.64 -3.87 -5.98
C TYR A 29 -9.16 -4.66 -7.17
N SER A 30 -10.11 -4.10 -7.91
CA SER A 30 -10.63 -4.75 -9.10
C SER A 30 -9.56 -4.81 -10.19
N GLU A 31 -8.83 -3.72 -10.37
CA GLU A 31 -7.75 -3.69 -11.34
C GLU A 31 -6.57 -4.54 -10.88
N LEU A 32 -6.39 -4.62 -9.57
CA LEU A 32 -5.38 -5.50 -9.01
C LEU A 32 -5.77 -6.95 -9.29
N LYS A 33 -7.06 -7.25 -9.19
CA LYS A 33 -7.57 -8.58 -9.46
C LYS A 33 -7.29 -8.99 -10.91
N ARG A 34 -7.26 -8.02 -11.81
CA ARG A 34 -7.05 -8.31 -13.23
C ARG A 34 -5.59 -8.16 -13.63
N HIS A 35 -4.75 -7.68 -12.71
CA HIS A 35 -3.34 -7.44 -13.03
C HIS A 35 -2.41 -8.05 -11.99
N ASN A 36 -2.57 -7.61 -10.75
CA ASN A 36 -1.73 -8.07 -9.65
C ASN A 36 -2.29 -9.35 -9.04
N VAL A 37 -1.89 -10.48 -9.59
CA VAL A 37 -2.33 -11.77 -9.09
C VAL A 37 -1.55 -12.15 -7.84
N SER A 38 -0.31 -11.69 -7.77
CA SER A 38 0.55 -11.97 -6.63
C SER A 38 0.49 -10.85 -5.61
N HIS A 39 1.42 -9.90 -5.67
CA HIS A 39 1.53 -8.86 -4.66
C HIS A 39 2.41 -7.71 -5.12
N TYR A 40 2.01 -6.49 -4.77
CA TYR A 40 2.83 -5.33 -5.09
C TYR A 40 3.47 -4.80 -3.82
N ILE A 41 4.73 -4.40 -3.94
CA ILE A 41 5.48 -3.87 -2.81
C ILE A 41 5.53 -2.35 -2.89
N TYR A 42 4.84 -1.69 -1.97
CA TYR A 42 4.80 -0.25 -1.94
C TYR A 42 5.74 0.27 -0.85
N TYR A 43 6.69 1.10 -1.24
CA TYR A 43 7.60 1.70 -0.28
C TYR A 43 7.10 3.07 0.13
N LEU A 44 6.69 3.21 1.38
CA LEU A 44 6.18 4.49 1.87
C LEU A 44 7.27 5.55 1.83
N ALA A 45 6.84 6.81 1.63
CA ALA A 45 7.74 7.96 1.50
C ALA A 45 8.49 7.94 0.17
N THR A 46 9.16 6.84 -0.12
CA THR A 46 9.90 6.70 -1.36
C THR A 46 8.96 6.69 -2.57
N GLU A 47 7.73 6.22 -2.34
CA GLU A 47 6.67 6.22 -3.35
C GLU A 47 6.96 5.23 -4.47
N ASN A 48 7.93 4.35 -4.27
CA ASN A 48 8.25 3.33 -5.27
C ASN A 48 7.33 2.14 -5.11
N VAL A 49 6.82 1.66 -6.23
CA VAL A 49 5.91 0.52 -6.23
C VAL A 49 6.51 -0.61 -7.05
N HIS A 50 6.69 -1.77 -6.44
CA HIS A 50 7.19 -2.95 -7.13
C HIS A 50 6.09 -3.98 -7.27
N ILE A 51 5.37 -3.94 -8.39
CA ILE A 51 4.23 -4.80 -8.61
C ILE A 51 4.64 -6.10 -9.30
N VAL A 52 4.73 -7.17 -8.53
CA VAL A 52 4.99 -8.47 -9.10
C VAL A 52 3.66 -9.11 -9.50
N LEU A 53 3.38 -9.09 -10.80
CA LEU A 53 2.11 -9.59 -11.34
C LEU A 53 1.81 -11.00 -10.83
N LYS A 54 2.74 -11.89 -11.07
CA LYS A 54 2.63 -13.27 -10.64
C LYS A 54 4.03 -13.80 -10.37
N ASN A 55 4.82 -13.85 -11.42
CA ASN A 55 6.23 -14.17 -11.32
C ASN A 55 6.91 -13.86 -12.65
N ASP A 56 6.22 -13.03 -13.43
CA ASP A 56 6.60 -12.76 -14.80
C ASP A 56 7.38 -11.46 -14.86
N ASN A 57 6.68 -10.36 -14.71
CA ASN A 57 7.30 -9.05 -14.75
C ASN A 57 6.90 -8.24 -13.51
N THR A 58 7.75 -7.30 -13.15
CA THR A 58 7.48 -6.44 -12.02
C THR A 58 7.34 -4.99 -12.47
N VAL A 59 6.18 -4.41 -12.22
CA VAL A 59 5.91 -3.04 -12.59
C VAL A 59 6.48 -2.10 -11.54
N LEU A 60 7.48 -1.31 -11.93
CA LEU A 60 8.09 -0.37 -11.01
C LEU A 60 7.52 1.02 -11.25
N LEU A 61 6.79 1.54 -10.27
CA LEU A 61 6.18 2.85 -10.37
C LEU A 61 6.73 3.78 -9.31
N LYS A 62 6.49 5.06 -9.49
CA LYS A 62 6.76 6.05 -8.47
C LYS A 62 5.53 6.95 -8.33
N GLY A 63 4.88 6.87 -7.17
CA GLY A 63 3.63 7.57 -6.94
C GLY A 63 3.70 9.05 -7.26
N LEU A 64 4.62 9.75 -6.61
CA LEU A 64 4.81 11.17 -6.84
C LEU A 64 6.30 11.50 -6.93
N LYS A 65 6.94 11.55 -5.77
CA LYS A 65 8.35 11.87 -5.66
C LYS A 65 8.87 11.42 -4.32
N ASN A 66 8.30 12.00 -3.28
CA ASN A 66 8.61 11.62 -1.90
C ASN A 66 7.63 12.34 -0.99
N ILE A 67 7.06 11.62 -0.05
CA ILE A 67 6.04 12.18 0.80
C ILE A 67 6.09 11.52 2.17
N VAL A 68 5.68 12.26 3.20
CA VAL A 68 5.70 11.75 4.57
C VAL A 68 7.13 11.69 5.11
N SER A 69 7.29 11.77 6.42
CA SER A 69 8.61 11.73 7.02
C SER A 69 8.97 10.30 7.43
N VAL A 70 7.95 9.53 7.84
CA VAL A 70 8.14 8.18 8.36
C VAL A 70 8.80 8.21 9.75
N LYS A 71 8.26 7.43 10.67
CA LYS A 71 8.75 7.44 12.03
C LYS A 71 8.87 6.01 12.55
N PHE A 72 9.99 5.71 13.20
CA PHE A 72 10.27 4.34 13.63
C PHE A 72 9.59 4.01 14.96
N SER A 73 8.42 4.58 15.20
CA SER A 73 7.63 4.23 16.37
C SER A 73 6.79 3.00 16.06
N LYS A 74 7.51 1.90 15.82
CA LYS A 74 6.92 0.64 15.38
C LYS A 74 5.91 0.12 16.38
N ASP A 75 4.64 0.11 15.99
CA ASP A 75 3.56 -0.34 16.86
C ASP A 75 2.45 -1.00 16.06
N ARG A 76 2.11 -2.22 16.46
CA ARG A 76 1.08 -3.01 15.77
C ARG A 76 -0.31 -2.42 15.98
N HIS A 77 -0.55 -1.88 17.16
CA HIS A 77 -1.88 -1.37 17.52
C HIS A 77 -2.22 -0.13 16.71
N LEU A 78 -1.24 0.74 16.51
CA LEU A 78 -1.45 1.96 15.73
C LEU A 78 -1.84 1.62 14.29
N ILE A 79 -1.29 0.53 13.77
CA ILE A 79 -1.66 0.03 12.45
C ILE A 79 -3.14 -0.32 12.44
N GLU A 80 -3.57 -1.04 13.46
CA GLU A 80 -4.97 -1.40 13.64
C GLU A 80 -5.84 -0.15 13.72
N THR A 81 -5.43 0.79 14.58
CA THR A 81 -6.16 2.03 14.77
C THR A 81 -6.30 2.81 13.46
N THR A 82 -5.20 2.89 12.70
CA THR A 82 -5.21 3.60 11.43
C THR A 82 -6.10 2.89 10.41
N SER A 83 -6.01 1.56 10.39
CA SER A 83 -6.83 0.76 9.49
C SER A 83 -8.31 0.95 9.80
N ASN A 84 -8.66 0.97 11.07
CA ASN A 84 -10.04 1.19 11.49
C ASN A 84 -10.44 2.64 11.28
N LYS A 85 -9.48 3.55 11.37
CA LYS A 85 -9.71 4.95 11.10
C LYS A 85 -10.25 5.12 9.67
N LEU A 86 -9.60 4.46 8.73
CA LEU A 86 -9.98 4.52 7.33
C LEU A 86 -11.30 3.80 7.09
N LYS A 87 -11.41 2.58 7.60
CA LYS A 87 -12.60 1.76 7.35
C LYS A 87 -13.85 2.34 8.02
N SER A 88 -13.66 3.22 9.00
CA SER A 88 -14.78 3.83 9.68
C SER A 88 -15.06 5.24 9.16
N ARG A 89 -14.07 6.12 9.22
CA ARG A 89 -14.27 7.53 8.87
C ARG A 89 -14.10 7.78 7.38
N GLU A 90 -13.35 6.92 6.70
CA GLU A 90 -12.98 7.15 5.31
C GLU A 90 -12.27 8.49 5.17
N ILE A 91 -11.03 8.54 5.63
CA ILE A 91 -10.24 9.77 5.59
C ILE A 91 -9.67 10.02 4.19
N THR A 92 -8.36 9.95 4.06
CA THR A 92 -7.70 10.14 2.77
C THR A 92 -6.39 9.35 2.74
N PHE A 93 -5.95 9.00 1.53
CA PHE A 93 -4.79 8.14 1.32
C PHE A 93 -3.53 8.72 1.98
N GLN A 94 -3.43 10.04 1.99
CA GLN A 94 -2.27 10.71 2.58
C GLN A 94 -2.25 10.51 4.10
N GLU A 95 -3.33 10.92 4.76
CA GLU A 95 -3.44 10.83 6.21
C GLU A 95 -3.32 9.39 6.68
N TYR A 96 -3.87 8.49 5.89
CA TYR A 96 -3.83 7.06 6.20
C TYR A 96 -2.38 6.57 6.28
N ARG A 97 -1.57 6.98 5.33
CA ARG A 97 -0.19 6.53 5.28
C ARG A 97 0.69 7.27 6.28
N ARG A 98 0.28 8.47 6.67
CA ARG A 98 1.03 9.22 7.67
C ARG A 98 1.03 8.48 9.00
N ASN A 99 -0.15 8.01 9.41
CA ASN A 99 -0.30 7.29 10.66
C ASN A 99 0.35 5.91 10.57
N LEU A 100 0.31 5.31 9.39
CA LEU A 100 0.99 4.05 9.15
C LEU A 100 2.50 4.23 9.26
N ALA A 101 3.01 5.30 8.66
CA ALA A 101 4.43 5.60 8.72
C ALA A 101 4.84 5.99 10.13
N LYS A 102 3.87 6.47 10.92
CA LYS A 102 4.09 6.76 12.32
C LYS A 102 4.25 5.47 13.13
N ALA A 103 3.72 4.38 12.57
CA ALA A 103 3.77 3.08 13.23
C ALA A 103 4.96 2.27 12.73
N GLY A 104 5.83 2.91 11.96
CA GLY A 104 7.03 2.26 11.48
C GLY A 104 6.81 1.47 10.21
N VAL A 105 5.61 1.56 9.65
CA VAL A 105 5.29 0.84 8.43
C VAL A 105 5.93 1.51 7.22
N PHE A 106 7.02 0.93 6.74
CA PHE A 106 7.71 1.43 5.58
C PHE A 106 7.45 0.53 4.38
N ARG A 107 7.25 -0.75 4.65
CA ARG A 107 7.05 -1.72 3.59
C ARG A 107 5.58 -2.14 3.52
N TRP A 108 4.88 -1.61 2.54
CA TRP A 108 3.47 -1.93 2.32
C TRP A 108 3.36 -3.02 1.26
N VAL A 109 2.99 -4.22 1.67
CA VAL A 109 2.86 -5.32 0.72
C VAL A 109 1.42 -5.82 0.64
N THR A 110 0.72 -5.49 -0.44
CA THR A 110 -0.63 -5.97 -0.64
C THR A 110 -0.58 -7.27 -1.45
N ASN A 111 -0.87 -8.37 -0.79
CA ASN A 111 -0.82 -9.68 -1.43
C ASN A 111 -2.22 -10.13 -1.80
N ILE A 112 -2.60 -9.85 -3.04
CA ILE A 112 -3.94 -10.21 -3.55
C ILE A 112 -4.07 -11.72 -3.63
N HIS A 113 -2.93 -12.39 -3.75
CA HIS A 113 -2.89 -13.85 -3.81
C HIS A 113 -3.52 -14.47 -2.55
N GLU A 114 -3.55 -13.71 -1.46
CA GLU A 114 -4.07 -14.20 -0.19
C GLU A 114 -5.07 -13.23 0.42
N GLN A 115 -5.42 -12.18 -0.33
CA GLN A 115 -6.35 -11.15 0.14
C GLN A 115 -5.86 -10.52 1.45
N LYS A 116 -4.56 -10.34 1.57
CA LYS A 116 -3.97 -9.84 2.79
C LYS A 116 -2.99 -8.70 2.53
N ARG A 117 -3.03 -7.68 3.37
CA ARG A 117 -2.08 -6.59 3.32
C ARG A 117 -1.09 -6.73 4.46
N TYR A 118 0.16 -6.98 4.11
CA TYR A 118 1.21 -7.22 5.09
C TYR A 118 1.96 -5.93 5.39
N TYR A 119 1.93 -5.52 6.64
CA TYR A 119 2.61 -4.31 7.07
C TYR A 119 3.97 -4.63 7.67
N TYR A 120 5.02 -4.32 6.91
CA TYR A 120 6.39 -4.56 7.35
C TYR A 120 7.07 -3.25 7.72
N THR A 121 8.02 -3.33 8.64
CA THR A 121 8.88 -2.20 8.94
C THR A 121 10.07 -2.21 7.98
N PHE A 122 10.92 -1.20 8.07
CA PHE A 122 12.10 -1.10 7.20
C PHE A 122 13.05 -2.26 7.46
N ASP A 123 12.90 -2.87 8.63
CA ASP A 123 13.73 -4.00 9.05
C ASP A 123 13.26 -5.30 8.39
N ASN A 124 12.23 -5.19 7.56
CA ASN A 124 11.62 -6.35 6.88
C ASN A 124 10.87 -7.25 7.87
N SER A 125 10.61 -6.72 9.06
CA SER A 125 9.87 -7.45 10.07
C SER A 125 8.37 -7.20 9.89
N LEU A 126 7.58 -8.25 10.01
CA LEU A 126 6.13 -8.14 9.83
C LEU A 126 5.46 -7.80 11.15
N LEU A 127 4.76 -6.67 11.17
CA LEU A 127 4.06 -6.23 12.37
C LEU A 127 2.61 -6.66 12.34
N PHE A 128 1.95 -6.47 11.20
CA PHE A 128 0.52 -6.70 11.12
C PHE A 128 0.14 -7.40 9.82
N THR A 129 -0.69 -8.42 9.93
CA THR A 129 -1.28 -9.07 8.78
C THR A 129 -2.77 -8.72 8.70
N GLU A 130 -3.12 -7.87 7.75
CA GLU A 130 -4.49 -7.44 7.60
C GLU A 130 -5.16 -8.17 6.44
N SER A 131 -6.42 -8.55 6.59
CA SER A 131 -7.15 -9.18 5.51
C SER A 131 -8.15 -8.19 4.93
N ILE A 132 -8.07 -7.96 3.64
CA ILE A 132 -8.93 -6.98 2.98
C ILE A 132 -10.28 -7.58 2.63
N GLN A 133 -11.16 -7.61 3.63
CA GLN A 133 -12.51 -8.11 3.47
C GLN A 133 -13.34 -7.71 4.67
N ASP A 7 4.93 1.29 -20.75
CA ASP A 7 3.57 1.83 -20.77
C ASP A 7 2.66 1.05 -19.86
N GLN A 8 3.03 -0.18 -19.55
CA GLN A 8 2.30 -0.95 -18.56
C GLN A 8 2.40 -0.22 -17.22
N VAL A 9 3.40 0.64 -17.14
CA VAL A 9 3.61 1.49 -15.98
C VAL A 9 2.49 2.51 -15.87
N VAL A 10 2.04 3.00 -17.03
CA VAL A 10 0.99 4.00 -17.10
C VAL A 10 -0.32 3.46 -16.52
N ILE A 11 -0.62 2.20 -16.81
CA ILE A 11 -1.84 1.57 -16.32
C ILE A 11 -1.82 1.45 -14.80
N PHE A 12 -0.76 0.85 -14.26
CA PHE A 12 -0.65 0.64 -12.82
C PHE A 12 -0.68 1.95 -12.04
N LYS A 13 0.14 2.91 -12.47
CA LYS A 13 0.21 4.19 -11.78
C LYS A 13 -1.13 4.91 -11.83
N GLN A 14 -1.81 4.82 -12.97
CA GLN A 14 -3.11 5.44 -13.16
C GLN A 14 -4.09 4.98 -12.09
N ILE A 15 -4.00 3.70 -11.73
CA ILE A 15 -4.84 3.13 -10.69
C ILE A 15 -4.60 3.84 -9.36
N PHE A 16 -3.32 3.96 -9.00
CA PHE A 16 -2.95 4.58 -7.72
C PHE A 16 -3.24 6.07 -7.71
N ASP A 17 -3.06 6.74 -8.85
CA ASP A 17 -3.33 8.17 -8.96
C ASP A 17 -4.79 8.47 -8.62
N LYS A 18 -5.69 7.62 -9.11
CA LYS A 18 -7.11 7.85 -8.94
C LYS A 18 -7.57 7.50 -7.52
N VAL A 19 -7.11 6.37 -7.01
CA VAL A 19 -7.53 5.90 -5.69
C VAL A 19 -7.02 6.84 -4.59
N ARG A 20 -5.92 7.54 -4.88
CA ARG A 20 -5.34 8.51 -3.95
C ARG A 20 -6.38 9.51 -3.48
N ASN A 21 -7.13 10.06 -4.43
CA ASN A 21 -8.05 11.15 -4.15
C ASN A 21 -9.49 10.68 -4.11
N ASP A 22 -9.86 9.85 -5.08
CA ASP A 22 -11.26 9.47 -5.25
C ASP A 22 -11.65 8.34 -4.30
N LEU A 23 -10.66 7.51 -3.95
CA LEU A 23 -10.87 6.39 -3.03
C LEU A 23 -11.81 5.34 -3.63
N ASN A 24 -11.75 5.18 -4.95
CA ASN A 24 -12.57 4.19 -5.64
C ASN A 24 -11.95 2.79 -5.50
N TYR A 25 -12.27 2.13 -4.39
CA TYR A 25 -11.71 0.83 -4.07
C TYR A 25 -12.24 -0.27 -4.98
N GLN A 26 -13.47 -0.11 -5.44
CA GLN A 26 -14.10 -1.10 -6.30
C GLN A 26 -13.36 -1.22 -7.63
N TRP A 27 -12.87 -0.10 -8.13
CA TRP A 27 -12.05 -0.11 -9.34
C TRP A 27 -10.61 -0.45 -8.98
N PHE A 28 -10.15 0.08 -7.85
CA PHE A 28 -8.80 -0.15 -7.35
C PHE A 28 -8.47 -1.64 -7.26
N TYR A 29 -9.30 -2.37 -6.52
CA TYR A 29 -9.04 -3.80 -6.33
C TYR A 29 -9.33 -4.59 -7.59
N SER A 30 -10.23 -4.08 -8.42
CA SER A 30 -10.58 -4.77 -9.65
C SER A 30 -9.38 -4.82 -10.58
N GLU A 31 -8.76 -3.67 -10.81
CA GLU A 31 -7.58 -3.58 -11.66
C GLU A 31 -6.38 -4.28 -11.01
N LEU A 32 -6.24 -4.14 -9.69
CA LEU A 32 -5.18 -4.83 -8.99
C LEU A 32 -5.27 -6.32 -9.19
N LYS A 33 -6.47 -6.87 -9.02
CA LYS A 33 -6.69 -8.30 -9.15
C LYS A 33 -6.57 -8.74 -10.62
N ARG A 34 -6.76 -7.80 -11.53
CA ARG A 34 -6.70 -8.08 -12.96
C ARG A 34 -5.30 -7.89 -13.53
N HIS A 35 -4.38 -7.38 -12.71
CA HIS A 35 -3.01 -7.16 -13.17
C HIS A 35 -2.01 -7.75 -12.17
N ASN A 36 -2.10 -7.32 -10.92
CA ASN A 36 -1.22 -7.81 -9.87
C ASN A 36 -1.82 -9.07 -9.25
N VAL A 37 -1.46 -10.21 -9.80
CA VAL A 37 -1.99 -11.49 -9.34
C VAL A 37 -1.14 -12.04 -8.19
N SER A 38 -0.02 -11.39 -7.92
CA SER A 38 0.86 -11.85 -6.87
C SER A 38 0.85 -10.87 -5.69
N HIS A 39 1.69 -9.85 -5.76
CA HIS A 39 1.85 -8.89 -4.67
C HIS A 39 2.75 -7.75 -5.11
N TYR A 40 2.55 -6.57 -4.55
CA TYR A 40 3.42 -5.44 -4.84
C TYR A 40 3.96 -4.84 -3.54
N ILE A 41 5.19 -4.37 -3.60
CA ILE A 41 5.83 -3.77 -2.45
C ILE A 41 5.91 -2.26 -2.64
N TYR A 42 5.17 -1.53 -1.84
CA TYR A 42 5.17 -0.08 -1.88
C TYR A 42 6.11 0.45 -0.80
N TYR A 43 7.17 1.13 -1.22
CA TYR A 43 8.10 1.74 -0.29
C TYR A 43 7.65 3.16 0.04
N LEU A 44 7.31 3.40 1.30
CA LEU A 44 6.87 4.72 1.72
C LEU A 44 8.04 5.70 1.74
N ALA A 45 7.71 6.99 1.92
CA ALA A 45 8.71 8.07 1.93
C ALA A 45 9.26 8.36 0.54
N THR A 46 9.71 7.31 -0.15
CA THR A 46 10.22 7.43 -1.50
C THR A 46 9.11 7.21 -2.52
N GLU A 47 8.09 6.46 -2.10
CA GLU A 47 6.91 6.17 -2.93
C GLU A 47 7.27 5.31 -4.14
N ASN A 48 8.31 4.49 -4.00
CA ASN A 48 8.70 3.56 -5.04
C ASN A 48 7.88 2.28 -4.92
N VAL A 49 7.33 1.81 -6.03
CA VAL A 49 6.47 0.63 -6.00
C VAL A 49 7.04 -0.50 -6.85
N HIS A 50 7.09 -1.70 -6.29
CA HIS A 50 7.55 -2.88 -7.01
C HIS A 50 6.41 -3.89 -7.16
N ILE A 51 5.86 -3.99 -8.37
CA ILE A 51 4.75 -4.91 -8.61
C ILE A 51 5.24 -6.16 -9.33
N VAL A 52 5.20 -7.29 -8.66
CA VAL A 52 5.60 -8.54 -9.29
C VAL A 52 4.37 -9.22 -9.89
N LEU A 53 4.41 -9.44 -11.19
CA LEU A 53 3.28 -10.00 -11.91
C LEU A 53 3.14 -11.49 -11.70
N LYS A 54 2.18 -12.07 -12.43
CA LYS A 54 1.89 -13.49 -12.35
C LYS A 54 3.04 -14.31 -12.91
N ASN A 55 3.78 -13.74 -13.84
CA ASN A 55 4.83 -14.46 -14.54
C ASN A 55 6.11 -13.63 -14.59
N ASP A 56 6.70 -13.48 -13.41
CA ASP A 56 8.08 -12.97 -13.26
C ASP A 56 8.19 -11.45 -13.41
N ASN A 57 7.64 -10.90 -14.48
CA ASN A 57 7.83 -9.49 -14.81
C ASN A 57 7.45 -8.58 -13.65
N THR A 58 8.35 -7.66 -13.34
CA THR A 58 8.15 -6.73 -12.24
C THR A 58 8.02 -5.30 -12.75
N VAL A 59 6.94 -4.64 -12.35
CA VAL A 59 6.69 -3.26 -12.75
C VAL A 59 7.11 -2.32 -11.63
N LEU A 60 7.71 -1.19 -11.99
CA LEU A 60 8.17 -0.21 -11.00
C LEU A 60 7.46 1.12 -11.19
N LEU A 61 6.66 1.50 -10.20
CA LEU A 61 6.03 2.82 -10.20
C LEU A 61 6.76 3.73 -9.25
N LYS A 62 6.50 5.01 -9.31
CA LYS A 62 7.10 5.94 -8.38
C LYS A 62 6.23 7.16 -8.15
N GLY A 63 5.92 7.42 -6.89
CA GLY A 63 5.27 8.64 -6.50
C GLY A 63 6.28 9.73 -6.23
N LEU A 64 5.84 10.89 -5.76
CA LEU A 64 6.73 12.02 -5.54
C LEU A 64 6.06 13.14 -4.76
N LYS A 65 5.52 12.79 -3.61
CA LYS A 65 5.01 13.77 -2.66
C LYS A 65 6.00 13.88 -1.50
N ASN A 66 6.76 12.80 -1.33
CA ASN A 66 7.84 12.72 -0.36
C ASN A 66 7.34 12.90 1.07
N ILE A 67 6.96 11.81 1.70
CA ILE A 67 6.52 11.86 3.08
C ILE A 67 7.54 11.17 3.98
N VAL A 68 8.54 11.93 4.41
CA VAL A 68 9.56 11.40 5.29
C VAL A 68 9.17 11.65 6.74
N SER A 69 8.17 10.92 7.19
CA SER A 69 7.71 11.00 8.57
C SER A 69 7.71 9.59 9.16
N VAL A 70 8.44 8.70 8.50
CA VAL A 70 8.51 7.30 8.90
C VAL A 70 9.37 7.14 10.13
N LYS A 71 8.76 6.70 11.22
CA LYS A 71 9.49 6.38 12.44
C LYS A 71 10.15 5.03 12.25
N PHE A 72 11.42 4.91 12.63
CA PHE A 72 12.14 3.65 12.46
C PHE A 72 11.79 2.67 13.59
N SER A 73 10.55 2.74 14.04
CA SER A 73 10.04 1.85 15.07
C SER A 73 9.23 0.72 14.44
N LYS A 74 8.44 0.03 15.26
CA LYS A 74 7.61 -1.06 14.76
C LYS A 74 6.45 -1.34 15.71
N ASP A 75 5.25 -0.86 15.34
CA ASP A 75 4.05 -1.11 16.12
C ASP A 75 2.87 -1.45 15.22
N ARG A 76 1.97 -2.28 15.72
CA ARG A 76 0.79 -2.69 14.98
C ARG A 76 -0.43 -1.90 15.43
N HIS A 77 -0.38 -1.36 16.65
CA HIS A 77 -1.55 -0.72 17.25
C HIS A 77 -1.91 0.56 16.52
N LEU A 78 -0.90 1.34 16.15
CA LEU A 78 -1.13 2.56 15.39
C LEU A 78 -1.71 2.22 14.03
N ILE A 79 -1.39 1.04 13.53
CA ILE A 79 -1.97 0.56 12.28
C ILE A 79 -3.44 0.20 12.51
N GLU A 80 -3.69 -0.59 13.54
CA GLU A 80 -5.04 -1.04 13.89
C GLU A 80 -5.97 0.15 14.13
N THR A 81 -5.47 1.13 14.85
CA THR A 81 -6.26 2.32 15.17
C THR A 81 -6.53 3.14 13.90
N THR A 82 -5.55 3.20 13.01
CA THR A 82 -5.71 3.93 11.75
C THR A 82 -6.64 3.16 10.81
N SER A 83 -6.56 1.84 10.85
CA SER A 83 -7.46 0.99 10.09
C SER A 83 -8.90 1.24 10.54
N ASN A 84 -9.10 1.24 11.86
CA ASN A 84 -10.39 1.57 12.45
C ASN A 84 -10.78 3.01 12.11
N LYS A 85 -9.77 3.87 12.05
CA LYS A 85 -9.97 5.28 11.72
C LYS A 85 -10.43 5.43 10.28
N LEU A 86 -9.99 4.51 9.42
CA LEU A 86 -10.39 4.52 8.02
C LEU A 86 -11.84 4.04 7.89
N LYS A 87 -12.25 3.17 8.79
CA LYS A 87 -13.62 2.69 8.83
C LYS A 87 -14.55 3.75 9.42
N SER A 88 -14.10 4.36 10.51
CA SER A 88 -14.87 5.37 11.22
C SER A 88 -14.84 6.71 10.48
N ARG A 89 -13.67 7.30 10.37
CA ARG A 89 -13.53 8.65 9.83
C ARG A 89 -13.46 8.63 8.30
N GLU A 90 -12.93 7.53 7.77
CA GLU A 90 -12.74 7.37 6.33
C GLU A 90 -11.86 8.48 5.78
N ILE A 91 -10.63 8.53 6.28
CA ILE A 91 -9.63 9.48 5.82
C ILE A 91 -9.13 9.11 4.41
N THR A 92 -8.38 10.01 3.80
CA THR A 92 -7.86 9.79 2.45
C THR A 92 -6.75 8.74 2.46
N PHE A 93 -6.45 8.18 1.28
CA PHE A 93 -5.44 7.14 1.14
C PHE A 93 -4.08 7.62 1.66
N GLN A 94 -3.73 8.85 1.34
CA GLN A 94 -2.45 9.42 1.74
C GLN A 94 -2.41 9.68 3.25
N GLU A 95 -3.57 9.87 3.86
CA GLU A 95 -3.63 10.08 5.30
C GLU A 95 -3.55 8.74 6.03
N TYR A 96 -4.12 7.71 5.43
CA TYR A 96 -4.01 6.37 5.97
C TYR A 96 -2.55 5.91 5.97
N ARG A 97 -1.88 6.09 4.84
CA ARG A 97 -0.47 5.71 4.72
C ARG A 97 0.41 6.62 5.59
N ARG A 98 -0.09 7.83 5.85
CA ARG A 98 0.62 8.79 6.70
C ARG A 98 0.83 8.20 8.09
N ASN A 99 -0.25 7.69 8.67
CA ASN A 99 -0.21 7.14 10.01
C ASN A 99 0.54 5.82 10.06
N LEU A 100 0.48 5.06 8.98
CA LEU A 100 1.23 3.80 8.90
C LEU A 100 2.72 4.06 8.89
N ALA A 101 3.14 5.11 8.19
CA ALA A 101 4.54 5.53 8.19
C ALA A 101 4.97 5.90 9.59
N LYS A 102 4.06 6.50 10.33
CA LYS A 102 4.30 6.91 11.70
C LYS A 102 4.45 5.69 12.62
N ALA A 103 3.89 4.56 12.19
CA ALA A 103 3.95 3.32 12.96
C ALA A 103 5.20 2.51 12.61
N GLY A 104 5.92 2.94 11.58
CA GLY A 104 7.12 2.27 11.19
C GLY A 104 6.93 1.37 9.98
N VAL A 105 5.77 1.46 9.36
CA VAL A 105 5.46 0.65 8.18
C VAL A 105 6.14 1.25 6.96
N PHE A 106 7.24 0.62 6.55
CA PHE A 106 7.97 1.07 5.38
C PHE A 106 7.73 0.12 4.21
N ARG A 107 7.43 -1.13 4.54
CA ARG A 107 7.20 -2.14 3.53
C ARG A 107 5.70 -2.40 3.39
N TRP A 108 5.08 -1.68 2.47
CA TRP A 108 3.66 -1.86 2.20
C TRP A 108 3.48 -2.96 1.15
N VAL A 109 3.22 -4.17 1.62
CA VAL A 109 3.10 -5.30 0.71
C VAL A 109 1.67 -5.78 0.63
N THR A 110 0.99 -5.45 -0.45
CA THR A 110 -0.37 -5.91 -0.65
C THR A 110 -0.39 -7.15 -1.52
N ASN A 111 -0.78 -8.27 -0.93
CA ASN A 111 -0.84 -9.53 -1.65
C ASN A 111 -2.27 -9.79 -2.11
N ILE A 112 -2.50 -9.68 -3.40
CA ILE A 112 -3.80 -9.97 -3.96
C ILE A 112 -4.02 -11.48 -3.97
N HIS A 113 -2.92 -12.22 -4.13
CA HIS A 113 -2.96 -13.67 -4.12
C HIS A 113 -3.41 -14.18 -2.74
N GLU A 114 -2.90 -13.54 -1.69
CA GLU A 114 -3.26 -13.90 -0.33
C GLU A 114 -4.53 -13.19 0.13
N GLN A 115 -4.96 -12.21 -0.67
CA GLN A 115 -6.14 -11.40 -0.36
C GLN A 115 -5.93 -10.60 0.93
N LYS A 116 -4.70 -10.19 1.19
CA LYS A 116 -4.37 -9.54 2.46
C LYS A 116 -3.34 -8.42 2.29
N ARG A 117 -3.43 -7.42 3.15
CA ARG A 117 -2.45 -6.35 3.22
C ARG A 117 -1.41 -6.66 4.30
N TYR A 118 -0.17 -6.88 3.89
CA TYR A 118 0.90 -7.18 4.83
C TYR A 118 1.74 -5.94 5.08
N TYR A 119 1.79 -5.53 6.34
CA TYR A 119 2.56 -4.35 6.71
C TYR A 119 3.82 -4.73 7.46
N TYR A 120 4.96 -4.55 6.80
CA TYR A 120 6.25 -4.84 7.38
C TYR A 120 6.96 -3.54 7.75
N THR A 121 7.68 -3.55 8.84
CA THR A 121 8.51 -2.41 9.21
C THR A 121 9.77 -2.41 8.36
N PHE A 122 10.58 -1.37 8.47
CA PHE A 122 11.85 -1.28 7.74
C PHE A 122 12.76 -2.43 8.16
N ASP A 123 12.46 -2.99 9.33
CA ASP A 123 13.21 -4.10 9.88
C ASP A 123 12.82 -5.43 9.23
N ASN A 124 11.92 -5.38 8.23
CA ASN A 124 11.48 -6.57 7.48
C ASN A 124 10.48 -7.41 8.28
N SER A 125 10.33 -7.08 9.55
CA SER A 125 9.44 -7.82 10.43
C SER A 125 7.98 -7.46 10.17
N LEU A 126 7.13 -8.47 10.12
CA LEU A 126 5.71 -8.28 9.87
C LEU A 126 5.02 -7.74 11.12
N LEU A 127 4.29 -6.63 10.97
CA LEU A 127 3.64 -5.99 12.09
C LEU A 127 2.16 -6.34 12.12
N PHE A 128 1.46 -5.99 11.05
CA PHE A 128 0.02 -6.17 11.01
C PHE A 128 -0.41 -6.70 9.64
N THR A 129 -1.56 -7.33 9.60
CA THR A 129 -2.10 -7.86 8.35
C THR A 129 -3.61 -7.73 8.31
N GLU A 130 -4.11 -6.82 7.49
CA GLU A 130 -5.55 -6.67 7.31
C GLU A 130 -5.97 -7.26 5.97
N SER A 131 -6.95 -8.11 5.98
CA SER A 131 -7.38 -8.80 4.77
C SER A 131 -8.38 -7.97 3.99
N ILE A 132 -8.26 -8.01 2.66
CA ILE A 132 -9.22 -7.35 1.80
C ILE A 132 -10.40 -8.28 1.56
N GLN A 133 -10.31 -9.46 2.17
CA GLN A 133 -11.39 -10.42 2.18
C GLN A 133 -12.00 -10.50 3.57
N ASP A 7 3.46 2.22 -21.52
CA ASP A 7 3.95 1.30 -20.51
C ASP A 7 2.87 1.05 -19.47
N GLN A 8 2.94 -0.10 -18.82
CA GLN A 8 1.96 -0.50 -17.82
C GLN A 8 2.07 0.37 -16.57
N VAL A 9 3.22 1.03 -16.41
CA VAL A 9 3.43 1.99 -15.33
C VAL A 9 2.35 3.07 -15.34
N VAL A 10 1.98 3.50 -16.53
CA VAL A 10 0.95 4.52 -16.69
C VAL A 10 -0.37 4.05 -16.09
N ILE A 11 -0.73 2.81 -16.40
CA ILE A 11 -1.98 2.23 -15.94
C ILE A 11 -2.02 2.15 -14.42
N PHE A 12 -0.99 1.52 -13.84
CA PHE A 12 -0.95 1.32 -12.39
C PHE A 12 -0.93 2.64 -11.63
N LYS A 13 -0.05 3.55 -12.02
CA LYS A 13 0.05 4.83 -11.32
C LYS A 13 -1.25 5.61 -11.44
N GLN A 14 -1.94 5.44 -12.57
CA GLN A 14 -3.20 6.11 -12.82
C GLN A 14 -4.29 5.57 -11.91
N ILE A 15 -4.21 4.28 -11.61
CA ILE A 15 -5.13 3.63 -10.67
C ILE A 15 -4.97 4.23 -9.27
N PHE A 16 -3.73 4.22 -8.78
CA PHE A 16 -3.42 4.75 -7.46
C PHE A 16 -3.66 6.26 -7.41
N ASP A 17 -3.44 6.93 -8.53
CA ASP A 17 -3.65 8.38 -8.63
C ASP A 17 -5.10 8.73 -8.33
N LYS A 18 -6.01 8.00 -8.96
CA LYS A 18 -7.44 8.24 -8.78
C LYS A 18 -7.90 7.88 -7.38
N VAL A 19 -7.60 6.66 -6.95
CA VAL A 19 -8.06 6.16 -5.65
C VAL A 19 -7.43 6.96 -4.50
N ARG A 20 -6.34 7.64 -4.80
CA ARG A 20 -5.66 8.50 -3.82
C ARG A 20 -6.63 9.53 -3.24
N ASN A 21 -7.36 10.22 -4.10
CA ASN A 21 -8.25 11.28 -3.67
C ASN A 21 -9.71 10.81 -3.66
N ASP A 22 -10.08 10.01 -4.65
CA ASP A 22 -11.47 9.61 -4.84
C ASP A 22 -11.86 8.48 -3.87
N LEU A 23 -10.86 7.67 -3.50
CA LEU A 23 -11.06 6.56 -2.56
C LEU A 23 -12.07 5.54 -3.09
N ASN A 24 -12.11 5.38 -4.40
CA ASN A 24 -12.97 4.38 -5.01
C ASN A 24 -12.33 2.99 -4.89
N TYR A 25 -12.32 2.48 -3.65
CA TYR A 25 -11.72 1.20 -3.35
C TYR A 25 -12.39 0.07 -4.14
N GLN A 26 -13.63 0.29 -4.56
CA GLN A 26 -14.38 -0.70 -5.32
C GLN A 26 -13.65 -1.01 -6.63
N TRP A 27 -13.15 0.05 -7.26
CA TRP A 27 -12.41 -0.08 -8.51
C TRP A 27 -10.96 -0.43 -8.24
N PHE A 28 -10.45 0.04 -7.12
CA PHE A 28 -9.09 -0.26 -6.70
C PHE A 28 -8.90 -1.76 -6.51
N TYR A 29 -9.82 -2.38 -5.77
CA TYR A 29 -9.74 -3.81 -5.48
C TYR A 29 -9.92 -4.66 -6.73
N SER A 30 -10.74 -4.19 -7.66
CA SER A 30 -11.01 -4.96 -8.87
C SER A 30 -9.81 -4.91 -9.81
N GLU A 31 -9.20 -3.74 -9.96
CA GLU A 31 -8.04 -3.58 -10.83
C GLU A 31 -6.84 -4.37 -10.31
N LEU A 32 -6.73 -4.45 -8.98
CA LEU A 32 -5.68 -5.24 -8.37
C LEU A 32 -5.80 -6.71 -8.78
N LYS A 33 -6.98 -7.27 -8.59
CA LYS A 33 -7.23 -8.68 -8.91
C LYS A 33 -7.16 -8.93 -10.43
N ARG A 34 -7.21 -7.86 -11.19
CA ARG A 34 -7.22 -7.95 -12.65
C ARG A 34 -5.83 -7.76 -13.26
N HIS A 35 -4.88 -7.26 -12.47
CA HIS A 35 -3.53 -7.05 -12.98
C HIS A 35 -2.49 -7.65 -12.04
N ASN A 36 -2.47 -7.15 -10.81
CA ASN A 36 -1.52 -7.62 -9.82
C ASN A 36 -2.01 -8.92 -9.21
N VAL A 37 -1.61 -10.02 -9.83
CA VAL A 37 -2.03 -11.34 -9.40
C VAL A 37 -1.25 -11.80 -8.16
N SER A 38 0.00 -11.36 -8.05
CA SER A 38 0.85 -11.83 -6.97
C SER A 38 0.87 -10.84 -5.80
N HIS A 39 1.66 -9.77 -5.92
CA HIS A 39 1.87 -8.86 -4.80
C HIS A 39 2.55 -7.57 -5.24
N TYR A 40 2.22 -6.46 -4.58
CA TYR A 40 2.93 -5.22 -4.79
C TYR A 40 3.52 -4.74 -3.46
N ILE A 41 4.79 -4.39 -3.46
CA ILE A 41 5.49 -3.97 -2.26
C ILE A 41 5.73 -2.47 -2.29
N TYR A 42 5.01 -1.75 -1.46
CA TYR A 42 5.15 -0.31 -1.41
C TYR A 42 6.23 0.08 -0.41
N TYR A 43 7.34 0.59 -0.91
CA TYR A 43 8.40 1.09 -0.04
C TYR A 43 8.11 2.55 0.30
N LEU A 44 7.49 2.74 1.46
CA LEU A 44 6.96 4.06 1.84
C LEU A 44 8.01 5.16 1.78
N ALA A 45 9.17 4.92 2.39
CA ALA A 45 10.20 5.96 2.51
C ALA A 45 10.84 6.31 1.17
N THR A 46 10.53 5.53 0.14
CA THR A 46 11.03 5.80 -1.19
C THR A 46 9.88 6.13 -2.13
N GLU A 47 8.66 5.91 -1.63
CA GLU A 47 7.43 6.04 -2.41
C GLU A 47 7.51 5.22 -3.71
N ASN A 48 8.24 4.12 -3.65
CA ASN A 48 8.36 3.21 -4.78
C ASN A 48 7.42 2.02 -4.62
N VAL A 49 6.62 1.78 -5.64
CA VAL A 49 5.68 0.67 -5.61
C VAL A 49 6.24 -0.50 -6.42
N HIS A 50 6.67 -1.54 -5.73
CA HIS A 50 7.29 -2.71 -6.35
C HIS A 50 6.22 -3.77 -6.67
N ILE A 51 5.59 -3.63 -7.83
CA ILE A 51 4.49 -4.50 -8.22
C ILE A 51 4.98 -5.67 -9.05
N VAL A 52 4.90 -6.86 -8.51
CA VAL A 52 5.28 -8.06 -9.25
C VAL A 52 4.02 -8.80 -9.69
N LEU A 53 3.83 -8.92 -11.00
CA LEU A 53 2.66 -9.60 -11.54
C LEU A 53 2.84 -11.11 -11.46
N LYS A 54 2.01 -11.84 -12.19
CA LYS A 54 2.09 -13.30 -12.19
C LYS A 54 3.40 -13.79 -12.82
N ASN A 55 3.53 -13.63 -14.15
CA ASN A 55 4.77 -13.99 -14.83
C ASN A 55 5.03 -13.02 -15.97
N ASP A 56 4.34 -11.89 -15.94
CA ASP A 56 4.46 -10.89 -17.00
C ASP A 56 5.71 -10.04 -16.81
N ASN A 57 5.67 -9.17 -15.81
CA ASN A 57 6.80 -8.30 -15.51
C ASN A 57 6.61 -7.64 -14.16
N THR A 58 7.49 -6.70 -13.84
CA THR A 58 7.40 -5.95 -12.61
C THR A 58 7.20 -4.48 -12.91
N VAL A 59 6.30 -3.84 -12.17
CA VAL A 59 6.02 -2.43 -12.35
C VAL A 59 6.48 -1.66 -11.11
N LEU A 60 7.35 -0.69 -11.32
CA LEU A 60 7.86 0.10 -10.20
C LEU A 60 7.42 1.56 -10.34
N LEU A 61 6.38 1.93 -9.63
CA LEU A 61 5.88 3.29 -9.66
C LEU A 61 6.69 4.17 -8.72
N LYS A 62 7.10 5.33 -9.19
CA LYS A 62 7.84 6.27 -8.37
C LYS A 62 6.94 7.42 -7.93
N GLY A 63 6.72 7.53 -6.63
CA GLY A 63 5.91 8.60 -6.09
C GLY A 63 6.70 9.88 -5.90
N LEU A 64 6.27 10.69 -4.95
CA LEU A 64 6.88 12.01 -4.73
C LEU A 64 8.27 11.88 -4.13
N LYS A 65 8.49 10.76 -3.43
CA LYS A 65 9.77 10.47 -2.77
C LYS A 65 10.03 11.47 -1.66
N ASN A 66 8.95 12.06 -1.16
CA ASN A 66 9.04 13.09 -0.12
C ASN A 66 8.79 12.45 1.23
N ILE A 67 7.86 11.52 1.29
CA ILE A 67 7.51 10.87 2.53
C ILE A 67 8.57 9.82 2.87
N VAL A 68 9.65 10.30 3.47
CA VAL A 68 10.73 9.46 3.94
C VAL A 68 10.69 9.44 5.46
N SER A 69 9.54 9.80 5.97
CA SER A 69 9.34 10.00 7.38
C SER A 69 9.01 8.68 8.09
N VAL A 70 9.45 7.57 7.53
CA VAL A 70 9.33 6.28 8.19
C VAL A 70 10.25 6.26 9.40
N LYS A 71 9.65 6.21 10.58
CA LYS A 71 10.39 6.33 11.82
C LYS A 71 10.74 4.95 12.37
N PHE A 72 11.75 4.89 13.23
CA PHE A 72 12.13 3.63 13.85
C PHE A 72 11.13 3.25 14.95
N SER A 73 9.99 2.76 14.50
CA SER A 73 8.91 2.39 15.40
C SER A 73 8.35 1.03 15.02
N LYS A 74 7.49 0.48 15.86
CA LYS A 74 6.87 -0.80 15.60
C LYS A 74 5.56 -0.94 16.39
N ASP A 75 4.48 -0.45 15.80
CA ASP A 75 3.16 -0.58 16.40
C ASP A 75 2.14 -1.02 15.36
N ARG A 76 1.28 -1.95 15.75
CA ARG A 76 0.28 -2.48 14.85
C ARG A 76 -1.08 -1.85 15.11
N HIS A 77 -1.24 -1.22 16.27
CA HIS A 77 -2.52 -0.64 16.64
C HIS A 77 -2.79 0.63 15.84
N LEU A 78 -1.74 1.40 15.57
CA LEU A 78 -1.86 2.57 14.73
C LEU A 78 -2.35 2.18 13.34
N ILE A 79 -1.79 1.10 12.81
CA ILE A 79 -2.20 0.57 11.51
C ILE A 79 -3.66 0.16 11.55
N GLU A 80 -4.03 -0.59 12.59
CA GLU A 80 -5.41 -1.01 12.81
C GLU A 80 -6.34 0.20 12.86
N THR A 81 -5.93 1.23 13.60
CA THR A 81 -6.72 2.45 13.73
C THR A 81 -6.82 3.19 12.40
N THR A 82 -5.73 3.19 11.63
CA THR A 82 -5.70 3.86 10.35
C THR A 82 -6.56 3.13 9.32
N SER A 83 -6.55 1.80 9.39
CA SER A 83 -7.40 0.98 8.54
C SER A 83 -8.87 1.34 8.80
N ASN A 84 -9.23 1.41 10.07
CA ASN A 84 -10.57 1.80 10.50
C ASN A 84 -10.89 3.22 10.06
N LYS A 85 -9.88 4.09 10.13
CA LYS A 85 -10.05 5.50 9.81
C LYS A 85 -10.45 5.71 8.35
N LEU A 86 -9.78 5.03 7.42
CA LEU A 86 -10.14 5.13 6.00
C LEU A 86 -11.50 4.50 5.77
N LYS A 87 -11.70 3.37 6.43
CA LYS A 87 -12.92 2.59 6.32
C LYS A 87 -14.15 3.40 6.73
N SER A 88 -14.07 4.07 7.88
CA SER A 88 -15.22 4.76 8.42
C SER A 88 -15.28 6.24 8.00
N ARG A 89 -14.13 6.90 7.95
CA ARG A 89 -14.11 8.36 7.76
C ARG A 89 -14.03 8.74 6.28
N GLU A 90 -13.43 7.88 5.47
CA GLU A 90 -13.23 8.17 4.05
C GLU A 90 -12.40 9.44 3.86
N ILE A 91 -11.27 9.50 4.56
CA ILE A 91 -10.40 10.67 4.48
C ILE A 91 -9.65 10.75 3.14
N THR A 92 -8.42 10.24 3.11
CA THR A 92 -7.60 10.26 1.91
C THR A 92 -6.55 9.15 1.96
N PHE A 93 -6.28 8.53 0.81
CA PHE A 93 -5.41 7.36 0.75
C PHE A 93 -3.98 7.70 1.18
N GLN A 94 -3.53 8.91 0.85
CA GLN A 94 -2.16 9.32 1.19
C GLN A 94 -2.02 9.50 2.70
N GLU A 95 -3.13 9.84 3.36
CA GLU A 95 -3.14 10.00 4.81
C GLU A 95 -2.94 8.63 5.46
N TYR A 96 -3.59 7.62 4.90
CA TYR A 96 -3.42 6.24 5.33
C TYR A 96 -1.95 5.84 5.25
N ARG A 97 -1.33 6.16 4.12
CA ARG A 97 0.07 5.82 3.88
C ARG A 97 0.99 6.47 4.91
N ARG A 98 0.68 7.72 5.27
CA ARG A 98 1.51 8.48 6.21
C ARG A 98 1.50 7.86 7.60
N ASN A 99 0.33 7.39 8.01
CA ASN A 99 0.18 6.81 9.34
C ASN A 99 0.93 5.49 9.45
N LEU A 100 1.02 4.77 8.35
CA LEU A 100 1.79 3.53 8.32
C LEU A 100 3.28 3.83 8.46
N ALA A 101 3.73 4.89 7.79
CA ALA A 101 5.13 5.32 7.90
C ALA A 101 5.44 5.75 9.34
N LYS A 102 4.44 6.37 9.97
CA LYS A 102 4.53 6.77 11.36
C LYS A 102 4.66 5.56 12.28
N ALA A 103 4.03 4.46 11.88
CA ALA A 103 4.06 3.23 12.65
C ALA A 103 5.36 2.47 12.45
N GLY A 104 6.11 2.85 11.42
CA GLY A 104 7.38 2.22 11.15
C GLY A 104 7.31 1.24 9.99
N VAL A 105 6.21 1.27 9.26
CA VAL A 105 6.00 0.37 8.14
C VAL A 105 6.82 0.83 6.94
N PHE A 106 7.69 -0.04 6.45
CA PHE A 106 8.49 0.25 5.27
C PHE A 106 8.22 -0.79 4.20
N ARG A 107 7.80 -1.98 4.61
CA ARG A 107 7.44 -3.03 3.67
C ARG A 107 5.93 -3.17 3.60
N TRP A 108 5.32 -2.43 2.68
CA TRP A 108 3.89 -2.56 2.43
C TRP A 108 3.68 -3.64 1.37
N VAL A 109 3.68 -4.89 1.81
CA VAL A 109 3.56 -6.00 0.89
C VAL A 109 2.12 -6.47 0.79
N THR A 110 1.42 -6.00 -0.23
CA THR A 110 0.05 -6.41 -0.46
C THR A 110 0.03 -7.64 -1.35
N ASN A 111 -0.20 -8.80 -0.74
CA ASN A 111 -0.28 -10.05 -1.47
C ASN A 111 -1.70 -10.31 -1.92
N ILE A 112 -1.90 -10.29 -3.23
CA ILE A 112 -3.21 -10.47 -3.82
C ILE A 112 -3.63 -11.93 -3.80
N HIS A 113 -2.71 -12.80 -4.21
CA HIS A 113 -2.99 -14.24 -4.21
C HIS A 113 -3.21 -14.74 -2.79
N GLU A 114 -2.52 -14.13 -1.84
CA GLU A 114 -2.61 -14.50 -0.43
C GLU A 114 -3.77 -13.79 0.25
N GLN A 115 -4.32 -12.79 -0.44
CA GLN A 115 -5.48 -12.04 0.05
C GLN A 115 -5.18 -11.30 1.35
N LYS A 116 -3.93 -10.89 1.53
CA LYS A 116 -3.53 -10.21 2.76
C LYS A 116 -2.49 -9.13 2.50
N ARG A 117 -2.62 -8.03 3.23
CA ARG A 117 -1.64 -6.96 3.18
C ARG A 117 -0.69 -7.10 4.38
N TYR A 118 0.54 -7.49 4.12
CA TYR A 118 1.50 -7.70 5.18
C TYR A 118 2.35 -6.44 5.38
N TYR A 119 2.22 -5.81 6.53
CA TYR A 119 2.95 -4.58 6.82
C TYR A 119 4.16 -4.88 7.69
N TYR A 120 5.33 -4.85 7.08
CA TYR A 120 6.58 -5.07 7.80
C TYR A 120 7.29 -3.75 8.04
N THR A 121 8.00 -3.67 9.15
CA THR A 121 8.86 -2.53 9.41
C THR A 121 10.14 -2.66 8.57
N PHE A 122 11.05 -1.70 8.67
CA PHE A 122 12.29 -1.75 7.90
C PHE A 122 13.18 -2.90 8.38
N ASP A 123 12.86 -3.40 9.57
CA ASP A 123 13.55 -4.56 10.14
C ASP A 123 12.97 -5.86 9.58
N ASN A 124 11.96 -5.72 8.72
CA ASN A 124 11.29 -6.85 8.08
C ASN A 124 10.46 -7.66 9.08
N SER A 125 10.22 -7.08 10.23
CA SER A 125 9.35 -7.70 11.22
C SER A 125 7.88 -7.40 10.91
N LEU A 126 7.05 -8.43 10.94
CA LEU A 126 5.63 -8.27 10.64
C LEU A 126 4.92 -7.57 11.78
N LEU A 127 4.56 -6.32 11.56
CA LEU A 127 3.88 -5.53 12.57
C LEU A 127 2.40 -5.86 12.59
N PHE A 128 1.78 -5.80 11.41
CA PHE A 128 0.36 -6.04 11.29
C PHE A 128 0.04 -6.53 9.88
N THR A 129 -1.04 -7.28 9.73
CA THR A 129 -1.49 -7.69 8.42
C THR A 129 -3.00 -7.48 8.30
N GLU A 130 -3.39 -6.69 7.31
CA GLU A 130 -4.79 -6.40 7.07
C GLU A 130 -5.24 -7.09 5.80
N SER A 131 -6.17 -8.02 5.92
CA SER A 131 -6.61 -8.84 4.80
C SER A 131 -7.38 -8.01 3.78
N ILE A 132 -7.24 -8.39 2.52
CA ILE A 132 -8.07 -7.83 1.46
C ILE A 132 -9.19 -8.81 1.16
N GLN A 133 -10.42 -8.34 1.29
CA GLN A 133 -11.61 -9.22 1.28
C GLN A 133 -11.56 -10.33 0.25
N ASP A 7 3.05 4.36 -20.80
CA ASP A 7 3.91 3.26 -20.38
C ASP A 7 3.25 2.48 -19.25
N GLN A 8 3.70 1.26 -19.01
CA GLN A 8 3.13 0.41 -17.99
C GLN A 8 3.13 1.09 -16.63
N VAL A 9 4.18 1.86 -16.36
CA VAL A 9 4.29 2.62 -15.12
C VAL A 9 3.18 3.65 -15.00
N VAL A 10 2.84 4.27 -16.13
CA VAL A 10 1.82 5.30 -16.17
C VAL A 10 0.44 4.70 -15.81
N ILE A 11 0.17 3.51 -16.32
CA ILE A 11 -1.10 2.85 -16.04
C ILE A 11 -1.21 2.49 -14.57
N PHE A 12 -0.20 1.81 -14.04
CA PHE A 12 -0.23 1.34 -12.67
C PHE A 12 -0.28 2.50 -11.66
N LYS A 13 0.49 3.55 -11.91
CA LYS A 13 0.46 4.69 -11.00
C LYS A 13 -0.86 5.44 -11.11
N GLN A 14 -1.45 5.41 -12.31
CA GLN A 14 -2.75 6.04 -12.52
C GLN A 14 -3.82 5.31 -11.71
N ILE A 15 -3.63 4.01 -11.54
CA ILE A 15 -4.51 3.21 -10.71
C ILE A 15 -4.47 3.73 -9.26
N PHE A 16 -3.27 3.91 -8.74
CA PHE A 16 -3.08 4.43 -7.39
C PHE A 16 -3.51 5.90 -7.30
N ASP A 17 -3.33 6.63 -8.39
CA ASP A 17 -3.73 8.03 -8.45
C ASP A 17 -5.25 8.12 -8.34
N LYS A 18 -5.95 7.29 -9.10
CA LYS A 18 -7.40 7.25 -9.10
C LYS A 18 -7.95 6.91 -7.71
N VAL A 19 -7.37 5.91 -7.06
CA VAL A 19 -7.89 5.46 -5.78
C VAL A 19 -7.66 6.49 -4.68
N ARG A 20 -6.55 7.24 -4.75
CA ARG A 20 -6.26 8.25 -3.74
C ARG A 20 -7.05 9.53 -4.00
N ASN A 21 -7.52 9.69 -5.23
CA ASN A 21 -8.25 10.88 -5.63
C ASN A 21 -9.76 10.66 -5.49
N ASP A 22 -10.21 9.57 -6.07
CA ASP A 22 -11.64 9.30 -6.18
C ASP A 22 -12.15 8.50 -5.00
N LEU A 23 -11.27 7.66 -4.45
CA LEU A 23 -11.55 6.86 -3.26
C LEU A 23 -12.61 5.78 -3.50
N ASN A 24 -12.99 5.55 -4.75
CA ASN A 24 -13.88 4.42 -5.06
C ASN A 24 -13.07 3.13 -5.10
N TYR A 25 -12.88 2.54 -3.92
CA TYR A 25 -12.04 1.35 -3.77
C TYR A 25 -12.56 0.17 -4.57
N GLN A 26 -13.87 0.18 -4.85
CA GLN A 26 -14.50 -0.88 -5.64
C GLN A 26 -13.80 -1.02 -7.01
N TRP A 27 -13.29 0.09 -7.51
CA TRP A 27 -12.61 0.11 -8.79
C TRP A 27 -11.20 -0.47 -8.64
N PHE A 28 -10.56 -0.14 -7.53
CA PHE A 28 -9.14 -0.38 -7.35
C PHE A 28 -8.86 -1.83 -7.02
N TYR A 29 -9.74 -2.43 -6.23
CA TYR A 29 -9.59 -3.84 -5.89
C TYR A 29 -9.89 -4.71 -7.11
N SER A 30 -10.65 -4.14 -8.05
CA SER A 30 -10.88 -4.80 -9.32
C SER A 30 -9.61 -4.74 -10.17
N GLU A 31 -8.90 -3.62 -10.09
CA GLU A 31 -7.60 -3.48 -10.75
C GLU A 31 -6.62 -4.50 -10.20
N LEU A 32 -6.58 -4.61 -8.88
CA LEU A 32 -5.63 -5.49 -8.20
C LEU A 32 -5.81 -6.94 -8.63
N LYS A 33 -7.04 -7.44 -8.63
CA LYS A 33 -7.28 -8.83 -9.00
C LYS A 33 -7.11 -9.05 -10.50
N ARG A 34 -7.21 -7.98 -11.27
CA ARG A 34 -7.14 -8.07 -12.72
C ARG A 34 -5.72 -7.84 -13.24
N HIS A 35 -4.91 -7.09 -12.51
CA HIS A 35 -3.56 -6.78 -12.96
C HIS A 35 -2.51 -7.36 -12.01
N ASN A 36 -2.68 -7.13 -10.72
CA ASN A 36 -1.75 -7.64 -9.72
C ASN A 36 -2.09 -9.09 -9.41
N VAL A 37 -1.65 -9.99 -10.28
CA VAL A 37 -1.91 -11.40 -10.11
C VAL A 37 -1.10 -11.99 -8.96
N SER A 38 0.11 -11.46 -8.75
CA SER A 38 0.99 -12.00 -7.73
C SER A 38 0.89 -11.17 -6.44
N HIS A 39 1.65 -10.08 -6.37
CA HIS A 39 1.67 -9.23 -5.18
C HIS A 39 2.53 -7.99 -5.42
N TYR A 40 2.10 -6.85 -4.89
CA TYR A 40 2.87 -5.64 -5.04
C TYR A 40 3.41 -5.19 -3.69
N ILE A 41 4.61 -4.65 -3.70
CA ILE A 41 5.23 -4.15 -2.47
C ILE A 41 5.34 -2.64 -2.54
N TYR A 42 4.62 -1.97 -1.66
CA TYR A 42 4.62 -0.52 -1.60
C TYR A 42 5.68 -0.05 -0.59
N TYR A 43 6.47 0.92 -0.98
CA TYR A 43 7.50 1.48 -0.13
C TYR A 43 7.10 2.88 0.30
N LEU A 44 6.58 2.97 1.52
CA LEU A 44 6.00 4.22 2.03
C LEU A 44 7.06 5.29 2.30
N ALA A 45 8.32 4.89 2.21
CA ALA A 45 9.43 5.81 2.47
C ALA A 45 9.75 6.67 1.26
N THR A 46 9.10 6.38 0.14
CA THR A 46 9.27 7.16 -1.09
C THR A 46 7.95 7.31 -1.85
N GLU A 47 6.90 6.66 -1.33
CA GLU A 47 5.62 6.56 -2.04
C GLU A 47 5.78 5.72 -3.31
N ASN A 48 6.86 4.97 -3.37
CA ASN A 48 7.18 4.12 -4.53
C ASN A 48 6.54 2.75 -4.39
N VAL A 49 6.30 2.09 -5.51
CA VAL A 49 5.65 0.79 -5.50
C VAL A 49 6.39 -0.18 -6.41
N HIS A 50 6.48 -1.44 -6.00
CA HIS A 50 7.02 -2.49 -6.86
C HIS A 50 5.96 -3.58 -7.06
N ILE A 51 5.29 -3.53 -8.19
CA ILE A 51 4.21 -4.45 -8.49
C ILE A 51 4.73 -5.66 -9.26
N VAL A 52 4.74 -6.81 -8.60
CA VAL A 52 5.16 -8.02 -9.27
C VAL A 52 3.94 -8.70 -9.90
N LEU A 53 3.91 -8.71 -11.22
CA LEU A 53 2.82 -9.32 -11.96
C LEU A 53 2.87 -10.84 -11.84
N LYS A 54 1.94 -11.51 -12.52
CA LYS A 54 1.84 -12.98 -12.50
C LYS A 54 3.21 -13.65 -12.55
N ASN A 55 3.96 -13.35 -13.61
CA ASN A 55 5.34 -13.79 -13.74
C ASN A 55 5.95 -13.04 -14.91
N ASP A 56 5.53 -11.81 -15.05
CA ASP A 56 5.88 -11.01 -16.22
C ASP A 56 6.94 -9.98 -15.87
N ASN A 57 6.54 -8.96 -15.14
CA ASN A 57 7.41 -7.83 -14.84
C ASN A 57 7.16 -7.32 -13.43
N THR A 58 8.15 -6.66 -12.86
CA THR A 58 8.00 -5.98 -11.60
C THR A 58 7.99 -4.48 -11.82
N VAL A 59 6.79 -3.93 -11.93
CA VAL A 59 6.62 -2.52 -12.25
C VAL A 59 6.99 -1.64 -11.06
N LEU A 60 8.01 -0.83 -11.24
CA LEU A 60 8.44 0.07 -10.18
C LEU A 60 7.90 1.48 -10.41
N LEU A 61 6.96 1.86 -9.57
CA LEU A 61 6.34 3.18 -9.64
C LEU A 61 7.08 4.13 -8.71
N LYS A 62 7.40 5.31 -9.20
CA LYS A 62 7.96 6.34 -8.35
C LYS A 62 6.86 7.31 -7.95
N GLY A 63 6.56 7.35 -6.66
CA GLY A 63 5.42 8.11 -6.17
C GLY A 63 5.70 9.60 -6.12
N LEU A 64 6.46 10.03 -5.13
CA LEU A 64 6.77 11.44 -4.96
C LEU A 64 8.23 11.69 -5.26
N LYS A 65 9.09 11.31 -4.33
CA LYS A 65 10.54 11.49 -4.47
C LYS A 65 11.21 10.92 -3.23
N ASN A 66 10.94 11.52 -2.08
CA ASN A 66 11.42 11.00 -0.82
C ASN A 66 10.26 10.89 0.16
N ILE A 67 9.88 12.03 0.75
CA ILE A 67 8.74 12.11 1.68
C ILE A 67 8.81 11.02 2.76
N VAL A 68 10.02 10.67 3.17
CA VAL A 68 10.23 9.67 4.19
C VAL A 68 9.64 10.10 5.54
N SER A 69 8.48 9.55 5.86
CA SER A 69 7.85 9.78 7.15
C SER A 69 7.90 8.50 7.97
N VAL A 70 8.70 7.55 7.48
CA VAL A 70 8.85 6.26 8.13
C VAL A 70 9.65 6.42 9.42
N LYS A 71 8.95 6.33 10.53
CA LYS A 71 9.57 6.44 11.83
C LYS A 71 10.08 5.08 12.26
N PHE A 72 11.26 5.06 12.87
CA PHE A 72 11.83 3.81 13.39
C PHE A 72 11.01 3.32 14.58
N SER A 73 9.95 2.58 14.27
CA SER A 73 9.08 2.01 15.29
C SER A 73 8.41 0.77 14.75
N LYS A 74 7.77 0.02 15.63
CA LYS A 74 7.04 -1.18 15.23
C LYS A 74 5.68 -1.18 15.90
N ASP A 75 4.98 -0.06 15.78
CA ASP A 75 3.74 0.15 16.52
C ASP A 75 2.56 -0.44 15.77
N ARG A 76 1.91 -1.42 16.37
CA ARG A 76 0.78 -2.09 15.75
C ARG A 76 -0.53 -1.39 16.07
N HIS A 77 -0.53 -0.57 17.11
CA HIS A 77 -1.74 0.10 17.56
C HIS A 77 -1.99 1.36 16.73
N LEU A 78 -0.92 2.02 16.33
CA LEU A 78 -1.03 3.15 15.43
C LEU A 78 -1.55 2.68 14.07
N ILE A 79 -1.13 1.50 13.67
CA ILE A 79 -1.66 0.87 12.46
C ILE A 79 -3.16 0.63 12.59
N GLU A 80 -3.53 0.03 13.72
CA GLU A 80 -4.94 -0.23 14.04
C GLU A 80 -5.75 1.07 13.98
N THR A 81 -5.23 2.10 14.64
CA THR A 81 -5.90 3.40 14.68
C THR A 81 -6.05 3.98 13.28
N THR A 82 -5.00 3.91 12.49
CA THR A 82 -5.02 4.42 11.12
C THR A 82 -6.01 3.63 10.27
N SER A 83 -5.99 2.32 10.41
CA SER A 83 -6.93 1.45 9.70
C SER A 83 -8.36 1.82 10.09
N ASN A 84 -8.60 1.90 11.39
CA ASN A 84 -9.92 2.22 11.92
C ASN A 84 -10.40 3.57 11.41
N LYS A 85 -9.50 4.55 11.45
CA LYS A 85 -9.85 5.90 11.03
C LYS A 85 -10.27 5.93 9.56
N LEU A 86 -9.61 5.13 8.73
CA LEU A 86 -9.95 5.07 7.31
C LEU A 86 -11.27 4.36 7.07
N LYS A 87 -11.39 3.15 7.61
CA LYS A 87 -12.53 2.30 7.33
C LYS A 87 -13.80 2.79 8.04
N SER A 88 -13.63 3.54 9.11
CA SER A 88 -14.76 4.07 9.85
C SER A 88 -15.05 5.52 9.47
N ARG A 89 -14.02 6.36 9.45
CA ARG A 89 -14.22 7.80 9.26
C ARG A 89 -13.94 8.25 7.83
N GLU A 90 -13.66 7.28 6.94
CA GLU A 90 -13.52 7.53 5.50
C GLU A 90 -12.21 8.24 5.16
N ILE A 91 -12.00 9.41 5.77
CA ILE A 91 -10.82 10.26 5.55
C ILE A 91 -10.31 10.22 4.09
N THR A 92 -9.03 9.88 3.91
CA THR A 92 -8.44 9.80 2.59
C THR A 92 -7.36 8.71 2.57
N PHE A 93 -7.29 7.98 1.46
CA PHE A 93 -6.34 6.87 1.32
C PHE A 93 -4.89 7.34 1.49
N GLN A 94 -4.64 8.60 1.15
CA GLN A 94 -3.30 9.17 1.26
C GLN A 94 -2.83 9.19 2.71
N GLU A 95 -3.69 9.66 3.61
CA GLU A 95 -3.35 9.76 5.02
C GLU A 95 -3.12 8.36 5.59
N TYR A 96 -3.93 7.41 5.13
CA TYR A 96 -3.81 6.01 5.57
C TYR A 96 -2.38 5.50 5.36
N ARG A 97 -1.87 5.64 4.13
CA ARG A 97 -0.53 5.17 3.81
C ARG A 97 0.52 5.95 4.59
N ARG A 98 0.27 7.25 4.77
CA ARG A 98 1.23 8.12 5.42
C ARG A 98 1.41 7.76 6.89
N ASN A 99 0.30 7.55 7.59
CA ASN A 99 0.33 7.23 9.02
C ASN A 99 0.91 5.85 9.26
N LEU A 100 0.75 4.96 8.29
CA LEU A 100 1.35 3.63 8.38
C LEU A 100 2.87 3.73 8.43
N ALA A 101 3.43 4.56 7.57
CA ALA A 101 4.87 4.81 7.57
C ALA A 101 5.29 5.44 8.89
N LYS A 102 4.40 6.24 9.44
CA LYS A 102 4.63 6.93 10.70
C LYS A 102 4.66 5.94 11.87
N ALA A 103 4.11 4.76 11.65
CA ALA A 103 4.10 3.71 12.66
C ALA A 103 5.33 2.82 12.54
N GLY A 104 5.99 2.90 11.40
CA GLY A 104 7.18 2.09 11.17
C GLY A 104 7.01 1.13 10.01
N VAL A 105 5.86 1.19 9.35
CA VAL A 105 5.60 0.31 8.22
C VAL A 105 6.37 0.75 6.99
N PHE A 106 7.28 -0.10 6.54
CA PHE A 106 8.10 0.19 5.37
C PHE A 106 7.75 -0.75 4.23
N ARG A 107 7.26 -1.95 4.57
CA ARG A 107 6.95 -2.94 3.56
C ARG A 107 5.44 -3.19 3.50
N TRP A 108 4.80 -2.57 2.52
CA TRP A 108 3.39 -2.81 2.25
C TRP A 108 3.27 -3.91 1.21
N VAL A 109 2.96 -5.12 1.65
CA VAL A 109 2.88 -6.26 0.75
C VAL A 109 1.44 -6.73 0.58
N THR A 110 0.87 -6.47 -0.59
CA THR A 110 -0.47 -6.95 -0.88
C THR A 110 -0.43 -8.15 -1.82
N ASN A 111 -0.70 -9.32 -1.26
CA ASN A 111 -0.71 -10.55 -2.04
C ASN A 111 -2.15 -10.96 -2.33
N ILE A 112 -2.51 -10.95 -3.60
CA ILE A 112 -3.90 -11.19 -4.01
C ILE A 112 -4.25 -12.67 -3.92
N HIS A 113 -3.25 -13.53 -4.00
CA HIS A 113 -3.48 -14.99 -3.94
C HIS A 113 -4.15 -15.37 -2.62
N GLU A 114 -3.87 -14.63 -1.57
CA GLU A 114 -4.48 -14.88 -0.27
C GLU A 114 -5.42 -13.76 0.14
N GLN A 115 -5.45 -12.69 -0.66
CA GLN A 115 -6.25 -11.49 -0.34
C GLN A 115 -5.81 -10.91 1.01
N LYS A 116 -4.50 -10.91 1.25
CA LYS A 116 -3.94 -10.41 2.50
C LYS A 116 -2.99 -9.24 2.24
N ARG A 117 -3.02 -8.27 3.13
CA ARG A 117 -2.05 -7.18 3.11
C ARG A 117 -1.12 -7.28 4.31
N TYR A 118 0.13 -7.63 4.04
CA TYR A 118 1.13 -7.76 5.07
C TYR A 118 1.85 -6.44 5.28
N TYR A 119 1.88 -5.97 6.53
CA TYR A 119 2.57 -4.73 6.84
C TYR A 119 3.82 -5.02 7.66
N TYR A 120 4.97 -4.85 7.03
CA TYR A 120 6.26 -5.12 7.69
C TYR A 120 6.93 -3.82 8.13
N THR A 121 7.61 -3.88 9.26
CA THR A 121 8.38 -2.75 9.77
C THR A 121 9.60 -2.47 8.89
N PHE A 122 10.26 -1.35 9.16
CA PHE A 122 11.43 -0.91 8.39
C PHE A 122 12.54 -1.95 8.41
N ASP A 123 12.70 -2.61 9.55
CA ASP A 123 13.74 -3.62 9.71
C ASP A 123 13.30 -4.98 9.18
N ASN A 124 12.11 -4.99 8.56
CA ASN A 124 11.53 -6.19 7.96
C ASN A 124 11.10 -7.20 9.02
N SER A 125 9.84 -7.09 9.42
CA SER A 125 9.22 -8.00 10.35
C SER A 125 7.71 -7.76 10.33
N LEU A 126 6.92 -8.82 10.47
CA LEU A 126 5.48 -8.71 10.31
C LEU A 126 4.85 -8.02 11.51
N LEU A 127 4.21 -6.89 11.26
CA LEU A 127 3.54 -6.14 12.31
C LEU A 127 2.04 -6.38 12.26
N PHE A 128 1.44 -6.11 11.11
CA PHE A 128 0.01 -6.21 10.97
C PHE A 128 -0.34 -6.92 9.67
N THR A 129 -1.50 -7.55 9.63
CA THR A 129 -1.97 -8.19 8.42
C THR A 129 -3.46 -7.92 8.23
N GLU A 130 -3.76 -7.01 7.32
CA GLU A 130 -5.14 -6.68 7.01
C GLU A 130 -5.61 -7.49 5.81
N SER A 131 -6.49 -8.44 6.06
CA SER A 131 -7.05 -9.23 4.97
C SER A 131 -8.18 -8.44 4.34
N ILE A 132 -8.09 -8.20 3.04
CA ILE A 132 -9.08 -7.42 2.34
C ILE A 132 -10.36 -8.23 2.12
N GLN A 133 -11.11 -8.36 3.21
CA GLN A 133 -12.38 -9.05 3.24
C GLN A 133 -13.06 -8.70 4.56
N ASP A 7 4.03 3.90 -21.21
CA ASP A 7 4.88 3.28 -20.18
C ASP A 7 4.02 2.55 -19.17
N GLN A 8 4.38 1.30 -18.90
CA GLN A 8 3.61 0.45 -17.98
C GLN A 8 3.51 1.10 -16.61
N VAL A 9 4.55 1.85 -16.25
CA VAL A 9 4.59 2.57 -14.98
C VAL A 9 3.43 3.57 -14.88
N VAL A 10 3.16 4.26 -15.97
CA VAL A 10 2.14 5.30 -15.98
C VAL A 10 0.76 4.72 -15.67
N ILE A 11 0.42 3.61 -16.31
CA ILE A 11 -0.89 2.99 -16.14
C ILE A 11 -1.12 2.57 -14.69
N PHE A 12 -0.18 1.84 -14.13
CA PHE A 12 -0.32 1.36 -12.75
C PHE A 12 -0.28 2.51 -11.75
N LYS A 13 0.62 3.47 -11.99
CA LYS A 13 0.73 4.62 -11.12
C LYS A 13 -0.57 5.43 -11.15
N GLN A 14 -1.17 5.52 -12.33
CA GLN A 14 -2.41 6.25 -12.52
C GLN A 14 -3.52 5.68 -11.65
N ILE A 15 -3.50 4.36 -11.49
CA ILE A 15 -4.45 3.67 -10.63
C ILE A 15 -4.32 4.18 -9.19
N PHE A 16 -3.07 4.28 -8.72
CA PHE A 16 -2.79 4.75 -7.38
C PHE A 16 -3.07 6.25 -7.25
N ASP A 17 -2.76 7.01 -8.31
CA ASP A 17 -3.02 8.45 -8.32
C ASP A 17 -4.51 8.73 -8.20
N LYS A 18 -5.31 7.91 -8.86
CA LYS A 18 -6.76 8.05 -8.80
C LYS A 18 -7.28 7.69 -7.40
N VAL A 19 -6.90 6.52 -6.92
CA VAL A 19 -7.48 5.98 -5.69
C VAL A 19 -7.07 6.78 -4.44
N ARG A 20 -5.95 7.50 -4.53
CA ARG A 20 -5.45 8.22 -3.35
C ARG A 20 -6.32 9.44 -3.01
N ASN A 21 -7.11 9.89 -3.97
CA ASN A 21 -8.02 11.01 -3.73
C ASN A 21 -9.48 10.60 -3.96
N ASP A 22 -9.69 9.89 -5.05
CA ASP A 22 -11.04 9.49 -5.46
C ASP A 22 -11.58 8.41 -4.51
N LEU A 23 -10.69 7.55 -4.04
CA LEU A 23 -11.00 6.54 -3.03
C LEU A 23 -12.03 5.51 -3.51
N ASN A 24 -12.19 5.38 -4.82
CA ASN A 24 -13.08 4.36 -5.35
C ASN A 24 -12.39 3.00 -5.33
N TYR A 25 -12.50 2.31 -4.21
CA TYR A 25 -11.86 1.02 -4.02
C TYR A 25 -12.55 -0.07 -4.84
N GLN A 26 -13.78 0.21 -5.29
CA GLN A 26 -14.51 -0.73 -6.13
C GLN A 26 -13.73 -1.00 -7.41
N TRP A 27 -13.21 0.06 -8.01
CA TRP A 27 -12.41 -0.05 -9.21
C TRP A 27 -10.99 -0.47 -8.87
N PHE A 28 -10.48 0.04 -7.74
CA PHE A 28 -9.12 -0.23 -7.30
C PHE A 28 -8.88 -1.73 -7.12
N TYR A 29 -9.70 -2.38 -6.28
CA TYR A 29 -9.53 -3.79 -6.01
C TYR A 29 -9.93 -4.64 -7.21
N SER A 30 -10.82 -4.11 -8.04
CA SER A 30 -11.23 -4.78 -9.26
C SER A 30 -10.04 -4.94 -10.19
N GLU A 31 -9.30 -3.85 -10.40
CA GLU A 31 -8.14 -3.87 -11.27
C GLU A 31 -7.01 -4.66 -10.65
N LEU A 32 -6.87 -4.57 -9.33
CA LEU A 32 -5.85 -5.35 -8.63
C LEU A 32 -6.07 -6.83 -8.88
N LYS A 33 -7.32 -7.27 -8.77
CA LYS A 33 -7.65 -8.68 -8.92
C LYS A 33 -7.53 -9.12 -10.39
N ARG A 34 -7.59 -8.16 -11.32
CA ARG A 34 -7.53 -8.47 -12.73
C ARG A 34 -6.14 -8.22 -13.33
N HIS A 35 -5.22 -7.68 -12.53
CA HIS A 35 -3.87 -7.43 -13.01
C HIS A 35 -2.83 -7.96 -12.04
N ASN A 36 -2.91 -7.50 -10.79
CA ASN A 36 -1.98 -7.90 -9.74
C ASN A 36 -2.43 -9.23 -9.14
N VAL A 37 -2.12 -10.31 -9.83
CA VAL A 37 -2.54 -11.63 -9.40
C VAL A 37 -1.71 -12.11 -8.21
N SER A 38 -0.50 -11.59 -8.10
CA SER A 38 0.38 -11.98 -7.01
C SER A 38 0.31 -11.00 -5.84
N HIS A 39 1.05 -9.89 -5.95
CA HIS A 39 1.16 -8.92 -4.85
C HIS A 39 2.06 -7.76 -5.25
N TYR A 40 1.86 -6.61 -4.62
CA TYR A 40 2.71 -5.46 -4.89
C TYR A 40 3.35 -4.97 -3.60
N ILE A 41 4.58 -4.50 -3.69
CA ILE A 41 5.30 -4.00 -2.52
C ILE A 41 5.50 -2.49 -2.64
N TYR A 42 4.91 -1.78 -1.70
CA TYR A 42 5.00 -0.32 -1.66
C TYR A 42 6.05 0.10 -0.62
N TYR A 43 7.13 0.70 -1.08
CA TYR A 43 8.15 1.20 -0.17
C TYR A 43 7.90 2.67 0.14
N LEU A 44 7.46 2.94 1.36
CA LEU A 44 7.21 4.31 1.78
C LEU A 44 8.53 5.04 2.01
N ALA A 45 8.49 6.38 2.01
CA ALA A 45 9.70 7.21 2.16
C ALA A 45 10.64 7.00 0.98
N THR A 46 10.13 6.35 -0.05
CA THR A 46 10.91 6.05 -1.25
C THR A 46 10.01 6.12 -2.47
N GLU A 47 8.74 5.72 -2.28
CA GLU A 47 7.70 5.83 -3.31
C GLU A 47 7.91 4.81 -4.42
N ASN A 48 8.68 3.78 -4.13
CA ASN A 48 8.92 2.69 -5.07
C ASN A 48 7.88 1.60 -4.86
N VAL A 49 7.02 1.42 -5.85
CA VAL A 49 5.97 0.41 -5.77
C VAL A 49 6.26 -0.71 -6.77
N HIS A 50 6.53 -1.90 -6.25
CA HIS A 50 6.86 -3.04 -7.11
C HIS A 50 5.68 -4.00 -7.21
N ILE A 51 4.97 -3.94 -8.32
CA ILE A 51 3.81 -4.80 -8.56
C ILE A 51 4.25 -6.07 -9.28
N VAL A 52 4.08 -7.20 -8.62
CA VAL A 52 4.40 -8.47 -9.26
C VAL A 52 3.12 -9.05 -9.86
N LEU A 53 3.08 -9.11 -11.18
CA LEU A 53 1.90 -9.59 -11.89
C LEU A 53 1.74 -11.10 -11.74
N LYS A 54 0.90 -11.68 -12.59
CA LYS A 54 0.62 -13.11 -12.59
C LYS A 54 1.93 -13.91 -12.74
N ASN A 55 2.41 -14.00 -13.97
CA ASN A 55 3.66 -14.66 -14.29
C ASN A 55 4.35 -13.84 -15.36
N ASP A 56 3.87 -12.62 -15.51
CA ASP A 56 4.24 -11.76 -16.62
C ASP A 56 5.53 -11.00 -16.32
N ASN A 57 5.44 -9.96 -15.51
CA ASN A 57 6.63 -9.18 -15.16
C ASN A 57 6.39 -8.39 -13.87
N THR A 58 7.44 -7.74 -13.39
CA THR A 58 7.32 -6.88 -12.22
C THR A 58 7.28 -5.42 -12.65
N VAL A 59 6.28 -4.69 -12.20
CA VAL A 59 6.13 -3.29 -12.53
C VAL A 59 6.63 -2.43 -11.38
N LEU A 60 7.67 -1.64 -11.64
CA LEU A 60 8.23 -0.77 -10.62
C LEU A 60 7.77 0.68 -10.84
N LEU A 61 6.95 1.16 -9.93
CA LEU A 61 6.45 2.52 -10.00
C LEU A 61 7.27 3.42 -9.09
N LYS A 62 7.39 4.69 -9.46
CA LYS A 62 7.97 5.68 -8.57
C LYS A 62 6.98 6.84 -8.40
N GLY A 63 6.61 7.09 -7.15
CA GLY A 63 5.71 8.20 -6.86
C GLY A 63 6.35 9.53 -7.17
N LEU A 64 7.35 9.90 -6.38
CA LEU A 64 8.12 11.11 -6.62
C LEU A 64 9.60 10.84 -6.42
N LYS A 65 10.00 10.70 -5.15
CA LYS A 65 11.40 10.44 -4.81
C LYS A 65 11.57 10.21 -3.31
N ASN A 66 11.27 11.23 -2.51
CA ASN A 66 11.52 11.18 -1.08
C ASN A 66 10.25 10.94 -0.28
N ILE A 67 9.52 12.00 0.04
CA ILE A 67 8.35 11.94 0.92
C ILE A 67 8.68 11.12 2.17
N VAL A 68 9.58 11.65 2.98
CA VAL A 68 9.99 10.97 4.21
C VAL A 68 8.94 11.19 5.31
N SER A 69 7.90 10.38 5.28
CA SER A 69 6.86 10.44 6.27
C SER A 69 7.00 9.27 7.25
N VAL A 70 7.99 8.42 6.98
CA VAL A 70 8.22 7.23 7.78
C VAL A 70 9.07 7.56 9.00
N LYS A 71 8.60 7.15 10.15
CA LYS A 71 9.33 7.33 11.39
C LYS A 71 9.79 5.96 11.88
N PHE A 72 10.95 5.90 12.53
CA PHE A 72 11.45 4.64 13.03
C PHE A 72 10.62 4.16 14.22
N SER A 73 9.52 3.50 13.92
CA SER A 73 8.62 2.97 14.93
C SER A 73 8.22 1.55 14.57
N LYS A 74 7.69 0.81 15.53
CA LYS A 74 7.22 -0.54 15.30
C LYS A 74 5.89 -0.74 16.01
N ASP A 75 4.93 0.13 15.70
CA ASP A 75 3.67 0.16 16.44
C ASP A 75 2.52 -0.37 15.59
N ARG A 76 2.12 -1.60 15.87
CA ARG A 76 0.97 -2.23 15.23
C ARG A 76 -0.32 -1.51 15.65
N HIS A 77 -0.32 -1.02 16.88
CA HIS A 77 -1.44 -0.28 17.45
C HIS A 77 -1.91 0.85 16.51
N LEU A 78 -0.99 1.72 16.11
CA LEU A 78 -1.33 2.85 15.26
C LEU A 78 -1.83 2.37 13.89
N ILE A 79 -1.24 1.28 13.40
CA ILE A 79 -1.64 0.70 12.13
C ILE A 79 -3.12 0.32 12.15
N GLU A 80 -3.49 -0.49 13.14
CA GLU A 80 -4.86 -0.97 13.27
C GLU A 80 -5.84 0.17 13.50
N THR A 81 -5.49 1.08 14.41
CA THR A 81 -6.33 2.21 14.72
C THR A 81 -6.58 3.07 13.47
N THR A 82 -5.55 3.21 12.64
CA THR A 82 -5.67 3.97 11.41
C THR A 82 -6.52 3.23 10.37
N SER A 83 -6.35 1.91 10.29
CA SER A 83 -7.17 1.10 9.39
C SER A 83 -8.63 1.19 9.77
N ASN A 84 -8.89 1.19 11.08
CA ASN A 84 -10.25 1.30 11.60
C ASN A 84 -10.86 2.65 11.26
N LYS A 85 -10.03 3.69 11.20
CA LYS A 85 -10.50 5.02 10.84
C LYS A 85 -10.99 5.05 9.40
N LEU A 86 -10.20 4.46 8.52
CA LEU A 86 -10.55 4.37 7.10
C LEU A 86 -11.76 3.44 6.92
N LYS A 87 -11.77 2.37 7.69
CA LYS A 87 -12.85 1.39 7.65
C LYS A 87 -14.15 1.98 8.20
N SER A 88 -14.02 3.04 8.97
CA SER A 88 -15.16 3.68 9.60
C SER A 88 -15.72 4.82 8.73
N ARG A 89 -14.88 5.83 8.45
CA ARG A 89 -15.38 7.01 7.77
C ARG A 89 -15.05 7.01 6.27
N GLU A 90 -13.81 7.39 5.94
CA GLU A 90 -13.37 7.52 4.54
C GLU A 90 -12.00 8.18 4.45
N ILE A 91 -11.82 9.28 5.21
CA ILE A 91 -10.59 10.08 5.22
C ILE A 91 -9.96 10.19 3.82
N THR A 92 -8.70 9.78 3.70
CA THR A 92 -8.01 9.76 2.43
C THR A 92 -6.89 8.75 2.46
N PHE A 93 -6.50 8.26 1.29
CA PHE A 93 -5.43 7.28 1.17
C PHE A 93 -4.11 7.88 1.68
N GLN A 94 -3.94 9.16 1.44
CA GLN A 94 -2.73 9.87 1.88
C GLN A 94 -2.68 9.97 3.40
N GLU A 95 -3.84 10.25 4.00
CA GLU A 95 -3.96 10.28 5.46
C GLU A 95 -3.64 8.91 6.03
N TYR A 96 -4.26 7.89 5.43
CA TYR A 96 -4.04 6.51 5.81
C TYR A 96 -2.56 6.15 5.72
N ARG A 97 -1.94 6.53 4.60
CA ARG A 97 -0.54 6.22 4.33
C ARG A 97 0.39 6.92 5.32
N ARG A 98 0.05 8.17 5.63
CA ARG A 98 0.87 8.98 6.53
C ARG A 98 1.00 8.35 7.91
N ASN A 99 -0.13 7.90 8.46
CA ASN A 99 -0.15 7.29 9.79
C ASN A 99 0.61 5.97 9.79
N LEU A 100 0.48 5.22 8.70
CA LEU A 100 1.21 3.97 8.55
C LEU A 100 2.71 4.22 8.62
N ALA A 101 3.16 5.20 7.86
CA ALA A 101 4.56 5.56 7.83
C ALA A 101 5.03 6.02 9.21
N LYS A 102 4.17 6.73 9.92
CA LYS A 102 4.47 7.22 11.26
C LYS A 102 4.54 6.06 12.25
N ALA A 103 3.80 5.00 11.95
CA ALA A 103 3.79 3.80 12.80
C ALA A 103 5.02 2.94 12.54
N GLY A 104 5.75 3.29 11.48
CA GLY A 104 6.96 2.57 11.15
C GLY A 104 6.79 1.67 9.94
N VAL A 105 5.66 1.78 9.27
CA VAL A 105 5.39 0.98 8.09
C VAL A 105 6.17 1.52 6.90
N PHE A 106 7.27 0.86 6.59
CA PHE A 106 8.11 1.22 5.46
C PHE A 106 7.80 0.32 4.27
N ARG A 107 7.30 -0.88 4.57
CA ARG A 107 7.08 -1.88 3.55
C ARG A 107 5.61 -2.29 3.50
N TRP A 108 4.88 -1.70 2.58
CA TRP A 108 3.47 -1.97 2.40
C TRP A 108 3.31 -3.09 1.37
N VAL A 109 3.04 -4.30 1.83
CA VAL A 109 2.93 -5.44 0.93
C VAL A 109 1.50 -5.97 0.90
N THR A 110 0.80 -5.74 -0.20
CA THR A 110 -0.56 -6.22 -0.33
C THR A 110 -0.61 -7.41 -1.29
N ASN A 111 -0.92 -8.58 -0.73
CA ASN A 111 -0.98 -9.80 -1.51
C ASN A 111 -2.41 -10.09 -1.93
N ILE A 112 -2.69 -9.93 -3.22
CA ILE A 112 -4.00 -10.26 -3.76
C ILE A 112 -4.16 -11.77 -3.84
N HIS A 113 -3.05 -12.46 -4.06
CA HIS A 113 -3.05 -13.91 -4.14
C HIS A 113 -3.38 -14.52 -2.77
N GLU A 114 -3.11 -13.77 -1.72
CA GLU A 114 -3.36 -14.24 -0.35
C GLU A 114 -4.57 -13.54 0.27
N GLN A 115 -5.09 -12.53 -0.42
CA GLN A 115 -6.17 -11.68 0.11
C GLN A 115 -5.80 -11.09 1.46
N LYS A 116 -4.55 -10.67 1.60
CA LYS A 116 -4.07 -10.16 2.88
C LYS A 116 -3.12 -8.99 2.69
N ARG A 117 -3.25 -8.00 3.57
CA ARG A 117 -2.39 -6.84 3.58
C ARG A 117 -1.32 -6.98 4.67
N TYR A 118 -0.08 -7.12 4.24
CA TYR A 118 1.04 -7.29 5.16
C TYR A 118 1.75 -5.96 5.37
N TYR A 119 1.95 -5.60 6.63
CA TYR A 119 2.63 -4.36 6.97
C TYR A 119 3.96 -4.65 7.65
N TYR A 120 5.04 -4.35 6.95
CA TYR A 120 6.38 -4.57 7.47
C TYR A 120 7.04 -3.23 7.78
N THR A 121 7.84 -3.20 8.81
CA THR A 121 8.67 -2.05 9.10
C THR A 121 9.96 -2.13 8.27
N PHE A 122 10.84 -1.16 8.40
CA PHE A 122 12.11 -1.16 7.66
C PHE A 122 12.95 -2.37 8.05
N ASP A 123 12.75 -2.83 9.28
CA ASP A 123 13.47 -3.98 9.82
C ASP A 123 13.03 -5.28 9.15
N ASN A 124 11.96 -5.19 8.34
CA ASN A 124 11.35 -6.35 7.67
C ASN A 124 10.51 -7.16 8.67
N SER A 125 10.42 -6.64 9.88
CA SER A 125 9.57 -7.22 10.90
C SER A 125 8.10 -7.00 10.55
N LEU A 126 7.36 -8.09 10.43
CA LEU A 126 5.94 -8.02 10.14
C LEU A 126 5.18 -7.51 11.35
N LEU A 127 4.65 -6.30 11.24
CA LEU A 127 3.99 -5.65 12.35
C LEU A 127 2.49 -5.97 12.36
N PHE A 128 1.90 -6.01 11.19
CA PHE A 128 0.46 -6.20 11.07
C PHE A 128 0.13 -7.10 9.89
N THR A 129 -0.90 -7.92 10.05
CA THR A 129 -1.37 -8.80 8.99
C THR A 129 -2.90 -8.80 8.96
N GLU A 130 -3.46 -8.09 8.00
CA GLU A 130 -4.90 -7.97 7.91
C GLU A 130 -5.42 -8.68 6.66
N SER A 131 -6.37 -9.58 6.84
CA SER A 131 -7.00 -10.25 5.73
C SER A 131 -8.16 -9.40 5.23
N ILE A 132 -8.16 -9.08 3.95
CA ILE A 132 -9.19 -8.22 3.38
C ILE A 132 -10.50 -8.98 3.21
N GLN A 133 -11.32 -8.95 4.26
CA GLN A 133 -12.59 -9.64 4.29
C GLN A 133 -12.39 -11.15 4.10
N ASP A 7 3.59 2.78 -22.04
CA ASP A 7 4.23 2.88 -20.73
C ASP A 7 3.37 2.21 -19.67
N GLN A 8 3.75 0.99 -19.31
CA GLN A 8 2.99 0.20 -18.35
C GLN A 8 2.95 0.90 -17.00
N VAL A 9 4.00 1.64 -16.69
CA VAL A 9 4.10 2.39 -15.44
C VAL A 9 2.98 3.43 -15.32
N VAL A 10 2.61 4.03 -16.45
CA VAL A 10 1.60 5.07 -16.46
C VAL A 10 0.24 4.54 -16.02
N ILE A 11 -0.15 3.38 -16.58
CA ILE A 11 -1.45 2.79 -16.26
C ILE A 11 -1.53 2.42 -14.78
N PHE A 12 -0.52 1.70 -14.29
CA PHE A 12 -0.52 1.23 -12.91
C PHE A 12 -0.47 2.38 -11.91
N LYS A 13 0.41 3.35 -12.16
CA LYS A 13 0.57 4.46 -11.24
C LYS A 13 -0.72 5.28 -11.16
N GLN A 14 -1.41 5.40 -12.30
CA GLN A 14 -2.66 6.15 -12.35
C GLN A 14 -3.75 5.46 -11.52
N ILE A 15 -3.68 4.14 -11.43
CA ILE A 15 -4.62 3.38 -10.60
C ILE A 15 -4.48 3.81 -9.14
N PHE A 16 -3.24 3.84 -8.66
CA PHE A 16 -2.95 4.28 -7.30
C PHE A 16 -3.17 5.79 -7.16
N ASP A 17 -2.90 6.52 -8.23
CA ASP A 17 -3.03 7.97 -8.26
C ASP A 17 -4.49 8.37 -8.09
N LYS A 18 -5.38 7.57 -8.65
CA LYS A 18 -6.81 7.82 -8.56
C LYS A 18 -7.33 7.47 -7.17
N VAL A 19 -7.00 6.28 -6.69
CA VAL A 19 -7.53 5.79 -5.42
C VAL A 19 -7.02 6.61 -4.24
N ARG A 20 -5.84 7.20 -4.37
CA ARG A 20 -5.26 7.99 -3.29
C ARG A 20 -5.99 9.31 -3.11
N ASN A 21 -6.91 9.61 -4.04
CA ASN A 21 -7.72 10.82 -3.95
C ASN A 21 -9.20 10.48 -3.85
N ASP A 22 -9.69 9.67 -4.79
CA ASP A 22 -11.11 9.36 -4.88
C ASP A 22 -11.55 8.34 -3.85
N LEU A 23 -10.59 7.56 -3.34
CA LEU A 23 -10.88 6.47 -2.41
C LEU A 23 -11.73 5.39 -3.08
N ASN A 24 -11.64 5.33 -4.40
CA ASN A 24 -12.40 4.36 -5.17
C ASN A 24 -11.67 3.01 -5.18
N TYR A 25 -12.02 2.17 -4.22
CA TYR A 25 -11.42 0.85 -4.12
C TYR A 25 -12.07 -0.12 -5.10
N GLN A 26 -13.28 0.19 -5.52
CA GLN A 26 -14.00 -0.65 -6.48
C GLN A 26 -13.21 -0.77 -7.78
N TRP A 27 -12.84 0.38 -8.33
CA TRP A 27 -12.06 0.41 -9.56
C TRP A 27 -10.61 0.01 -9.27
N PHE A 28 -10.13 0.36 -8.08
CA PHE A 28 -8.77 0.05 -7.66
C PHE A 28 -8.52 -1.45 -7.68
N TYR A 29 -9.34 -2.20 -6.94
CA TYR A 29 -9.18 -3.64 -6.85
C TYR A 29 -9.53 -4.34 -8.16
N SER A 30 -10.40 -3.71 -8.94
CA SER A 30 -10.78 -4.24 -10.24
C SER A 30 -9.55 -4.39 -11.12
N GLU A 31 -8.78 -3.32 -11.28
CA GLU A 31 -7.58 -3.36 -12.10
C GLU A 31 -6.48 -4.18 -11.44
N LEU A 32 -6.43 -4.15 -10.11
CA LEU A 32 -5.44 -4.94 -9.38
C LEU A 32 -5.58 -6.41 -9.73
N LYS A 33 -6.79 -6.93 -9.62
CA LYS A 33 -7.05 -8.35 -9.87
C LYS A 33 -6.92 -8.69 -11.36
N ARG A 34 -6.84 -7.66 -12.21
CA ARG A 34 -6.69 -7.88 -13.65
C ARG A 34 -5.21 -7.96 -14.04
N HIS A 35 -4.35 -7.37 -13.23
CA HIS A 35 -2.92 -7.29 -13.57
C HIS A 35 -2.07 -7.91 -12.47
N ASN A 36 -2.28 -7.44 -11.24
CA ASN A 36 -1.57 -7.95 -10.08
C ASN A 36 -2.24 -9.23 -9.59
N VAL A 37 -1.80 -10.35 -10.12
CA VAL A 37 -2.31 -11.65 -9.70
C VAL A 37 -1.61 -12.13 -8.43
N SER A 38 -0.55 -11.43 -8.03
CA SER A 38 0.23 -11.86 -6.88
C SER A 38 0.20 -10.80 -5.77
N HIS A 39 1.21 -9.94 -5.73
CA HIS A 39 1.37 -9.00 -4.62
C HIS A 39 2.22 -7.80 -5.03
N TYR A 40 1.90 -6.65 -4.48
CA TYR A 40 2.69 -5.45 -4.73
C TYR A 40 3.27 -4.89 -3.44
N ILE A 41 4.50 -4.40 -3.53
CA ILE A 41 5.19 -3.82 -2.40
C ILE A 41 5.24 -2.30 -2.54
N TYR A 42 4.43 -1.63 -1.73
CA TYR A 42 4.32 -0.18 -1.79
C TYR A 42 5.28 0.46 -0.80
N TYR A 43 6.33 1.08 -1.29
CA TYR A 43 7.28 1.79 -0.43
C TYR A 43 6.83 3.23 -0.25
N LEU A 44 6.27 3.52 0.93
CA LEU A 44 5.62 4.80 1.19
C LEU A 44 6.60 5.98 1.16
N ALA A 45 7.87 5.71 1.44
CA ALA A 45 8.87 6.78 1.54
C ALA A 45 9.30 7.31 0.17
N THR A 46 8.89 6.62 -0.88
CA THR A 46 9.31 7.01 -2.22
C THR A 46 8.14 6.89 -3.21
N GLU A 47 6.98 6.43 -2.70
CA GLU A 47 5.85 6.07 -3.56
C GLU A 47 6.31 5.03 -4.58
N ASN A 48 7.23 4.18 -4.15
CA ASN A 48 7.84 3.18 -5.00
C ASN A 48 7.08 1.87 -4.88
N VAL A 49 6.19 1.62 -5.82
CA VAL A 49 5.35 0.44 -5.78
C VAL A 49 5.93 -0.66 -6.66
N HIS A 50 6.18 -1.82 -6.08
CA HIS A 50 6.69 -2.96 -6.82
C HIS A 50 5.60 -4.00 -7.01
N ILE A 51 4.94 -3.98 -8.15
CA ILE A 51 3.87 -4.93 -8.44
C ILE A 51 4.45 -6.19 -9.05
N VAL A 52 4.64 -7.22 -8.24
CA VAL A 52 5.14 -8.49 -8.73
C VAL A 52 4.02 -9.23 -9.44
N LEU A 53 4.19 -9.43 -10.74
CA LEU A 53 3.18 -10.07 -11.56
C LEU A 53 3.08 -11.56 -11.28
N LYS A 54 2.18 -12.22 -11.99
CA LYS A 54 1.97 -13.66 -11.85
C LYS A 54 3.17 -14.43 -12.37
N ASN A 55 3.95 -13.79 -13.24
CA ASN A 55 5.06 -14.47 -13.89
C ASN A 55 6.36 -13.67 -13.75
N ASP A 56 6.79 -13.49 -12.51
CA ASP A 56 8.14 -13.02 -12.19
C ASP A 56 8.33 -11.52 -12.36
N ASN A 57 7.94 -10.99 -13.51
CA ASN A 57 8.16 -9.58 -13.83
C ASN A 57 7.50 -8.68 -12.80
N THR A 58 8.18 -7.61 -12.45
CA THR A 58 7.68 -6.69 -11.44
C THR A 58 7.54 -5.28 -12.00
N VAL A 59 6.34 -4.73 -11.88
CA VAL A 59 6.08 -3.35 -12.30
C VAL A 59 6.61 -2.41 -11.23
N LEU A 60 7.58 -1.59 -11.60
CA LEU A 60 8.19 -0.67 -10.65
C LEU A 60 7.64 0.73 -10.88
N LEU A 61 6.80 1.19 -9.96
CA LEU A 61 6.22 2.53 -10.04
C LEU A 61 6.95 3.48 -9.13
N LYS A 62 7.09 4.72 -9.56
CA LYS A 62 7.62 5.77 -8.71
C LYS A 62 6.68 6.97 -8.74
N GLY A 63 6.05 7.23 -7.61
CA GLY A 63 5.09 8.32 -7.51
C GLY A 63 5.72 9.67 -7.74
N LEU A 64 6.58 10.07 -6.81
CA LEU A 64 7.28 11.32 -6.91
C LEU A 64 8.78 11.10 -6.78
N LYS A 65 9.29 11.31 -5.57
CA LYS A 65 10.73 11.19 -5.30
C LYS A 65 10.95 10.94 -3.81
N ASN A 66 10.76 11.97 -3.00
CA ASN A 66 10.97 11.86 -1.56
C ASN A 66 9.67 12.12 -0.81
N ILE A 67 9.15 11.08 -0.19
CA ILE A 67 7.96 11.19 0.64
C ILE A 67 8.25 10.48 1.97
N VAL A 68 9.43 10.73 2.50
CA VAL A 68 9.87 10.07 3.72
C VAL A 68 9.17 10.65 4.95
N SER A 69 7.99 10.11 5.24
CA SER A 69 7.30 10.38 6.48
C SER A 69 7.39 9.17 7.38
N VAL A 70 8.00 8.12 6.84
CA VAL A 70 8.18 6.87 7.56
C VAL A 70 9.21 7.05 8.67
N LYS A 71 8.89 6.54 9.85
CA LYS A 71 9.78 6.64 10.98
C LYS A 71 10.24 5.24 11.40
N PHE A 72 11.38 5.17 12.04
CA PHE A 72 11.93 3.90 12.49
C PHE A 72 11.30 3.51 13.82
N SER A 73 10.05 3.08 13.75
CA SER A 73 9.28 2.74 14.94
C SER A 73 8.57 1.40 14.75
N LYS A 74 8.08 0.84 15.84
CA LYS A 74 7.32 -0.40 15.80
C LYS A 74 6.07 -0.29 16.66
N ASP A 75 4.95 0.05 16.05
CA ASP A 75 3.68 0.10 16.76
C ASP A 75 2.57 -0.48 15.90
N ARG A 76 1.71 -1.28 16.51
CA ARG A 76 0.66 -1.97 15.79
C ARG A 76 -0.69 -1.26 15.95
N HIS A 77 -0.85 -0.53 17.04
CA HIS A 77 -2.14 0.07 17.36
C HIS A 77 -2.35 1.39 16.65
N LEU A 78 -1.27 2.07 16.30
CA LEU A 78 -1.36 3.28 15.49
C LEU A 78 -1.92 2.93 14.11
N ILE A 79 -1.53 1.76 13.61
CA ILE A 79 -2.09 1.22 12.38
C ILE A 79 -3.55 0.87 12.60
N GLU A 80 -3.80 0.14 13.68
CA GLU A 80 -5.13 -0.32 14.06
C GLU A 80 -6.12 0.85 14.19
N THR A 81 -5.74 1.87 14.94
CA THR A 81 -6.60 3.03 15.17
C THR A 81 -6.88 3.78 13.89
N THR A 82 -5.87 3.93 13.04
CA THR A 82 -6.02 4.63 11.78
C THR A 82 -6.91 3.81 10.83
N SER A 83 -6.76 2.49 10.89
CA SER A 83 -7.61 1.61 10.09
C SER A 83 -9.04 1.68 10.60
N ASN A 84 -9.19 1.78 11.92
CA ASN A 84 -10.50 1.96 12.53
C ASN A 84 -11.09 3.30 12.12
N LYS A 85 -10.22 4.30 12.02
CA LYS A 85 -10.63 5.65 11.63
C LYS A 85 -11.11 5.65 10.17
N LEU A 86 -10.49 4.81 9.36
CA LEU A 86 -10.91 4.61 7.98
C LEU A 86 -12.30 3.99 7.93
N LYS A 87 -12.54 3.05 8.82
CA LYS A 87 -13.83 2.37 8.92
C LYS A 87 -14.88 3.27 9.54
N SER A 88 -14.50 4.03 10.54
CA SER A 88 -15.42 4.89 11.27
C SER A 88 -15.79 6.12 10.45
N ARG A 89 -14.79 6.82 9.93
CA ARG A 89 -15.05 8.02 9.16
C ARG A 89 -14.95 7.71 7.67
N GLU A 90 -13.71 7.62 7.19
CA GLU A 90 -13.37 7.40 5.77
C GLU A 90 -12.01 8.02 5.49
N ILE A 91 -11.73 9.11 6.22
CA ILE A 91 -10.49 9.88 6.10
C ILE A 91 -10.01 9.99 4.65
N THR A 92 -8.74 9.70 4.42
CA THR A 92 -8.19 9.73 3.08
C THR A 92 -7.07 8.70 3.00
N PHE A 93 -6.82 8.19 1.79
CA PHE A 93 -5.78 7.20 1.57
C PHE A 93 -4.43 7.70 2.05
N GLN A 94 -4.22 9.01 1.94
CA GLN A 94 -2.99 9.64 2.41
C GLN A 94 -2.89 9.57 3.93
N GLU A 95 -3.97 9.95 4.61
CA GLU A 95 -4.02 9.95 6.07
C GLU A 95 -3.75 8.56 6.62
N TYR A 96 -4.36 7.55 6.00
CA TYR A 96 -4.18 6.18 6.41
C TYR A 96 -2.71 5.77 6.36
N ARG A 97 -2.05 6.10 5.25
CA ARG A 97 -0.63 5.78 5.09
C ARG A 97 0.22 6.63 6.02
N ARG A 98 -0.20 7.86 6.22
CA ARG A 98 0.55 8.84 7.01
C ARG A 98 0.82 8.32 8.42
N ASN A 99 -0.20 7.72 9.04
CA ASN A 99 -0.04 7.19 10.39
C ASN A 99 0.63 5.83 10.37
N LEU A 100 0.43 5.07 9.29
CA LEU A 100 1.11 3.79 9.15
C LEU A 100 2.60 3.99 9.02
N ALA A 101 3.01 4.95 8.20
CA ALA A 101 4.42 5.29 8.05
C ALA A 101 4.99 5.82 9.36
N LYS A 102 4.15 6.55 10.08
CA LYS A 102 4.51 7.10 11.38
C LYS A 102 4.66 5.96 12.41
N ALA A 103 3.96 4.87 12.16
CA ALA A 103 4.00 3.70 13.04
C ALA A 103 5.20 2.82 12.73
N GLY A 104 5.82 3.06 11.58
CA GLY A 104 7.01 2.31 11.21
C GLY A 104 6.81 1.44 10.00
N VAL A 105 5.66 1.56 9.34
CA VAL A 105 5.38 0.78 8.14
C VAL A 105 6.11 1.37 6.95
N PHE A 106 7.08 0.63 6.45
CA PHE A 106 7.89 1.06 5.32
C PHE A 106 7.54 0.24 4.08
N ARG A 107 7.14 -1.00 4.29
CA ARG A 107 6.83 -1.90 3.20
C ARG A 107 5.37 -2.32 3.24
N TRP A 108 4.58 -1.71 2.37
CA TRP A 108 3.17 -2.02 2.24
C TRP A 108 3.00 -3.17 1.26
N VAL A 109 2.96 -4.39 1.77
CA VAL A 109 2.86 -5.57 0.91
C VAL A 109 1.44 -6.11 0.90
N THR A 110 0.71 -5.83 -0.17
CA THR A 110 -0.63 -6.35 -0.33
C THR A 110 -0.64 -7.51 -1.32
N ASN A 111 -1.01 -8.68 -0.83
CA ASN A 111 -1.04 -9.88 -1.65
C ASN A 111 -2.49 -10.24 -1.97
N ILE A 112 -2.91 -9.99 -3.22
CA ILE A 112 -4.30 -10.21 -3.61
C ILE A 112 -4.59 -11.70 -3.70
N HIS A 113 -3.53 -12.48 -3.98
CA HIS A 113 -3.61 -13.93 -4.05
C HIS A 113 -3.88 -14.50 -2.66
N GLU A 114 -3.59 -13.71 -1.65
CA GLU A 114 -3.64 -14.15 -0.28
C GLU A 114 -4.75 -13.43 0.48
N GLN A 115 -5.33 -12.40 -0.15
CA GLN A 115 -6.36 -11.57 0.46
C GLN A 115 -5.87 -10.91 1.75
N LYS A 116 -4.57 -10.69 1.85
CA LYS A 116 -3.99 -10.18 3.09
C LYS A 116 -3.01 -9.04 2.82
N ARG A 117 -3.01 -8.05 3.70
CA ARG A 117 -2.04 -6.98 3.68
C ARG A 117 -1.00 -7.21 4.76
N TYR A 118 0.24 -7.31 4.36
CA TYR A 118 1.34 -7.48 5.30
C TYR A 118 2.10 -6.17 5.43
N TYR A 119 1.96 -5.53 6.59
CA TYR A 119 2.63 -4.27 6.84
C TYR A 119 3.99 -4.53 7.47
N TYR A 120 5.04 -4.37 6.67
CA TYR A 120 6.41 -4.59 7.12
C TYR A 120 7.09 -3.27 7.46
N THR A 121 7.92 -3.29 8.48
CA THR A 121 8.74 -2.13 8.83
C THR A 121 9.96 -2.08 7.91
N PHE A 122 10.81 -1.08 8.11
CA PHE A 122 12.01 -0.90 7.28
C PHE A 122 12.89 -2.14 7.33
N ASP A 123 12.93 -2.78 8.49
CA ASP A 123 13.77 -3.96 8.71
C ASP A 123 13.09 -5.22 8.17
N ASN A 124 12.04 -5.04 7.37
CA ASN A 124 11.31 -6.14 6.74
C ASN A 124 10.68 -7.06 7.80
N SER A 125 10.43 -6.49 8.97
CA SER A 125 9.77 -7.21 10.03
C SER A 125 8.27 -6.93 9.99
N LEU A 126 7.47 -7.98 10.06
CA LEU A 126 6.02 -7.85 9.97
C LEU A 126 5.46 -7.21 11.23
N LEU A 127 4.80 -6.07 11.08
CA LEU A 127 4.22 -5.36 12.21
C LEU A 127 2.74 -5.68 12.36
N PHE A 128 1.99 -5.59 11.27
CA PHE A 128 0.55 -5.79 11.34
C PHE A 128 0.07 -6.59 10.13
N THR A 129 -0.92 -7.43 10.35
CA THR A 129 -1.53 -8.21 9.28
C THR A 129 -3.03 -8.00 9.25
N GLU A 130 -3.55 -7.56 8.11
CA GLU A 130 -4.98 -7.35 7.98
C GLU A 130 -5.50 -8.02 6.72
N SER A 131 -6.72 -8.52 6.79
CA SER A 131 -7.32 -9.24 5.68
C SER A 131 -8.29 -8.35 4.91
N ILE A 132 -8.09 -8.27 3.59
CA ILE A 132 -8.98 -7.48 2.74
C ILE A 132 -10.19 -8.32 2.33
N GLN A 133 -10.18 -9.56 2.78
CA GLN A 133 -11.33 -10.44 2.69
C GLN A 133 -11.29 -11.37 3.89
N ASP A 7 4.64 3.33 -21.91
CA ASP A 7 5.09 3.52 -20.55
C ASP A 7 4.15 2.82 -19.59
N GLN A 8 4.52 1.61 -19.21
CA GLN A 8 3.69 0.76 -18.37
C GLN A 8 3.59 1.33 -16.97
N VAL A 9 4.57 2.17 -16.63
CA VAL A 9 4.59 2.84 -15.34
C VAL A 9 3.41 3.80 -15.24
N VAL A 10 3.07 4.45 -16.35
CA VAL A 10 1.95 5.39 -16.37
C VAL A 10 0.63 4.68 -16.00
N ILE A 11 0.44 3.49 -16.56
CA ILE A 11 -0.81 2.74 -16.33
C ILE A 11 -0.97 2.37 -14.86
N PHE A 12 0.04 1.74 -14.28
CA PHE A 12 -0.04 1.29 -12.90
C PHE A 12 -0.04 2.47 -11.92
N LYS A 13 0.79 3.48 -12.19
CA LYS A 13 0.86 4.66 -11.34
C LYS A 13 -0.47 5.39 -11.37
N GLN A 14 -1.14 5.35 -12.53
CA GLN A 14 -2.43 5.98 -12.71
C GLN A 14 -3.44 5.40 -11.73
N ILE A 15 -3.44 4.08 -11.61
CA ILE A 15 -4.34 3.38 -10.71
C ILE A 15 -4.19 3.88 -9.28
N PHE A 16 -2.94 3.88 -8.79
CA PHE A 16 -2.66 4.29 -7.42
C PHE A 16 -2.96 5.78 -7.20
N ASP A 17 -2.67 6.58 -8.22
CA ASP A 17 -2.89 8.02 -8.11
C ASP A 17 -4.38 8.35 -8.16
N LYS A 18 -5.10 7.64 -9.02
CA LYS A 18 -6.52 7.88 -9.20
C LYS A 18 -7.31 7.42 -7.98
N VAL A 19 -6.92 6.30 -7.38
CA VAL A 19 -7.59 5.82 -6.19
C VAL A 19 -7.31 6.75 -5.01
N ARG A 20 -6.21 7.50 -5.10
CA ARG A 20 -5.88 8.51 -4.11
C ARG A 20 -6.85 9.69 -4.22
N ASN A 21 -7.51 9.79 -5.38
CA ASN A 21 -8.52 10.84 -5.61
C ASN A 21 -9.92 10.29 -5.33
N ASP A 22 -10.26 9.21 -6.03
CA ASP A 22 -11.60 8.62 -5.93
C ASP A 22 -11.85 8.00 -4.57
N LEU A 23 -10.79 7.43 -3.98
CA LEU A 23 -10.92 6.61 -2.76
C LEU A 23 -11.82 5.42 -3.04
N ASN A 24 -11.84 4.99 -4.31
CA ASN A 24 -12.64 3.88 -4.74
C ASN A 24 -11.91 2.58 -4.48
N TYR A 25 -12.02 2.07 -3.26
CA TYR A 25 -11.32 0.85 -2.87
C TYR A 25 -11.93 -0.36 -3.59
N GLN A 26 -13.21 -0.26 -3.93
CA GLN A 26 -13.91 -1.32 -4.62
C GLN A 26 -13.30 -1.55 -6.01
N TRP A 27 -13.17 -0.48 -6.77
CA TRP A 27 -12.55 -0.56 -8.09
C TRP A 27 -11.06 -0.87 -7.96
N PHE A 28 -10.42 -0.27 -6.96
CA PHE A 28 -8.99 -0.44 -6.74
C PHE A 28 -8.59 -1.91 -6.72
N TYR A 29 -9.21 -2.69 -5.85
CA TYR A 29 -8.88 -4.11 -5.72
C TYR A 29 -9.42 -4.91 -6.90
N SER A 30 -10.37 -4.35 -7.63
CA SER A 30 -10.88 -5.00 -8.83
C SER A 30 -9.87 -4.86 -9.97
N GLU A 31 -9.39 -3.64 -10.17
CA GLU A 31 -8.41 -3.34 -11.20
C GLU A 31 -7.09 -4.03 -10.88
N LEU A 32 -6.71 -4.02 -9.60
CA LEU A 32 -5.54 -4.74 -9.15
C LEU A 32 -5.63 -6.22 -9.52
N LYS A 33 -6.75 -6.85 -9.17
CA LYS A 33 -6.95 -8.26 -9.46
C LYS A 33 -7.22 -8.50 -10.94
N ARG A 34 -7.21 -7.43 -11.74
CA ARG A 34 -7.38 -7.55 -13.17
C ARG A 34 -6.02 -7.57 -13.86
N HIS A 35 -4.99 -7.05 -13.18
CA HIS A 35 -3.65 -7.00 -13.74
C HIS A 35 -2.68 -7.77 -12.85
N ASN A 36 -2.59 -7.34 -11.60
CA ASN A 36 -1.70 -7.96 -10.64
C ASN A 36 -2.42 -9.07 -9.89
N VAL A 37 -2.30 -10.27 -10.42
CA VAL A 37 -2.91 -11.43 -9.79
C VAL A 37 -1.94 -12.08 -8.79
N SER A 38 -0.80 -11.43 -8.58
CA SER A 38 0.19 -11.96 -7.65
C SER A 38 0.33 -11.06 -6.41
N HIS A 39 1.25 -10.10 -6.46
CA HIS A 39 1.52 -9.25 -5.30
C HIS A 39 2.39 -8.06 -5.68
N TYR A 40 2.34 -7.01 -4.87
CA TYR A 40 3.16 -5.83 -5.09
C TYR A 40 3.70 -5.31 -3.77
N ILE A 41 4.88 -4.70 -3.82
CA ILE A 41 5.48 -4.10 -2.63
C ILE A 41 5.62 -2.60 -2.82
N TYR A 42 4.88 -1.84 -2.02
CA TYR A 42 4.92 -0.39 -2.06
C TYR A 42 5.86 0.12 -0.98
N TYR A 43 6.97 0.74 -1.37
CA TYR A 43 7.91 1.29 -0.41
C TYR A 43 7.52 2.71 -0.04
N LEU A 44 7.00 2.89 1.17
CA LEU A 44 6.54 4.19 1.62
C LEU A 44 7.72 5.14 1.77
N ALA A 45 7.48 6.42 1.48
CA ALA A 45 8.50 7.48 1.57
C ALA A 45 9.43 7.43 0.37
N THR A 46 9.78 6.23 -0.05
CA THR A 46 10.54 6.03 -1.26
C THR A 46 9.62 6.18 -2.48
N GLU A 47 8.34 5.83 -2.27
CA GLU A 47 7.29 5.93 -3.28
C GLU A 47 7.62 5.10 -4.52
N ASN A 48 8.45 4.09 -4.33
CA ASN A 48 8.82 3.16 -5.39
C ASN A 48 8.08 1.85 -5.22
N VAL A 49 7.14 1.59 -6.11
CA VAL A 49 6.30 0.41 -6.00
C VAL A 49 6.79 -0.68 -6.93
N HIS A 50 6.99 -1.87 -6.41
CA HIS A 50 7.41 -3.01 -7.22
C HIS A 50 6.28 -4.02 -7.35
N ILE A 51 5.67 -4.07 -8.53
CA ILE A 51 4.55 -4.95 -8.78
C ILE A 51 4.99 -6.15 -9.62
N VAL A 52 4.96 -7.33 -9.01
CA VAL A 52 5.30 -8.53 -9.75
C VAL A 52 4.02 -9.22 -10.21
N LEU A 53 3.84 -9.29 -11.52
CA LEU A 53 2.64 -9.89 -12.08
C LEU A 53 2.68 -11.40 -11.94
N LYS A 54 1.54 -12.03 -12.16
CA LYS A 54 1.44 -13.48 -12.10
C LYS A 54 2.23 -14.12 -13.24
N ASN A 55 2.53 -13.33 -14.26
CA ASN A 55 3.15 -13.85 -15.46
C ASN A 55 4.49 -13.16 -15.70
N ASP A 56 5.38 -13.29 -14.73
CA ASP A 56 6.80 -12.95 -14.88
C ASP A 56 7.08 -11.45 -14.76
N ASN A 57 6.37 -10.65 -15.55
CA ASN A 57 6.62 -9.22 -15.65
C ASN A 57 6.58 -8.53 -14.28
N THR A 58 7.61 -7.73 -14.03
CA THR A 58 7.72 -6.99 -12.80
C THR A 58 7.83 -5.50 -13.10
N VAL A 59 6.83 -4.74 -12.69
CA VAL A 59 6.78 -3.31 -12.96
C VAL A 59 7.23 -2.53 -11.73
N LEU A 60 7.96 -1.44 -11.95
CA LEU A 60 8.40 -0.60 -10.85
C LEU A 60 7.95 0.84 -11.06
N LEU A 61 7.13 1.33 -10.15
CA LEU A 61 6.66 2.69 -10.21
C LEU A 61 7.56 3.57 -9.38
N LYS A 62 8.44 4.30 -10.05
CA LYS A 62 9.40 5.15 -9.36
C LYS A 62 8.82 6.55 -9.15
N GLY A 63 8.34 6.80 -7.93
CA GLY A 63 7.82 8.10 -7.61
C GLY A 63 8.62 8.77 -6.52
N LEU A 64 8.16 9.94 -6.10
CA LEU A 64 8.82 10.70 -5.04
C LEU A 64 7.77 11.43 -4.22
N LYS A 65 7.04 12.33 -4.89
CA LYS A 65 5.92 13.09 -4.29
C LYS A 65 6.38 14.08 -3.22
N ASN A 66 7.53 13.82 -2.62
CA ASN A 66 8.01 14.56 -1.46
C ASN A 66 7.08 14.35 -0.28
N ILE A 67 7.31 13.26 0.45
CA ILE A 67 6.50 12.93 1.61
C ILE A 67 7.41 12.52 2.77
N VAL A 68 7.92 11.30 2.71
CA VAL A 68 8.77 10.73 3.76
C VAL A 68 8.14 10.89 5.15
N SER A 69 7.27 9.97 5.50
CA SER A 69 6.61 10.01 6.79
C SER A 69 7.18 8.94 7.73
N VAL A 70 7.85 7.96 7.12
CA VAL A 70 8.34 6.80 7.84
C VAL A 70 9.30 7.19 8.96
N LYS A 71 9.01 6.67 10.15
CA LYS A 71 9.85 6.91 11.32
C LYS A 71 10.38 5.58 11.83
N PHE A 72 11.50 5.60 12.53
CA PHE A 72 12.09 4.38 13.06
C PHE A 72 11.36 3.96 14.34
N SER A 73 10.21 3.33 14.15
CA SER A 73 9.39 2.84 15.24
C SER A 73 8.62 1.61 14.78
N LYS A 74 7.90 0.97 15.70
CA LYS A 74 7.09 -0.18 15.34
C LYS A 74 5.89 -0.31 16.29
N ASP A 75 4.74 0.21 15.85
CA ASP A 75 3.52 0.08 16.63
C ASP A 75 2.37 -0.40 15.77
N ARG A 76 1.67 -1.40 16.28
CA ARG A 76 0.54 -1.97 15.57
C ARG A 76 -0.77 -1.37 16.04
N HIS A 77 -0.73 -0.68 17.17
CA HIS A 77 -1.94 -0.06 17.74
C HIS A 77 -2.39 1.09 16.86
N LEU A 78 -1.46 1.99 16.56
CA LEU A 78 -1.75 3.15 15.70
C LEU A 78 -2.25 2.68 14.34
N ILE A 79 -1.74 1.55 13.87
CA ILE A 79 -2.20 0.97 12.61
C ILE A 79 -3.69 0.64 12.70
N GLU A 80 -4.08 -0.03 13.77
CA GLU A 80 -5.48 -0.39 13.99
C GLU A 80 -6.33 0.87 14.18
N THR A 81 -5.83 1.79 14.99
CA THR A 81 -6.52 3.05 15.23
C THR A 81 -6.79 3.79 13.91
N THR A 82 -5.77 3.88 13.07
CA THR A 82 -5.91 4.58 11.80
C THR A 82 -6.82 3.82 10.83
N SER A 83 -6.81 2.49 10.91
CA SER A 83 -7.68 1.68 10.06
C SER A 83 -9.14 1.84 10.49
N ASN A 84 -9.35 1.96 11.78
CA ASN A 84 -10.70 2.18 12.32
C ASN A 84 -11.15 3.59 11.96
N LYS A 85 -10.17 4.48 11.91
CA LYS A 85 -10.39 5.87 11.51
C LYS A 85 -10.78 5.94 10.04
N LEU A 86 -10.12 5.11 9.22
CA LEU A 86 -10.40 5.03 7.79
C LEU A 86 -11.77 4.39 7.54
N LYS A 87 -12.23 3.60 8.50
CA LYS A 87 -13.52 2.95 8.40
C LYS A 87 -14.64 3.90 8.83
N SER A 88 -14.42 4.57 9.95
CA SER A 88 -15.44 5.44 10.52
C SER A 88 -15.52 6.77 9.78
N ARG A 89 -14.39 7.47 9.69
CA ARG A 89 -14.37 8.80 9.07
C ARG A 89 -14.04 8.69 7.58
N GLU A 90 -13.24 7.67 7.24
CA GLU A 90 -12.80 7.42 5.87
C GLU A 90 -11.72 8.41 5.41
N ILE A 91 -11.78 9.63 5.97
CA ILE A 91 -10.76 10.68 5.75
C ILE A 91 -10.16 10.67 4.34
N THR A 92 -8.91 10.26 4.22
CA THR A 92 -8.23 10.16 2.94
C THR A 92 -7.16 9.08 3.01
N PHE A 93 -7.02 8.31 1.94
CA PHE A 93 -6.04 7.22 1.88
C PHE A 93 -4.62 7.74 2.08
N GLN A 94 -4.37 8.96 1.65
CA GLN A 94 -3.07 9.60 1.79
C GLN A 94 -2.66 9.67 3.27
N GLU A 95 -3.54 10.22 4.09
CA GLU A 95 -3.27 10.32 5.53
C GLU A 95 -3.27 8.95 6.19
N TYR A 96 -4.11 8.05 5.69
CA TYR A 96 -4.14 6.68 6.18
C TYR A 96 -2.76 6.05 6.05
N ARG A 97 -2.20 6.11 4.86
CA ARG A 97 -0.89 5.54 4.59
C ARG A 97 0.20 6.32 5.34
N ARG A 98 -0.02 7.61 5.51
CA ARG A 98 0.95 8.47 6.18
C ARG A 98 1.07 8.10 7.65
N ASN A 99 -0.07 7.83 8.29
CA ASN A 99 -0.08 7.44 9.70
C ASN A 99 0.61 6.10 9.89
N LEU A 100 0.36 5.16 8.98
CA LEU A 100 0.99 3.86 9.05
C LEU A 100 2.50 3.98 8.89
N ALA A 101 2.93 4.86 7.98
CA ALA A 101 4.35 5.11 7.78
C ALA A 101 4.99 5.62 9.05
N LYS A 102 4.25 6.46 9.78
CA LYS A 102 4.74 7.00 11.04
C LYS A 102 4.78 5.92 12.12
N ALA A 103 3.90 4.93 11.98
CA ALA A 103 3.83 3.83 12.93
C ALA A 103 4.95 2.82 12.72
N GLY A 104 5.62 2.94 11.58
CA GLY A 104 6.75 2.06 11.30
C GLY A 104 6.55 1.25 10.04
N VAL A 105 5.42 1.41 9.38
CA VAL A 105 5.15 0.69 8.14
C VAL A 105 5.94 1.30 6.99
N PHE A 106 7.00 0.61 6.59
CA PHE A 106 7.86 1.07 5.52
C PHE A 106 7.61 0.28 4.24
N ARG A 107 7.23 -0.98 4.40
CA ARG A 107 7.06 -1.87 3.25
C ARG A 107 5.62 -2.39 3.19
N TRP A 108 4.87 -1.81 2.27
CA TRP A 108 3.48 -2.17 2.05
C TRP A 108 3.39 -3.35 1.07
N VAL A 109 3.30 -4.55 1.61
CA VAL A 109 3.25 -5.73 0.78
C VAL A 109 1.85 -6.32 0.74
N THR A 110 1.14 -6.09 -0.35
CA THR A 110 -0.18 -6.66 -0.53
C THR A 110 -0.11 -7.87 -1.45
N ASN A 111 -0.35 -9.04 -0.90
CA ASN A 111 -0.35 -10.26 -1.70
C ASN A 111 -1.78 -10.58 -2.13
N ILE A 112 -2.06 -10.27 -3.38
CA ILE A 112 -3.40 -10.38 -3.94
C ILE A 112 -3.89 -11.82 -3.89
N HIS A 113 -3.00 -12.75 -4.21
CA HIS A 113 -3.38 -14.15 -4.34
C HIS A 113 -3.82 -14.73 -2.99
N GLU A 114 -3.36 -14.16 -1.89
CA GLU A 114 -3.75 -14.63 -0.57
C GLU A 114 -4.79 -13.70 0.07
N GLN A 115 -5.14 -12.62 -0.64
CA GLN A 115 -6.10 -11.64 -0.13
C GLN A 115 -5.68 -11.11 1.24
N LYS A 116 -4.38 -10.88 1.40
CA LYS A 116 -3.86 -10.41 2.68
C LYS A 116 -2.83 -9.30 2.50
N ARG A 117 -2.93 -8.29 3.35
CA ARG A 117 -1.97 -7.20 3.35
C ARG A 117 -0.96 -7.40 4.48
N TYR A 118 0.31 -7.48 4.11
CA TYR A 118 1.39 -7.66 5.05
C TYR A 118 2.16 -6.36 5.22
N TYR A 119 2.09 -5.77 6.40
CA TYR A 119 2.77 -4.52 6.67
C TYR A 119 4.11 -4.79 7.36
N TYR A 120 5.20 -4.59 6.63
CA TYR A 120 6.53 -4.80 7.16
C TYR A 120 7.16 -3.47 7.56
N THR A 121 7.92 -3.49 8.65
CA THR A 121 8.66 -2.32 9.07
C THR A 121 10.00 -2.26 8.33
N PHE A 122 10.80 -1.25 8.64
CA PHE A 122 12.03 -0.98 7.89
C PHE A 122 13.02 -2.14 7.95
N ASP A 123 13.02 -2.90 9.04
CA ASP A 123 14.00 -3.98 9.22
C ASP A 123 13.44 -5.30 8.70
N ASN A 124 12.29 -5.23 8.03
CA ASN A 124 11.65 -6.37 7.39
C ASN A 124 10.88 -7.25 8.39
N SER A 125 10.67 -6.74 9.60
CA SER A 125 9.82 -7.43 10.56
C SER A 125 8.36 -7.26 10.19
N LEU A 126 7.61 -8.35 10.17
CA LEU A 126 6.19 -8.30 9.86
C LEU A 126 5.43 -7.74 11.05
N LEU A 127 4.81 -6.59 10.86
CA LEU A 127 4.05 -5.95 11.93
C LEU A 127 2.60 -6.38 11.88
N PHE A 128 1.85 -5.81 10.96
CA PHE A 128 0.41 -6.04 10.90
C PHE A 128 0.06 -6.86 9.67
N THR A 129 -0.91 -7.74 9.82
CA THR A 129 -1.38 -8.55 8.71
C THR A 129 -2.88 -8.77 8.84
N GLU A 130 -3.63 -8.46 7.80
CA GLU A 130 -5.06 -8.66 7.81
C GLU A 130 -5.51 -9.28 6.50
N SER A 131 -6.79 -9.61 6.42
CA SER A 131 -7.34 -10.23 5.23
C SER A 131 -8.42 -9.35 4.63
N ILE A 132 -8.18 -8.88 3.41
CA ILE A 132 -9.16 -8.06 2.71
C ILE A 132 -10.39 -8.89 2.36
N GLN A 133 -11.51 -8.53 2.94
CA GLN A 133 -12.73 -9.30 2.82
C GLN A 133 -13.29 -9.25 1.41
N ASP A 7 4.34 2.51 -21.84
CA ASP A 7 4.72 2.70 -20.45
C ASP A 7 3.65 2.13 -19.54
N GLN A 8 3.78 0.84 -19.22
CA GLN A 8 2.86 0.16 -18.31
C GLN A 8 2.81 0.89 -16.97
N VAL A 9 3.88 1.61 -16.68
CA VAL A 9 3.99 2.41 -15.47
C VAL A 9 2.84 3.42 -15.38
N VAL A 10 2.46 4.01 -16.51
CA VAL A 10 1.42 5.01 -16.54
C VAL A 10 0.08 4.41 -16.13
N ILE A 11 -0.19 3.19 -16.59
CA ILE A 11 -1.44 2.51 -16.31
C ILE A 11 -1.59 2.26 -14.81
N PHE A 12 -0.62 1.57 -14.23
CA PHE A 12 -0.69 1.20 -12.82
C PHE A 12 -0.59 2.43 -11.92
N LYS A 13 0.29 3.36 -12.26
CA LYS A 13 0.46 4.57 -11.46
C LYS A 13 -0.84 5.36 -11.41
N GLN A 14 -1.54 5.41 -12.54
CA GLN A 14 -2.80 6.12 -12.63
C GLN A 14 -3.80 5.55 -11.63
N ILE A 15 -3.81 4.22 -11.51
CA ILE A 15 -4.69 3.54 -10.57
C ILE A 15 -4.34 3.91 -9.14
N PHE A 16 -3.06 3.84 -8.80
CA PHE A 16 -2.59 4.11 -7.45
C PHE A 16 -2.80 5.57 -7.06
N ASP A 17 -2.41 6.49 -7.94
CA ASP A 17 -2.56 7.92 -7.65
C ASP A 17 -4.03 8.31 -7.55
N LYS A 18 -4.88 7.62 -8.30
CA LYS A 18 -6.32 7.87 -8.26
C LYS A 18 -6.88 7.54 -6.88
N VAL A 19 -6.66 6.32 -6.42
CA VAL A 19 -7.23 5.85 -5.16
C VAL A 19 -6.68 6.63 -3.96
N ARG A 20 -5.46 7.14 -4.10
CA ARG A 20 -4.82 7.91 -3.02
C ARG A 20 -5.70 9.08 -2.55
N ASN A 21 -6.28 9.80 -3.51
CA ASN A 21 -7.09 10.97 -3.16
C ASN A 21 -8.57 10.68 -3.30
N ASP A 22 -8.92 9.85 -4.28
CA ASP A 22 -10.32 9.61 -4.63
C ASP A 22 -10.98 8.62 -3.67
N LEU A 23 -10.19 7.69 -3.14
CA LEU A 23 -10.71 6.54 -2.39
C LEU A 23 -11.46 5.60 -3.35
N ASN A 24 -10.91 5.50 -4.56
CA ASN A 24 -11.50 4.71 -5.63
C ASN A 24 -11.18 3.23 -5.44
N TYR A 25 -11.58 2.69 -4.29
CA TYR A 25 -11.24 1.33 -3.92
C TYR A 25 -11.83 0.29 -4.86
N GLN A 26 -13.04 0.55 -5.37
CA GLN A 26 -13.74 -0.42 -6.22
C GLN A 26 -12.92 -0.74 -7.47
N TRP A 27 -12.52 0.30 -8.19
CA TRP A 27 -11.76 0.13 -9.42
C TRP A 27 -10.34 -0.33 -9.09
N PHE A 28 -9.78 0.21 -8.02
CA PHE A 28 -8.42 -0.12 -7.58
C PHE A 28 -8.30 -1.63 -7.29
N TYR A 29 -9.19 -2.14 -6.47
CA TYR A 29 -9.17 -3.56 -6.08
C TYR A 29 -9.45 -4.47 -7.27
N SER A 30 -10.14 -3.94 -8.28
CA SER A 30 -10.48 -4.73 -9.45
C SER A 30 -9.29 -4.85 -10.40
N GLU A 31 -8.64 -3.74 -10.70
CA GLU A 31 -7.48 -3.75 -11.59
C GLU A 31 -6.31 -4.49 -10.96
N LEU A 32 -6.16 -4.39 -9.64
CA LEU A 32 -5.14 -5.14 -8.94
C LEU A 32 -5.41 -6.63 -9.10
N LYS A 33 -6.66 -7.04 -8.87
CA LYS A 33 -7.05 -8.44 -8.98
C LYS A 33 -7.01 -8.90 -10.44
N ARG A 34 -6.91 -7.96 -11.35
CA ARG A 34 -6.90 -8.25 -12.78
C ARG A 34 -5.49 -8.48 -13.29
N HIS A 35 -4.57 -7.59 -12.91
CA HIS A 35 -3.24 -7.59 -13.48
C HIS A 35 -2.23 -8.12 -12.47
N ASN A 36 -2.36 -7.68 -11.24
CA ASN A 36 -1.51 -8.14 -10.15
C ASN A 36 -2.03 -9.47 -9.64
N VAL A 37 -1.71 -10.53 -10.35
CA VAL A 37 -2.16 -11.87 -9.98
C VAL A 37 -1.36 -12.41 -8.79
N SER A 38 -0.22 -11.80 -8.52
CA SER A 38 0.64 -12.27 -7.45
C SER A 38 0.64 -11.29 -6.25
N HIS A 39 1.49 -10.28 -6.29
CA HIS A 39 1.64 -9.35 -5.18
C HIS A 39 2.51 -8.15 -5.56
N TYR A 40 2.27 -7.01 -4.94
CA TYR A 40 3.09 -5.83 -5.20
C TYR A 40 3.67 -5.27 -3.91
N ILE A 41 4.86 -4.71 -4.00
CA ILE A 41 5.53 -4.12 -2.85
C ILE A 41 5.60 -2.60 -3.01
N TYR A 42 4.94 -1.90 -2.11
CA TYR A 42 4.91 -0.45 -2.11
C TYR A 42 5.85 0.10 -1.05
N TYR A 43 6.93 0.74 -1.47
CA TYR A 43 7.85 1.36 -0.52
C TYR A 43 7.36 2.74 -0.13
N LEU A 44 7.02 2.92 1.15
CA LEU A 44 6.58 4.22 1.64
C LEU A 44 7.76 5.20 1.63
N ALA A 45 7.43 6.50 1.56
CA ALA A 45 8.44 7.59 1.48
C ALA A 45 9.08 7.64 0.11
N THR A 46 9.61 6.51 -0.34
CA THR A 46 10.24 6.43 -1.65
C THR A 46 9.17 6.36 -2.74
N GLU A 47 7.96 5.94 -2.35
CA GLU A 47 6.83 5.83 -3.28
C GLU A 47 7.17 4.94 -4.47
N ASN A 48 8.05 3.98 -4.21
CA ASN A 48 8.50 3.04 -5.23
C ASN A 48 7.62 1.80 -5.17
N VAL A 49 6.90 1.51 -6.25
CA VAL A 49 5.96 0.41 -6.26
C VAL A 49 6.45 -0.70 -7.18
N HIS A 50 6.55 -1.91 -6.64
CA HIS A 50 6.96 -3.06 -7.41
C HIS A 50 5.83 -4.05 -7.56
N ILE A 51 5.13 -3.99 -8.69
CA ILE A 51 4.06 -4.94 -8.97
C ILE A 51 4.66 -6.19 -9.61
N VAL A 52 4.81 -7.23 -8.81
CA VAL A 52 5.37 -8.47 -9.29
C VAL A 52 4.27 -9.33 -9.91
N LEU A 53 4.35 -9.52 -11.21
CA LEU A 53 3.38 -10.33 -11.92
C LEU A 53 3.61 -11.80 -11.61
N LYS A 54 2.90 -12.68 -12.30
CA LYS A 54 3.05 -14.10 -12.08
C LYS A 54 4.33 -14.63 -12.74
N ASN A 55 5.46 -14.15 -12.23
CA ASN A 55 6.78 -14.73 -12.47
C ASN A 55 7.36 -14.25 -13.81
N ASP A 56 6.72 -13.28 -14.42
CA ASP A 56 7.20 -12.77 -15.69
C ASP A 56 8.14 -11.59 -15.48
N ASN A 57 7.59 -10.45 -15.09
CA ASN A 57 8.39 -9.27 -14.82
C ASN A 57 7.77 -8.45 -13.69
N THR A 58 8.46 -7.41 -13.26
CA THR A 58 7.96 -6.54 -12.22
C THR A 58 7.70 -5.14 -12.77
N VAL A 59 6.51 -4.61 -12.50
CA VAL A 59 6.16 -3.26 -12.92
C VAL A 59 6.60 -2.28 -11.84
N LEU A 60 7.45 -1.33 -12.22
CA LEU A 60 8.03 -0.39 -11.27
C LEU A 60 7.36 0.97 -11.39
N LEU A 61 6.66 1.39 -10.34
CA LEU A 61 5.99 2.68 -10.33
C LEU A 61 6.75 3.67 -9.47
N LYS A 62 6.41 4.94 -9.65
CA LYS A 62 6.99 5.99 -8.85
C LYS A 62 5.95 7.07 -8.56
N GLY A 63 5.71 7.34 -7.29
CA GLY A 63 4.88 8.46 -6.92
C GLY A 63 5.58 9.78 -7.19
N LEU A 64 6.05 10.42 -6.13
CA LEU A 64 6.89 11.61 -6.27
C LEU A 64 8.26 11.36 -5.64
N LYS A 65 8.33 10.24 -4.91
CA LYS A 65 9.55 9.80 -4.19
C LYS A 65 10.13 10.92 -3.33
N ASN A 66 9.27 11.80 -2.87
CA ASN A 66 9.72 12.93 -2.06
C ASN A 66 8.91 13.02 -0.78
N ILE A 67 7.80 12.29 -0.71
CA ILE A 67 6.94 12.32 0.46
C ILE A 67 7.50 11.41 1.55
N VAL A 68 8.52 11.90 2.25
CA VAL A 68 9.13 11.15 3.33
C VAL A 68 8.44 11.49 4.64
N SER A 69 7.37 10.76 4.94
CA SER A 69 6.64 10.95 6.18
C SER A 69 6.84 9.75 7.11
N VAL A 70 7.74 8.86 6.73
CA VAL A 70 8.02 7.68 7.53
C VAL A 70 8.83 8.06 8.76
N LYS A 71 8.33 7.64 9.91
CA LYS A 71 8.93 8.01 11.19
C LYS A 71 9.51 6.78 11.88
N PHE A 72 10.60 6.98 12.60
CA PHE A 72 11.26 5.90 13.31
C PHE A 72 10.39 5.44 14.49
N SER A 73 9.51 4.50 14.21
CA SER A 73 8.64 3.92 15.22
C SER A 73 8.25 2.50 14.80
N LYS A 74 7.78 1.71 15.76
CA LYS A 74 7.28 0.37 15.47
C LYS A 74 5.97 0.15 16.20
N ASP A 75 4.95 0.90 15.83
CA ASP A 75 3.69 0.87 16.55
C ASP A 75 2.64 0.05 15.79
N ARG A 76 2.43 -1.16 16.27
CA ARG A 76 1.42 -2.06 15.70
C ARG A 76 0.02 -1.60 16.11
N HIS A 77 -0.04 -0.86 17.21
CA HIS A 77 -1.31 -0.40 17.75
C HIS A 77 -1.83 0.76 16.92
N LEU A 78 -0.93 1.65 16.51
CA LEU A 78 -1.30 2.78 15.67
C LEU A 78 -1.84 2.30 14.33
N ILE A 79 -1.27 1.23 13.80
CA ILE A 79 -1.77 0.63 12.58
C ILE A 79 -3.23 0.21 12.76
N GLU A 80 -3.49 -0.47 13.87
CA GLU A 80 -4.84 -0.91 14.22
C GLU A 80 -5.78 0.30 14.26
N THR A 81 -5.33 1.35 14.94
CA THR A 81 -6.10 2.58 15.07
C THR A 81 -6.30 3.24 13.70
N THR A 82 -5.29 3.18 12.84
CA THR A 82 -5.36 3.75 11.51
C THR A 82 -6.44 3.05 10.69
N SER A 83 -6.47 1.72 10.76
CA SER A 83 -7.50 0.94 10.10
C SER A 83 -8.88 1.33 10.61
N ASN A 84 -8.96 1.62 11.92
CA ASN A 84 -10.21 2.04 12.54
C ASN A 84 -10.65 3.41 12.06
N LYS A 85 -9.69 4.25 11.74
CA LYS A 85 -9.99 5.61 11.31
C LYS A 85 -10.66 5.59 9.92
N LEU A 86 -10.15 4.73 9.04
CA LEU A 86 -10.75 4.53 7.72
C LEU A 86 -12.06 3.76 7.86
N LYS A 87 -12.10 2.91 8.87
CA LYS A 87 -13.25 2.04 9.13
C LYS A 87 -14.43 2.85 9.66
N SER A 88 -14.16 3.76 10.57
CA SER A 88 -15.20 4.52 11.24
C SER A 88 -15.66 5.73 10.43
N ARG A 89 -14.71 6.56 10.00
CA ARG A 89 -15.06 7.80 9.35
C ARG A 89 -14.95 7.69 7.83
N GLU A 90 -13.72 7.77 7.31
CA GLU A 90 -13.43 7.56 5.88
C GLU A 90 -12.07 8.16 5.54
N ILE A 91 -11.76 9.31 6.15
CA ILE A 91 -10.52 10.06 5.92
C ILE A 91 -10.11 10.05 4.44
N THR A 92 -8.86 9.76 4.16
CA THR A 92 -8.36 9.68 2.79
C THR A 92 -7.24 8.65 2.73
N PHE A 93 -7.10 7.98 1.58
CA PHE A 93 -6.14 6.89 1.45
C PHE A 93 -4.72 7.41 1.61
N GLN A 94 -4.51 8.65 1.22
CA GLN A 94 -3.23 9.32 1.45
C GLN A 94 -2.90 9.33 2.94
N GLU A 95 -3.84 9.79 3.75
CA GLU A 95 -3.65 9.87 5.20
C GLU A 95 -3.57 8.48 5.82
N TYR A 96 -4.22 7.51 5.19
CA TYR A 96 -4.17 6.13 5.66
C TYR A 96 -2.73 5.64 5.65
N ARG A 97 -2.06 5.80 4.51
CA ARG A 97 -0.65 5.45 4.38
C ARG A 97 0.23 6.44 5.13
N ARG A 98 -0.24 7.67 5.23
CA ARG A 98 0.47 8.75 5.92
C ARG A 98 0.69 8.38 7.39
N ASN A 99 -0.39 7.94 8.05
CA ASN A 99 -0.33 7.56 9.46
C ASN A 99 0.41 6.24 9.63
N LEU A 100 0.33 5.39 8.61
CA LEU A 100 1.09 4.14 8.60
C LEU A 100 2.59 4.43 8.62
N ALA A 101 2.99 5.43 7.84
CA ALA A 101 4.38 5.87 7.82
C ALA A 101 4.80 6.38 9.18
N LYS A 102 3.86 7.04 9.86
CA LYS A 102 4.09 7.56 11.20
C LYS A 102 4.21 6.42 12.21
N ALA A 103 3.56 5.30 11.90
CA ALA A 103 3.60 4.13 12.76
C ALA A 103 4.90 3.36 12.58
N GLY A 104 5.56 3.59 11.45
CA GLY A 104 6.82 2.92 11.18
C GLY A 104 6.71 1.91 10.05
N VAL A 105 5.59 1.93 9.35
CA VAL A 105 5.39 1.04 8.21
C VAL A 105 6.17 1.55 7.01
N PHE A 106 7.15 0.77 6.58
CA PHE A 106 8.00 1.16 5.47
C PHE A 106 7.68 0.34 4.24
N ARG A 107 7.16 -0.86 4.45
CA ARG A 107 6.82 -1.75 3.35
C ARG A 107 5.33 -2.08 3.31
N TRP A 108 4.67 -1.58 2.28
CA TRP A 108 3.28 -1.90 2.01
C TRP A 108 3.22 -3.07 1.03
N VAL A 109 3.03 -4.27 1.54
CA VAL A 109 3.04 -5.46 0.68
C VAL A 109 1.65 -6.06 0.59
N THR A 110 0.99 -5.85 -0.53
CA THR A 110 -0.34 -6.40 -0.72
C THR A 110 -0.28 -7.67 -1.56
N ASN A 111 -0.42 -8.80 -0.89
CA ASN A 111 -0.47 -10.09 -1.57
C ASN A 111 -1.93 -10.38 -1.89
N ILE A 112 -2.36 -10.04 -3.09
CA ILE A 112 -3.75 -10.18 -3.49
C ILE A 112 -4.05 -11.64 -3.81
N HIS A 113 -2.99 -12.41 -4.03
CA HIS A 113 -3.12 -13.83 -4.28
C HIS A 113 -3.68 -14.52 -3.05
N GLU A 114 -3.41 -13.95 -1.88
CA GLU A 114 -3.92 -14.46 -0.62
C GLU A 114 -5.02 -13.56 -0.08
N GLN A 115 -5.22 -12.42 -0.75
CA GLN A 115 -6.17 -11.40 -0.31
C GLN A 115 -5.79 -10.89 1.08
N LYS A 116 -4.52 -10.55 1.26
CA LYS A 116 -4.03 -10.07 2.54
C LYS A 116 -3.03 -8.93 2.34
N ARG A 117 -3.20 -7.86 3.12
CA ARG A 117 -2.28 -6.73 3.08
C ARG A 117 -1.31 -6.80 4.24
N TYR A 118 -0.03 -6.91 3.94
CA TYR A 118 1.00 -7.05 4.94
C TYR A 118 1.72 -5.71 5.18
N TYR A 119 1.92 -5.38 6.45
CA TYR A 119 2.60 -4.14 6.81
C TYR A 119 3.90 -4.44 7.54
N TYR A 120 5.00 -4.03 6.93
CA TYR A 120 6.33 -4.29 7.48
C TYR A 120 7.05 -3.00 7.85
N THR A 121 7.69 -3.01 9.00
CA THR A 121 8.58 -1.91 9.38
C THR A 121 9.93 -2.09 8.69
N PHE A 122 10.88 -1.20 8.94
CA PHE A 122 12.18 -1.28 8.27
C PHE A 122 12.89 -2.61 8.57
N ASP A 123 12.62 -3.18 9.74
CA ASP A 123 13.16 -4.49 10.12
C ASP A 123 12.66 -5.59 9.20
N ASN A 124 11.57 -5.30 8.47
CA ASN A 124 10.91 -6.29 7.60
C ASN A 124 10.17 -7.32 8.46
N SER A 125 9.96 -6.96 9.71
CA SER A 125 9.17 -7.78 10.61
C SER A 125 7.69 -7.50 10.38
N LEU A 126 6.90 -8.54 10.37
CA LEU A 126 5.46 -8.42 10.18
C LEU A 126 4.83 -7.71 11.37
N LEU A 127 4.32 -6.51 11.12
CA LEU A 127 3.65 -5.74 12.15
C LEU A 127 2.16 -6.06 12.13
N PHE A 128 1.54 -5.90 10.97
CA PHE A 128 0.10 -6.07 10.85
C PHE A 128 -0.25 -6.76 9.54
N THR A 129 -1.44 -7.34 9.48
CA THR A 129 -1.91 -7.99 8.27
C THR A 129 -3.42 -7.84 8.14
N GLU A 130 -3.85 -7.09 7.13
CA GLU A 130 -5.26 -6.91 6.87
C GLU A 130 -5.75 -7.94 5.87
N SER A 131 -6.54 -8.89 6.34
CA SER A 131 -7.12 -9.90 5.48
C SER A 131 -8.42 -9.36 4.86
N ILE A 132 -8.39 -9.12 3.56
CA ILE A 132 -9.53 -8.50 2.89
C ILE A 132 -10.48 -9.55 2.33
N GLN A 133 -11.72 -9.51 2.79
CA GLN A 133 -12.75 -10.41 2.30
C GLN A 133 -13.75 -9.65 1.46
N ASP A 7 3.04 3.48 -22.38
CA ASP A 7 3.88 2.65 -21.51
C ASP A 7 3.06 2.02 -20.40
N GLN A 8 3.44 0.82 -20.00
CA GLN A 8 2.71 0.04 -19.00
C GLN A 8 2.71 0.74 -17.64
N VAL A 9 3.79 1.48 -17.34
CA VAL A 9 3.90 2.19 -16.08
C VAL A 9 2.77 3.21 -15.94
N VAL A 10 2.37 3.80 -17.06
CA VAL A 10 1.32 4.81 -17.07
C VAL A 10 0.00 4.23 -16.58
N ILE A 11 -0.31 3.00 -17.02
CA ILE A 11 -1.56 2.36 -16.63
C ILE A 11 -1.60 2.10 -15.13
N PHE A 12 -0.57 1.44 -14.62
CA PHE A 12 -0.52 1.07 -13.21
C PHE A 12 -0.43 2.31 -12.32
N LYS A 13 0.41 3.27 -12.70
CA LYS A 13 0.56 4.50 -11.92
C LYS A 13 -0.76 5.24 -11.83
N GLN A 14 -1.47 5.31 -12.95
CA GLN A 14 -2.72 6.04 -13.03
C GLN A 14 -3.74 5.51 -12.02
N ILE A 15 -3.78 4.20 -11.87
CA ILE A 15 -4.69 3.55 -10.93
C ILE A 15 -4.38 3.96 -9.50
N PHE A 16 -3.13 3.77 -9.09
CA PHE A 16 -2.71 4.09 -7.73
C PHE A 16 -2.78 5.59 -7.47
N ASP A 17 -2.46 6.38 -8.48
CA ASP A 17 -2.45 7.83 -8.35
C ASP A 17 -3.86 8.38 -8.21
N LYS A 18 -4.86 7.63 -8.67
CA LYS A 18 -6.26 8.03 -8.53
C LYS A 18 -6.83 7.59 -7.19
N VAL A 19 -6.51 6.37 -6.78
CA VAL A 19 -7.07 5.82 -5.55
C VAL A 19 -6.59 6.60 -4.33
N ARG A 20 -5.48 7.31 -4.49
CA ARG A 20 -4.96 8.16 -3.42
C ARG A 20 -5.92 9.30 -3.08
N ASN A 21 -6.64 9.79 -4.08
CA ASN A 21 -7.56 10.90 -3.87
C ASN A 21 -9.02 10.45 -3.87
N ASP A 22 -9.39 9.62 -4.82
CA ASP A 22 -10.78 9.26 -5.01
C ASP A 22 -11.22 8.21 -3.99
N LEU A 23 -10.26 7.38 -3.56
CA LEU A 23 -10.53 6.29 -2.62
C LEU A 23 -11.45 5.24 -3.24
N ASN A 24 -11.35 5.08 -4.55
CA ASN A 24 -12.15 4.11 -5.26
C ASN A 24 -11.50 2.73 -5.25
N TYR A 25 -11.72 1.99 -4.17
CA TYR A 25 -11.12 0.68 -4.01
C TYR A 25 -11.83 -0.34 -4.90
N GLN A 26 -13.06 -0.06 -5.25
CA GLN A 26 -13.84 -0.92 -6.14
C GLN A 26 -13.09 -1.10 -7.45
N TRP A 27 -12.86 0.00 -8.14
CA TRP A 27 -12.17 -0.02 -9.43
C TRP A 27 -10.70 -0.42 -9.24
N PHE A 28 -10.13 0.04 -8.13
CA PHE A 28 -8.73 -0.24 -7.79
C PHE A 28 -8.44 -1.74 -7.76
N TYR A 29 -9.17 -2.47 -6.93
CA TYR A 29 -8.93 -3.90 -6.77
C TYR A 29 -9.40 -4.69 -7.99
N SER A 30 -10.31 -4.12 -8.76
CA SER A 30 -10.79 -4.77 -9.98
C SER A 30 -9.66 -4.93 -10.98
N GLU A 31 -8.97 -3.82 -11.26
CA GLU A 31 -7.85 -3.86 -12.20
C GLU A 31 -6.68 -4.65 -11.62
N LEU A 32 -6.54 -4.64 -10.31
CA LEU A 32 -5.51 -5.45 -9.67
C LEU A 32 -5.73 -6.93 -9.97
N LYS A 33 -6.91 -7.43 -9.65
CA LYS A 33 -7.25 -8.84 -9.88
C LYS A 33 -7.24 -9.18 -11.37
N ARG A 34 -7.35 -8.16 -12.21
CA ARG A 34 -7.40 -8.35 -13.66
C ARG A 34 -6.03 -8.15 -14.31
N HIS A 35 -5.02 -7.76 -13.52
CA HIS A 35 -3.67 -7.59 -14.03
C HIS A 35 -2.66 -8.28 -13.12
N ASN A 36 -2.61 -7.83 -11.88
CA ASN A 36 -1.66 -8.35 -10.90
C ASN A 36 -2.30 -9.46 -10.07
N VAL A 37 -2.09 -10.68 -10.51
CA VAL A 37 -2.65 -11.85 -9.84
C VAL A 37 -1.69 -12.35 -8.75
N SER A 38 -0.61 -11.61 -8.51
CA SER A 38 0.39 -12.03 -7.53
C SER A 38 0.39 -11.10 -6.31
N HIS A 39 1.18 -10.03 -6.36
CA HIS A 39 1.33 -9.13 -5.21
C HIS A 39 2.08 -7.85 -5.59
N TYR A 40 1.93 -6.81 -4.79
CA TYR A 40 2.69 -5.59 -5.00
C TYR A 40 3.23 -5.08 -3.68
N ILE A 41 4.41 -4.46 -3.72
CA ILE A 41 5.03 -3.92 -2.53
C ILE A 41 5.02 -2.39 -2.57
N TYR A 42 4.27 -1.79 -1.67
CA TYR A 42 4.17 -0.35 -1.58
C TYR A 42 5.14 0.18 -0.53
N TYR A 43 6.12 0.95 -0.95
CA TYR A 43 7.07 1.54 -0.01
C TYR A 43 6.59 2.89 0.46
N LEU A 44 6.39 3.01 1.77
CA LEU A 44 5.83 4.20 2.38
C LEU A 44 6.93 5.18 2.73
N ALA A 45 7.02 6.20 1.89
CA ALA A 45 8.06 7.25 1.95
C ALA A 45 8.31 7.77 0.55
N THR A 46 8.90 6.93 -0.28
CA THR A 46 9.19 7.29 -1.65
C THR A 46 7.96 7.07 -2.52
N GLU A 47 6.98 6.36 -1.95
CA GLU A 47 5.73 6.04 -2.65
C GLU A 47 6.01 5.20 -3.88
N ASN A 48 7.08 4.41 -3.80
CA ASN A 48 7.47 3.53 -4.88
C ASN A 48 6.73 2.21 -4.77
N VAL A 49 5.81 1.98 -5.68
CA VAL A 49 5.01 0.77 -5.67
C VAL A 49 5.63 -0.26 -6.61
N HIS A 50 6.09 -1.36 -6.07
CA HIS A 50 6.70 -2.41 -6.88
C HIS A 50 5.68 -3.52 -7.13
N ILE A 51 5.04 -3.49 -8.29
CA ILE A 51 4.04 -4.50 -8.64
C ILE A 51 4.70 -5.68 -9.35
N VAL A 52 4.75 -6.81 -8.68
CA VAL A 52 5.30 -8.00 -9.28
C VAL A 52 4.18 -8.80 -9.96
N LEU A 53 4.11 -8.68 -11.28
CA LEU A 53 3.08 -9.37 -12.04
C LEU A 53 3.31 -10.87 -12.03
N LYS A 54 2.28 -11.62 -12.40
CA LYS A 54 2.36 -13.08 -12.43
C LYS A 54 3.33 -13.55 -13.52
N ASN A 55 3.61 -12.65 -14.45
CA ASN A 55 4.58 -12.89 -15.52
C ASN A 55 6.00 -12.61 -15.01
N ASP A 56 6.09 -12.32 -13.70
CA ASP A 56 7.36 -12.04 -13.01
C ASP A 56 7.84 -10.60 -13.30
N ASN A 57 7.26 -10.00 -14.33
CA ASN A 57 7.61 -8.64 -14.70
C ASN A 57 7.22 -7.65 -13.61
N THR A 58 8.21 -7.17 -12.89
CA THR A 58 7.98 -6.24 -11.81
C THR A 58 7.94 -4.80 -12.32
N VAL A 59 6.80 -4.17 -12.16
CA VAL A 59 6.62 -2.79 -12.57
C VAL A 59 6.71 -1.88 -11.35
N LEU A 60 7.77 -1.09 -11.27
CA LEU A 60 7.96 -0.20 -10.14
C LEU A 60 7.45 1.20 -10.47
N LEU A 61 6.51 1.67 -9.67
CA LEU A 61 5.92 2.98 -9.87
C LEU A 61 6.48 3.97 -8.85
N LYS A 62 7.36 4.86 -9.29
CA LYS A 62 7.81 5.94 -8.44
C LYS A 62 6.72 7.02 -8.39
N GLY A 63 5.90 6.93 -7.34
CA GLY A 63 4.74 7.80 -7.21
C GLY A 63 5.09 9.28 -7.29
N LEU A 64 5.71 9.79 -6.22
CA LEU A 64 6.08 11.20 -6.17
C LEU A 64 7.59 11.36 -6.26
N LYS A 65 8.28 11.14 -5.14
CA LYS A 65 9.72 11.25 -5.09
C LYS A 65 10.24 10.81 -3.73
N ASN A 66 10.00 11.64 -2.71
CA ASN A 66 10.47 11.35 -1.36
C ASN A 66 9.63 12.12 -0.34
N ILE A 67 8.76 11.41 0.35
CA ILE A 67 7.95 11.99 1.41
C ILE A 67 8.26 11.29 2.72
N VAL A 68 9.22 11.81 3.46
CA VAL A 68 9.66 11.17 4.69
C VAL A 68 8.76 11.56 5.88
N SER A 69 7.73 10.75 6.08
CA SER A 69 6.88 10.88 7.25
C SER A 69 7.08 9.69 8.16
N VAL A 70 8.08 8.88 7.82
CA VAL A 70 8.38 7.65 8.54
C VAL A 70 9.26 7.94 9.74
N LYS A 71 8.92 7.32 10.86
CA LYS A 71 9.67 7.51 12.08
C LYS A 71 10.31 6.20 12.51
N PHE A 72 11.35 6.30 13.33
CA PHE A 72 12.01 5.12 13.85
C PHE A 72 11.19 4.52 14.99
N SER A 73 10.18 3.75 14.61
CA SER A 73 9.28 3.12 15.57
C SER A 73 8.66 1.88 14.95
N LYS A 74 8.04 1.05 15.77
CA LYS A 74 7.29 -0.09 15.27
C LYS A 74 6.09 -0.37 16.18
N ASP A 75 4.99 0.32 15.89
CA ASP A 75 3.83 0.26 16.75
C ASP A 75 2.62 -0.31 16.01
N ARG A 76 2.11 -1.44 16.49
CA ARG A 76 0.97 -2.09 15.85
C ARG A 76 -0.33 -1.38 16.21
N HIS A 77 -0.34 -0.76 17.38
CA HIS A 77 -1.55 -0.12 17.89
C HIS A 77 -1.95 1.07 17.02
N LEU A 78 -0.96 1.82 16.55
CA LEU A 78 -1.21 2.93 15.65
C LEU A 78 -1.78 2.42 14.34
N ILE A 79 -1.20 1.34 13.82
CA ILE A 79 -1.73 0.69 12.62
C ILE A 79 -3.18 0.29 12.85
N GLU A 80 -3.40 -0.42 13.95
CA GLU A 80 -4.72 -0.89 14.36
C GLU A 80 -5.71 0.27 14.40
N THR A 81 -5.27 1.39 14.97
CA THR A 81 -6.10 2.58 15.08
C THR A 81 -6.32 3.21 13.70
N THR A 82 -5.30 3.17 12.86
CA THR A 82 -5.37 3.74 11.53
C THR A 82 -6.35 2.95 10.65
N SER A 83 -6.34 1.63 10.80
CA SER A 83 -7.28 0.78 10.08
C SER A 83 -8.71 1.14 10.43
N ASN A 84 -8.97 1.32 11.72
CA ASN A 84 -10.31 1.71 12.17
C ASN A 84 -10.60 3.17 11.78
N LYS A 85 -9.55 3.97 11.68
CA LYS A 85 -9.69 5.36 11.28
C LYS A 85 -10.20 5.45 9.84
N LEU A 86 -9.66 4.60 8.98
CA LEU A 86 -10.13 4.49 7.60
C LEU A 86 -11.54 3.90 7.57
N LYS A 87 -11.78 2.96 8.48
CA LYS A 87 -13.07 2.31 8.61
C LYS A 87 -14.17 3.31 8.99
N SER A 88 -13.93 4.07 10.05
CA SER A 88 -14.93 4.98 10.58
C SER A 88 -14.96 6.31 9.84
N ARG A 89 -13.82 6.99 9.76
CA ARG A 89 -13.78 8.35 9.24
C ARG A 89 -13.43 8.39 7.76
N GLU A 90 -12.78 7.32 7.28
CA GLU A 90 -12.40 7.18 5.87
C GLU A 90 -11.22 8.09 5.49
N ILE A 91 -11.23 9.34 6.00
CA ILE A 91 -10.17 10.32 5.75
C ILE A 91 -9.74 10.33 4.28
N THR A 92 -8.48 10.63 4.01
CA THR A 92 -7.94 10.50 2.68
C THR A 92 -6.78 9.50 2.71
N PHE A 93 -6.56 8.81 1.59
CA PHE A 93 -5.53 7.78 1.50
C PHE A 93 -4.16 8.34 1.83
N GLN A 94 -4.00 9.64 1.67
CA GLN A 94 -2.75 10.32 1.99
C GLN A 94 -2.42 10.18 3.47
N GLU A 95 -3.35 10.60 4.33
CA GLU A 95 -3.16 10.52 5.77
C GLU A 95 -3.03 9.07 6.22
N TYR A 96 -3.79 8.19 5.58
CA TYR A 96 -3.77 6.77 5.92
C TYR A 96 -2.35 6.21 5.81
N ARG A 97 -1.68 6.51 4.70
CA ARG A 97 -0.33 5.99 4.48
C ARG A 97 0.68 6.74 5.33
N ARG A 98 0.33 7.95 5.75
CA ARG A 98 1.22 8.76 6.58
C ARG A 98 1.14 8.31 8.04
N ASN A 99 -0.04 7.89 8.48
CA ASN A 99 -0.20 7.34 9.83
C ASN A 99 0.55 6.03 9.96
N LEU A 100 0.54 5.23 8.89
CA LEU A 100 1.26 3.98 8.86
C LEU A 100 2.77 4.22 8.94
N ALA A 101 3.22 5.27 8.26
CA ALA A 101 4.63 5.64 8.27
C ALA A 101 5.07 6.06 9.68
N LYS A 102 4.13 6.62 10.44
CA LYS A 102 4.40 7.01 11.82
C LYS A 102 4.58 5.78 12.70
N ALA A 103 3.88 4.71 12.34
CA ALA A 103 3.95 3.46 13.08
C ALA A 103 5.20 2.68 12.70
N GLY A 104 5.91 3.19 11.70
CA GLY A 104 7.15 2.55 11.27
C GLY A 104 6.95 1.63 10.10
N VAL A 105 5.75 1.63 9.53
CA VAL A 105 5.46 0.80 8.37
C VAL A 105 6.11 1.38 7.13
N PHE A 106 7.06 0.65 6.58
CA PHE A 106 7.80 1.11 5.41
C PHE A 106 7.51 0.21 4.21
N ARG A 107 7.12 -1.03 4.50
CA ARG A 107 6.86 -2.00 3.45
C ARG A 107 5.43 -2.52 3.53
N TRP A 108 4.60 -2.02 2.63
CA TRP A 108 3.21 -2.44 2.52
C TRP A 108 3.09 -3.51 1.44
N VAL A 109 2.90 -4.76 1.84
CA VAL A 109 2.80 -5.85 0.87
C VAL A 109 1.37 -6.39 0.81
N THR A 110 0.66 -6.05 -0.26
CA THR A 110 -0.67 -6.61 -0.47
C THR A 110 -0.57 -7.85 -1.33
N ASN A 111 -0.92 -8.98 -0.76
CA ASN A 111 -0.93 -10.24 -1.49
C ASN A 111 -2.33 -10.49 -2.02
N ILE A 112 -2.49 -10.34 -3.33
CA ILE A 112 -3.79 -10.45 -3.95
C ILE A 112 -4.36 -11.86 -3.82
N HIS A 113 -3.53 -12.85 -4.13
CA HIS A 113 -4.01 -14.22 -4.17
C HIS A 113 -4.25 -14.77 -2.77
N GLU A 114 -3.52 -14.25 -1.78
CA GLU A 114 -3.69 -14.70 -0.41
C GLU A 114 -4.73 -13.84 0.32
N GLN A 115 -5.13 -12.74 -0.32
CA GLN A 115 -6.18 -11.86 0.20
C GLN A 115 -5.77 -11.20 1.51
N LYS A 116 -4.49 -10.88 1.63
CA LYS A 116 -3.98 -10.31 2.88
C LYS A 116 -3.16 -9.05 2.63
N ARG A 117 -3.09 -8.19 3.64
CA ARG A 117 -2.19 -7.04 3.63
C ARG A 117 -1.12 -7.22 4.70
N TYR A 118 0.12 -7.35 4.28
CA TYR A 118 1.23 -7.52 5.21
C TYR A 118 1.92 -6.18 5.44
N TYR A 119 1.83 -5.69 6.66
CA TYR A 119 2.44 -4.42 7.03
C TYR A 119 3.79 -4.65 7.72
N TYR A 120 4.88 -4.40 6.98
CA TYR A 120 6.22 -4.59 7.50
C TYR A 120 6.85 -3.26 7.88
N THR A 121 7.58 -3.26 8.98
CA THR A 121 8.33 -2.08 9.40
C THR A 121 9.62 -1.98 8.60
N PHE A 122 10.32 -0.87 8.73
CA PHE A 122 11.57 -0.63 8.00
C PHE A 122 12.66 -1.59 8.46
N ASP A 123 12.41 -2.31 9.55
CA ASP A 123 13.37 -3.28 10.07
C ASP A 123 13.05 -4.68 9.56
N ASN A 124 12.17 -4.75 8.56
CA ASN A 124 11.81 -6.01 7.88
C ASN A 124 10.91 -6.89 8.76
N SER A 125 10.51 -6.38 9.91
CA SER A 125 9.68 -7.14 10.83
C SER A 125 8.20 -6.93 10.51
N LEU A 126 7.40 -7.96 10.71
CA LEU A 126 5.97 -7.90 10.44
C LEU A 126 5.23 -7.33 11.65
N LEU A 127 4.47 -6.27 11.42
CA LEU A 127 3.74 -5.63 12.51
C LEU A 127 2.27 -5.98 12.49
N PHE A 128 1.65 -5.89 11.31
CA PHE A 128 0.22 -6.10 11.20
C PHE A 128 -0.10 -6.87 9.93
N THR A 129 -1.18 -7.65 9.98
CA THR A 129 -1.65 -8.38 8.81
C THR A 129 -3.17 -8.50 8.84
N GLU A 130 -3.82 -7.97 7.81
CA GLU A 130 -5.27 -8.05 7.72
C GLU A 130 -5.65 -8.89 6.50
N SER A 131 -6.94 -9.15 6.34
CA SER A 131 -7.43 -9.92 5.22
C SER A 131 -8.54 -9.16 4.50
N ILE A 132 -8.41 -9.04 3.18
CA ILE A 132 -9.31 -8.20 2.39
C ILE A 132 -10.46 -8.99 1.78
N GLN A 133 -10.89 -10.04 2.48
CA GLN A 133 -12.03 -10.85 2.04
C GLN A 133 -13.32 -10.02 2.08
N ASP A 7 4.02 3.91 -21.45
CA ASP A 7 4.61 2.70 -20.90
C ASP A 7 3.74 2.13 -19.78
N GLN A 8 3.88 0.84 -19.51
CA GLN A 8 3.07 0.16 -18.51
C GLN A 8 3.19 0.83 -17.13
N VAL A 9 4.34 1.45 -16.87
CA VAL A 9 4.56 2.19 -15.63
C VAL A 9 3.48 3.28 -15.45
N VAL A 10 3.09 3.88 -16.56
CA VAL A 10 2.07 4.93 -16.54
C VAL A 10 0.72 4.34 -16.15
N ILE A 11 0.35 3.22 -16.76
CA ILE A 11 -0.93 2.57 -16.50
C ILE A 11 -1.08 2.23 -15.02
N PHE A 12 -0.07 1.56 -14.46
CA PHE A 12 -0.12 1.17 -13.05
C PHE A 12 -0.15 2.39 -12.14
N LYS A 13 0.61 3.43 -12.50
CA LYS A 13 0.58 4.66 -11.73
C LYS A 13 -0.82 5.25 -11.73
N GLN A 14 -1.45 5.29 -12.90
CA GLN A 14 -2.80 5.84 -13.05
C GLN A 14 -3.79 5.11 -12.14
N ILE A 15 -3.58 3.81 -11.98
CA ILE A 15 -4.42 3.00 -11.12
C ILE A 15 -4.33 3.48 -9.67
N PHE A 16 -3.12 3.51 -9.13
CA PHE A 16 -2.89 3.91 -7.75
C PHE A 16 -3.18 5.40 -7.55
N ASP A 17 -2.86 6.20 -8.55
CA ASP A 17 -3.00 7.65 -8.46
C ASP A 17 -4.46 8.06 -8.55
N LYS A 18 -5.31 7.17 -9.01
CA LYS A 18 -6.74 7.44 -9.08
C LYS A 18 -7.42 7.08 -7.75
N VAL A 19 -7.14 5.87 -7.25
CA VAL A 19 -7.81 5.36 -6.06
C VAL A 19 -7.36 6.07 -4.78
N ARG A 20 -6.15 6.64 -4.81
CA ARG A 20 -5.57 7.31 -3.64
C ARG A 20 -6.46 8.45 -3.15
N ASN A 21 -7.26 9.02 -4.04
CA ASN A 21 -8.11 10.15 -3.69
C ASN A 21 -9.58 9.77 -3.69
N ASP A 22 -10.01 9.06 -4.73
CA ASP A 22 -11.44 8.78 -4.92
C ASP A 22 -11.93 7.68 -4.00
N LEU A 23 -11.01 6.84 -3.53
CA LEU A 23 -11.33 5.77 -2.57
C LEU A 23 -12.31 4.75 -3.16
N ASN A 24 -12.44 4.76 -4.48
CA ASN A 24 -13.32 3.81 -5.16
C ASN A 24 -12.64 2.46 -5.30
N TYR A 25 -12.58 1.72 -4.20
CA TYR A 25 -11.88 0.44 -4.14
C TYR A 25 -12.44 -0.55 -5.16
N GLN A 26 -13.73 -0.43 -5.45
CA GLN A 26 -14.39 -1.29 -6.41
C GLN A 26 -13.70 -1.25 -7.77
N TRP A 27 -13.13 -0.10 -8.11
CA TRP A 27 -12.44 0.07 -9.37
C TRP A 27 -11.04 -0.56 -9.29
N PHE A 28 -10.40 -0.33 -8.17
CA PHE A 28 -8.98 -0.61 -8.01
C PHE A 28 -8.72 -2.10 -7.81
N TYR A 29 -9.58 -2.75 -7.02
CA TYR A 29 -9.45 -4.18 -6.79
C TYR A 29 -9.77 -4.96 -8.06
N SER A 30 -10.52 -4.32 -8.95
CA SER A 30 -10.76 -4.87 -10.28
C SER A 30 -9.47 -4.77 -11.09
N GLU A 31 -8.85 -3.58 -11.07
CA GLU A 31 -7.56 -3.37 -11.73
C GLU A 31 -6.53 -4.37 -11.24
N LEU A 32 -6.51 -4.60 -9.93
CA LEU A 32 -5.59 -5.54 -9.33
C LEU A 32 -5.73 -6.93 -9.92
N LYS A 33 -6.93 -7.49 -9.85
CA LYS A 33 -7.17 -8.84 -10.37
C LYS A 33 -6.90 -8.90 -11.86
N ARG A 34 -7.10 -7.79 -12.55
CA ARG A 34 -6.86 -7.71 -13.98
C ARG A 34 -5.38 -7.72 -14.32
N HIS A 35 -4.61 -6.90 -13.61
CA HIS A 35 -3.22 -6.65 -13.99
C HIS A 35 -2.26 -7.31 -13.02
N ASN A 36 -2.43 -7.02 -11.74
CA ASN A 36 -1.55 -7.52 -10.71
C ASN A 36 -2.05 -8.87 -10.20
N VAL A 37 -1.76 -9.91 -10.95
CA VAL A 37 -2.21 -11.25 -10.60
C VAL A 37 -1.40 -11.81 -9.42
N SER A 38 -0.24 -11.23 -9.16
CA SER A 38 0.63 -11.76 -8.11
C SER A 38 0.56 -10.91 -6.84
N HIS A 39 1.38 -9.85 -6.77
CA HIS A 39 1.48 -9.04 -5.56
C HIS A 39 2.31 -7.79 -5.82
N TYR A 40 2.06 -6.73 -5.06
CA TYR A 40 2.84 -5.52 -5.18
C TYR A 40 3.45 -5.13 -3.83
N ILE A 41 4.66 -4.58 -3.88
CA ILE A 41 5.38 -4.17 -2.68
C ILE A 41 5.58 -2.67 -2.69
N TYR A 42 4.88 -1.98 -1.81
CA TYR A 42 4.91 -0.53 -1.75
C TYR A 42 5.85 -0.07 -0.64
N TYR A 43 6.98 0.49 -1.01
CA TYR A 43 7.90 1.07 -0.04
C TYR A 43 7.53 2.52 0.21
N LEU A 44 7.07 2.82 1.43
CA LEU A 44 6.54 4.15 1.74
C LEU A 44 7.63 5.22 1.74
N ALA A 45 8.83 4.86 2.18
CA ALA A 45 9.92 5.84 2.30
C ALA A 45 10.38 6.37 0.95
N THR A 46 10.45 5.49 -0.03
CA THR A 46 10.89 5.87 -1.36
C THR A 46 9.71 6.08 -2.29
N GLU A 47 8.53 5.74 -1.79
CA GLU A 47 7.28 5.79 -2.55
C GLU A 47 7.35 4.87 -3.78
N ASN A 48 8.27 3.91 -3.74
CA ASN A 48 8.45 2.99 -4.84
C ASN A 48 7.49 1.82 -4.71
N VAL A 49 6.59 1.71 -5.68
CA VAL A 49 5.61 0.64 -5.69
C VAL A 49 6.05 -0.47 -6.63
N HIS A 50 6.49 -1.59 -6.08
CA HIS A 50 6.97 -2.71 -6.90
C HIS A 50 5.83 -3.69 -7.21
N ILE A 51 5.17 -3.50 -8.34
CA ILE A 51 4.12 -4.42 -8.76
C ILE A 51 4.73 -5.61 -9.48
N VAL A 52 4.82 -6.73 -8.79
CA VAL A 52 5.40 -7.93 -9.37
C VAL A 52 4.31 -8.72 -10.08
N LEU A 53 4.43 -8.81 -11.40
CA LEU A 53 3.46 -9.52 -12.21
C LEU A 53 3.71 -11.03 -12.14
N LYS A 54 2.75 -11.79 -12.64
CA LYS A 54 2.88 -13.25 -12.66
C LYS A 54 3.73 -13.67 -13.86
N ASN A 55 4.11 -12.68 -14.65
CA ASN A 55 4.98 -12.91 -15.80
C ASN A 55 6.40 -12.47 -15.46
N ASP A 56 6.71 -12.50 -14.15
CA ASP A 56 8.05 -12.22 -13.63
C ASP A 56 8.37 -10.73 -13.62
N ASN A 57 7.83 -10.00 -14.59
CA ASN A 57 8.12 -8.58 -14.73
C ASN A 57 7.63 -7.78 -13.52
N THR A 58 8.52 -7.00 -12.94
CA THR A 58 8.18 -6.14 -11.81
C THR A 58 8.06 -4.69 -12.26
N VAL A 59 6.85 -4.16 -12.20
CA VAL A 59 6.60 -2.77 -12.55
C VAL A 59 6.74 -1.90 -11.31
N LEU A 60 7.86 -1.21 -11.21
CA LEU A 60 8.11 -0.38 -10.04
C LEU A 60 7.80 1.09 -10.34
N LEU A 61 6.90 1.66 -9.55
CA LEU A 61 6.44 3.03 -9.75
C LEU A 61 6.94 3.93 -8.65
N LYS A 62 6.49 5.17 -8.70
CA LYS A 62 6.65 6.12 -7.60
C LYS A 62 5.28 6.74 -7.33
N GLY A 63 4.92 6.84 -6.06
CA GLY A 63 3.66 7.44 -5.68
C GLY A 63 3.54 8.85 -6.23
N LEU A 64 4.34 9.75 -5.68
CA LEU A 64 4.40 11.11 -6.17
C LEU A 64 5.82 11.63 -6.11
N LYS A 65 6.51 11.31 -5.01
CA LYS A 65 7.87 11.82 -4.80
C LYS A 65 8.72 10.80 -4.03
N ASN A 66 8.71 10.93 -2.69
CA ASN A 66 9.44 10.04 -1.78
C ASN A 66 9.28 10.54 -0.34
N ILE A 67 8.54 9.79 0.46
CA ILE A 67 8.28 10.19 1.83
C ILE A 67 9.34 9.64 2.78
N VAL A 68 10.41 10.40 2.94
CA VAL A 68 11.48 10.02 3.86
C VAL A 68 11.15 10.52 5.27
N SER A 69 9.87 10.73 5.50
CA SER A 69 9.37 11.18 6.78
C SER A 69 8.86 10.00 7.60
N VAL A 70 9.17 8.80 7.13
CA VAL A 70 8.79 7.57 7.81
C VAL A 70 9.50 7.47 9.15
N LYS A 71 8.77 7.12 10.19
CA LYS A 71 9.33 6.98 11.52
C LYS A 71 9.91 5.59 11.70
N PHE A 72 11.11 5.52 12.25
CA PHE A 72 11.74 4.24 12.53
C PHE A 72 11.15 3.66 13.81
N SER A 73 9.98 3.06 13.70
CA SER A 73 9.28 2.50 14.83
C SER A 73 8.69 1.15 14.48
N LYS A 74 8.16 0.45 15.48
CA LYS A 74 7.54 -0.85 15.29
C LYS A 74 6.32 -0.96 16.20
N ASP A 75 5.22 -0.35 15.79
CA ASP A 75 4.02 -0.32 16.62
C ASP A 75 2.77 -0.62 15.80
N ARG A 76 1.94 -1.52 16.31
CA ARG A 76 0.70 -1.87 15.63
C ARG A 76 -0.45 -1.02 16.15
N HIS A 77 -0.26 -0.42 17.32
CA HIS A 77 -1.32 0.36 17.94
C HIS A 77 -1.67 1.60 17.12
N LEU A 78 -0.65 2.27 16.58
CA LEU A 78 -0.87 3.44 15.74
C LEU A 78 -1.59 3.03 14.46
N ILE A 79 -1.22 1.87 13.92
CA ILE A 79 -1.90 1.32 12.75
C ILE A 79 -3.37 1.06 13.09
N GLU A 80 -3.58 0.40 14.22
CA GLU A 80 -4.91 0.08 14.72
C GLU A 80 -5.76 1.35 14.87
N THR A 81 -5.16 2.38 15.48
CA THR A 81 -5.85 3.64 15.72
C THR A 81 -6.19 4.34 14.40
N THR A 82 -5.28 4.28 13.44
CA THR A 82 -5.50 4.90 12.14
C THR A 82 -6.56 4.13 11.36
N SER A 83 -6.56 2.81 11.52
CA SER A 83 -7.59 1.96 10.92
C SER A 83 -8.95 2.26 11.56
N ASN A 84 -8.94 2.46 12.88
CA ASN A 84 -10.13 2.84 13.62
C ASN A 84 -10.67 4.16 13.09
N LYS A 85 -9.76 5.12 12.91
CA LYS A 85 -10.12 6.44 12.39
C LYS A 85 -10.70 6.33 10.98
N LEU A 86 -10.08 5.47 10.17
CA LEU A 86 -10.56 5.23 8.81
C LEU A 86 -11.97 4.63 8.82
N LYS A 87 -12.26 3.80 9.82
CA LYS A 87 -13.56 3.14 9.91
C LYS A 87 -14.65 4.13 10.31
N SER A 88 -14.34 5.02 11.24
CA SER A 88 -15.33 5.95 11.77
C SER A 88 -15.42 7.24 10.95
N ARG A 89 -14.31 7.67 10.39
CA ARG A 89 -14.28 8.93 9.65
C ARG A 89 -14.34 8.71 8.14
N GLU A 90 -13.76 7.61 7.68
CA GLU A 90 -13.52 7.39 6.26
C GLU A 90 -12.63 8.51 5.73
N ILE A 91 -11.35 8.42 6.08
CA ILE A 91 -10.38 9.44 5.72
C ILE A 91 -9.76 9.16 4.37
N THR A 92 -9.07 10.16 3.82
CA THR A 92 -8.37 10.01 2.57
C THR A 92 -7.25 8.98 2.70
N PHE A 93 -7.09 8.13 1.69
CA PHE A 93 -6.10 7.06 1.70
C PHE A 93 -4.69 7.62 1.97
N GLN A 94 -4.46 8.84 1.53
CA GLN A 94 -3.18 9.51 1.71
C GLN A 94 -2.88 9.72 3.20
N GLU A 95 -3.89 10.11 3.96
CA GLU A 95 -3.73 10.39 5.39
C GLU A 95 -3.52 9.07 6.14
N TYR A 96 -4.27 8.05 5.73
CA TYR A 96 -4.15 6.71 6.31
C TYR A 96 -2.71 6.22 6.22
N ARG A 97 -2.09 6.42 5.06
CA ARG A 97 -0.74 5.95 4.83
C ARG A 97 0.29 6.80 5.57
N ARG A 98 -0.04 8.07 5.79
CA ARG A 98 0.84 8.95 6.54
C ARG A 98 1.11 8.42 7.94
N ASN A 99 0.03 8.04 8.62
CA ASN A 99 0.14 7.55 9.99
C ASN A 99 0.73 6.15 10.03
N LEU A 100 0.57 5.41 8.94
CA LEU A 100 1.24 4.13 8.79
C LEU A 100 2.75 4.31 8.80
N ALA A 101 3.21 5.31 8.07
CA ALA A 101 4.64 5.65 8.03
C ALA A 101 5.11 6.10 9.41
N LYS A 102 4.21 6.71 10.17
CA LYS A 102 4.52 7.14 11.54
C LYS A 102 4.65 5.94 12.46
N ALA A 103 3.94 4.86 12.14
CA ALA A 103 3.98 3.65 12.95
C ALA A 103 5.19 2.80 12.61
N GLY A 104 5.86 3.16 11.53
CA GLY A 104 7.05 2.45 11.12
C GLY A 104 6.79 1.53 9.95
N VAL A 105 5.61 1.65 9.34
CA VAL A 105 5.27 0.83 8.18
C VAL A 105 6.05 1.30 6.97
N PHE A 106 7.13 0.59 6.67
CA PHE A 106 8.00 0.93 5.57
C PHE A 106 7.68 0.11 4.33
N ARG A 107 7.19 -1.10 4.54
CA ARG A 107 6.96 -2.03 3.45
C ARG A 107 5.51 -2.50 3.44
N TRP A 108 4.75 -1.97 2.50
CA TRP A 108 3.35 -2.35 2.31
C TRP A 108 3.28 -3.46 1.27
N VAL A 109 2.95 -4.66 1.71
CA VAL A 109 2.85 -5.79 0.79
C VAL A 109 1.41 -6.25 0.66
N THR A 110 0.94 -6.36 -0.56
CA THR A 110 -0.41 -6.88 -0.81
C THR A 110 -0.36 -8.02 -1.81
N ASN A 111 -0.66 -9.21 -1.33
CA ASN A 111 -0.70 -10.39 -2.17
C ASN A 111 -2.12 -10.64 -2.64
N ILE A 112 -2.35 -10.45 -3.94
CA ILE A 112 -3.70 -10.49 -4.49
C ILE A 112 -4.34 -11.87 -4.37
N HIS A 113 -3.68 -12.89 -4.92
CA HIS A 113 -4.25 -14.24 -4.90
C HIS A 113 -4.04 -14.90 -3.54
N GLU A 114 -3.58 -14.12 -2.57
CA GLU A 114 -3.49 -14.59 -1.18
C GLU A 114 -4.52 -13.85 -0.34
N GLN A 115 -4.98 -12.71 -0.85
CA GLN A 115 -6.01 -11.89 -0.21
C GLN A 115 -5.51 -11.33 1.14
N LYS A 116 -4.24 -10.93 1.18
CA LYS A 116 -3.64 -10.46 2.42
C LYS A 116 -2.89 -9.16 2.22
N ARG A 117 -2.88 -8.34 3.27
CA ARG A 117 -2.09 -7.12 3.29
C ARG A 117 -1.11 -7.17 4.46
N TYR A 118 0.16 -7.27 4.16
CA TYR A 118 1.19 -7.39 5.18
C TYR A 118 1.87 -6.05 5.40
N TYR A 119 1.89 -5.60 6.65
CA TYR A 119 2.52 -4.34 6.99
C TYR A 119 3.85 -4.58 7.68
N TYR A 120 4.94 -4.39 6.95
CA TYR A 120 6.27 -4.61 7.48
C TYR A 120 6.96 -3.28 7.79
N THR A 121 7.72 -3.26 8.87
CA THR A 121 8.56 -2.12 9.19
C THR A 121 9.86 -2.21 8.40
N PHE A 122 10.76 -1.24 8.59
CA PHE A 122 12.03 -1.20 7.84
C PHE A 122 12.88 -2.45 8.12
N ASP A 123 12.60 -3.11 9.23
CA ASP A 123 13.32 -4.32 9.61
C ASP A 123 12.52 -5.57 9.19
N ASN A 124 11.62 -5.36 8.23
CA ASN A 124 10.74 -6.41 7.68
C ASN A 124 10.03 -7.20 8.78
N SER A 125 9.87 -6.56 9.94
CA SER A 125 9.09 -7.14 11.01
C SER A 125 7.61 -6.96 10.71
N LEU A 126 6.87 -8.05 10.72
CA LEU A 126 5.44 -7.99 10.43
C LEU A 126 4.70 -7.32 11.57
N LEU A 127 4.18 -6.13 11.32
CA LEU A 127 3.47 -5.36 12.33
C LEU A 127 1.98 -5.68 12.29
N PHE A 128 1.37 -5.48 11.14
CA PHE A 128 -0.07 -5.67 11.01
C PHE A 128 -0.36 -6.66 9.88
N THR A 129 -1.40 -7.45 10.05
CA THR A 129 -1.81 -8.41 9.03
C THR A 129 -3.31 -8.29 8.78
N GLU A 130 -3.67 -7.73 7.63
CA GLU A 130 -5.06 -7.55 7.27
C GLU A 130 -5.42 -8.45 6.09
N SER A 131 -6.68 -8.81 5.97
CA SER A 131 -7.13 -9.61 4.86
C SER A 131 -8.23 -8.89 4.10
N ILE A 132 -8.06 -8.77 2.79
CA ILE A 132 -9.02 -8.08 1.95
C ILE A 132 -10.13 -9.02 1.49
N GLN A 133 -10.71 -9.73 2.47
CA GLN A 133 -11.71 -10.76 2.22
C GLN A 133 -11.06 -12.00 1.63
N ASP A 7 3.88 4.28 -20.95
CA ASP A 7 4.68 3.14 -20.48
C ASP A 7 3.86 2.33 -19.48
N GLN A 8 4.25 1.08 -19.26
CA GLN A 8 3.56 0.19 -18.33
C GLN A 8 3.48 0.81 -16.94
N VAL A 9 4.55 1.50 -16.54
CA VAL A 9 4.61 2.19 -15.26
C VAL A 9 3.49 3.23 -15.14
N VAL A 10 3.15 3.84 -16.26
CA VAL A 10 2.14 4.89 -16.28
C VAL A 10 0.76 4.33 -15.99
N ILE A 11 0.47 3.14 -16.52
CA ILE A 11 -0.82 2.48 -16.29
C ILE A 11 -1.01 2.20 -14.81
N PHE A 12 -0.02 1.58 -14.19
CA PHE A 12 -0.11 1.21 -12.78
C PHE A 12 -0.11 2.45 -11.89
N LYS A 13 0.76 3.42 -12.19
CA LYS A 13 0.80 4.65 -11.41
C LYS A 13 -0.52 5.41 -11.52
N GLN A 14 -1.16 5.30 -12.69
CA GLN A 14 -2.45 5.95 -12.92
C GLN A 14 -3.48 5.44 -11.93
N ILE A 15 -3.48 4.13 -11.69
CA ILE A 15 -4.41 3.49 -10.76
C ILE A 15 -4.21 3.98 -9.34
N PHE A 16 -2.96 3.92 -8.86
CA PHE A 16 -2.64 4.31 -7.50
C PHE A 16 -2.83 5.80 -7.28
N ASP A 17 -2.65 6.59 -8.33
CA ASP A 17 -2.86 8.03 -8.24
C ASP A 17 -4.35 8.33 -8.06
N LYS A 18 -5.19 7.61 -8.79
CA LYS A 18 -6.64 7.80 -8.69
C LYS A 18 -7.15 7.40 -7.31
N VAL A 19 -6.74 6.22 -6.83
CA VAL A 19 -7.21 5.72 -5.54
C VAL A 19 -6.72 6.62 -4.40
N ARG A 20 -5.59 7.27 -4.61
CA ARG A 20 -5.03 8.20 -3.63
C ARG A 20 -5.97 9.35 -3.35
N ASN A 21 -6.68 9.79 -4.39
CA ASN A 21 -7.53 10.97 -4.29
C ASN A 21 -9.00 10.59 -4.20
N ASP A 22 -9.41 9.64 -5.01
CA ASP A 22 -10.84 9.32 -5.16
C ASP A 22 -11.31 8.28 -4.15
N LEU A 23 -10.38 7.43 -3.69
CA LEU A 23 -10.70 6.37 -2.72
C LEU A 23 -11.70 5.37 -3.31
N ASN A 24 -11.62 5.18 -4.62
CA ASN A 24 -12.51 4.26 -5.33
C ASN A 24 -12.12 2.82 -5.04
N TYR A 25 -12.86 2.18 -4.12
CA TYR A 25 -12.60 0.78 -3.78
C TYR A 25 -13.00 -0.14 -4.92
N GLN A 26 -14.10 0.20 -5.59
CA GLN A 26 -14.65 -0.64 -6.66
C GLN A 26 -13.63 -0.83 -7.78
N TRP A 27 -13.16 0.28 -8.34
CA TRP A 27 -12.25 0.25 -9.47
C TRP A 27 -10.87 -0.25 -9.06
N PHE A 28 -10.41 0.18 -7.89
CA PHE A 28 -9.07 -0.16 -7.39
C PHE A 28 -8.88 -1.68 -7.32
N TYR A 29 -9.74 -2.36 -6.57
CA TYR A 29 -9.59 -3.79 -6.37
C TYR A 29 -9.88 -4.57 -7.64
N SER A 30 -10.74 -4.03 -8.49
CA SER A 30 -11.04 -4.68 -9.76
C SER A 30 -9.83 -4.65 -10.68
N GLU A 31 -9.16 -3.51 -10.76
CA GLU A 31 -7.96 -3.38 -11.56
C GLU A 31 -6.82 -4.20 -10.97
N LEU A 32 -6.78 -4.29 -9.64
CA LEU A 32 -5.80 -5.13 -8.98
C LEU A 32 -5.98 -6.57 -9.42
N LYS A 33 -7.20 -7.08 -9.31
CA LYS A 33 -7.51 -8.45 -9.71
C LYS A 33 -7.29 -8.64 -11.22
N ARG A 34 -7.39 -7.54 -11.95
CA ARG A 34 -7.28 -7.56 -13.41
C ARG A 34 -5.81 -7.60 -13.87
N HIS A 35 -4.88 -7.18 -13.00
CA HIS A 35 -3.49 -7.07 -13.39
C HIS A 35 -2.58 -7.76 -12.38
N ASN A 36 -2.68 -7.34 -11.12
CA ASN A 36 -1.82 -7.84 -10.06
C ASN A 36 -2.41 -9.11 -9.45
N VAL A 37 -2.05 -10.25 -10.01
CA VAL A 37 -2.51 -11.53 -9.52
C VAL A 37 -1.73 -11.97 -8.27
N SER A 38 -0.47 -11.54 -8.18
CA SER A 38 0.40 -11.97 -7.09
C SER A 38 0.37 -10.98 -5.92
N HIS A 39 1.16 -9.91 -6.02
CA HIS A 39 1.31 -8.97 -4.91
C HIS A 39 2.05 -7.71 -5.36
N TYR A 40 1.70 -6.58 -4.76
CA TYR A 40 2.42 -5.35 -5.03
C TYR A 40 3.08 -4.86 -3.74
N ILE A 41 4.32 -4.40 -3.86
CA ILE A 41 5.08 -3.94 -2.71
C ILE A 41 5.29 -2.44 -2.79
N TYR A 42 4.58 -1.71 -1.96
CA TYR A 42 4.63 -0.26 -1.94
C TYR A 42 5.60 0.20 -0.85
N TYR A 43 6.75 0.71 -1.25
CA TYR A 43 7.71 1.23 -0.29
C TYR A 43 7.39 2.70 0.00
N LEU A 44 6.89 2.96 1.20
CA LEU A 44 6.50 4.31 1.58
C LEU A 44 7.73 5.20 1.72
N ALA A 45 7.52 6.52 1.66
CA ALA A 45 8.58 7.52 1.81
C ALA A 45 9.44 7.60 0.56
N THR A 46 9.90 6.46 0.08
CA THR A 46 10.65 6.40 -1.15
C THR A 46 9.68 6.33 -2.33
N GLU A 47 8.47 5.86 -2.05
CA GLU A 47 7.38 5.81 -3.02
C GLU A 47 7.73 4.94 -4.23
N ASN A 48 8.43 3.85 -3.98
CA ASN A 48 8.71 2.86 -5.02
C ASN A 48 7.74 1.71 -4.92
N VAL A 49 6.82 1.62 -5.86
CA VAL A 49 5.81 0.57 -5.84
C VAL A 49 6.20 -0.56 -6.79
N HIS A 50 6.53 -1.71 -6.23
CA HIS A 50 6.92 -2.86 -7.04
C HIS A 50 5.76 -3.84 -7.18
N ILE A 51 5.08 -3.78 -8.31
CA ILE A 51 3.95 -4.66 -8.58
C ILE A 51 4.43 -5.93 -9.25
N VAL A 52 4.37 -7.04 -8.53
CA VAL A 52 4.75 -8.32 -9.08
C VAL A 52 3.53 -9.00 -9.68
N LEU A 53 3.49 -9.09 -11.01
CA LEU A 53 2.37 -9.67 -11.71
C LEU A 53 2.29 -11.18 -11.47
N LYS A 54 1.36 -11.83 -12.17
CA LYS A 54 1.13 -13.27 -12.00
C LYS A 54 2.43 -14.05 -12.16
N ASN A 55 2.99 -14.01 -13.36
CA ASN A 55 4.28 -14.64 -13.62
C ASN A 55 4.98 -13.90 -14.74
N ASP A 56 4.51 -12.67 -14.98
CA ASP A 56 4.99 -11.87 -16.09
C ASP A 56 6.29 -11.15 -15.73
N ASN A 57 6.17 -10.00 -15.07
CA ASN A 57 7.33 -9.22 -14.68
C ASN A 57 6.97 -8.32 -13.51
N THR A 58 7.97 -7.73 -12.88
CA THR A 58 7.74 -6.80 -11.79
C THR A 58 7.74 -5.37 -12.30
N VAL A 59 6.66 -4.65 -12.05
CA VAL A 59 6.54 -3.26 -12.47
C VAL A 59 6.86 -2.34 -11.31
N LEU A 60 7.91 -1.55 -11.43
CA LEU A 60 8.31 -0.67 -10.36
C LEU A 60 7.91 0.77 -10.66
N LEU A 61 7.00 1.28 -9.85
CA LEU A 61 6.63 2.69 -9.90
C LEU A 61 7.61 3.47 -9.04
N LYS A 62 8.69 3.89 -9.67
CA LYS A 62 9.76 4.58 -8.95
C LYS A 62 9.44 6.05 -8.73
N GLY A 63 8.98 6.36 -7.53
CA GLY A 63 8.72 7.73 -7.16
C GLY A 63 7.28 8.13 -7.45
N LEU A 64 6.68 8.85 -6.51
CA LEU A 64 5.34 9.37 -6.68
C LEU A 64 5.38 10.90 -6.63
N LYS A 65 5.89 11.43 -5.51
CA LYS A 65 6.06 12.86 -5.34
C LYS A 65 6.92 13.16 -4.11
N ASN A 66 6.36 12.92 -2.93
CA ASN A 66 7.05 13.24 -1.69
C ASN A 66 6.55 12.32 -0.57
N ILE A 67 6.33 12.85 0.62
CA ILE A 67 5.95 12.07 1.80
C ILE A 67 7.15 11.27 2.31
N VAL A 68 7.76 11.73 3.40
CA VAL A 68 8.90 11.06 3.99
C VAL A 68 9.04 11.42 5.47
N SER A 69 8.54 10.55 6.33
CA SER A 69 8.64 10.74 7.77
C SER A 69 8.48 9.42 8.51
N VAL A 70 8.89 8.34 7.85
CA VAL A 70 8.84 7.01 8.47
C VAL A 70 9.77 6.96 9.67
N LYS A 71 9.20 6.64 10.82
CA LYS A 71 9.96 6.64 12.07
C LYS A 71 10.79 5.37 12.20
N PHE A 72 11.80 5.44 13.06
CA PHE A 72 12.62 4.27 13.37
C PHE A 72 11.96 3.45 14.46
N SER A 73 10.78 3.90 14.88
CA SER A 73 9.97 3.17 15.82
C SER A 73 9.02 2.25 15.08
N LYS A 74 8.49 1.25 15.77
CA LYS A 74 7.57 0.31 15.16
C LYS A 74 6.41 0.01 16.10
N ASP A 75 5.22 0.49 15.73
CA ASP A 75 4.04 0.34 16.56
C ASP A 75 2.90 -0.27 15.75
N ARG A 76 2.19 -1.22 16.36
CA ARG A 76 1.12 -1.93 15.68
C ARG A 76 -0.25 -1.36 16.01
N HIS A 77 -0.35 -0.69 17.16
CA HIS A 77 -1.61 -0.08 17.58
C HIS A 77 -1.98 1.09 16.68
N LEU A 78 -0.98 1.82 16.21
CA LEU A 78 -1.20 2.93 15.31
C LEU A 78 -1.67 2.42 13.96
N ILE A 79 -1.15 1.27 13.54
CA ILE A 79 -1.63 0.60 12.33
C ILE A 79 -3.10 0.23 12.50
N GLU A 80 -3.39 -0.40 13.63
CA GLU A 80 -4.74 -0.81 14.00
C GLU A 80 -5.71 0.37 13.96
N THR A 81 -5.37 1.42 14.70
CA THR A 81 -6.23 2.59 14.80
C THR A 81 -6.42 3.28 13.45
N THR A 82 -5.37 3.29 12.63
CA THR A 82 -5.46 3.87 11.30
C THR A 82 -6.35 3.02 10.39
N SER A 83 -6.23 1.71 10.51
CA SER A 83 -7.10 0.78 9.79
C SER A 83 -8.56 1.02 10.16
N ASN A 84 -8.85 1.03 11.46
CA ASN A 84 -10.20 1.26 11.95
C ASN A 84 -10.68 2.65 11.56
N LYS A 85 -9.75 3.61 11.52
CA LYS A 85 -10.06 4.97 11.11
C LYS A 85 -10.58 4.98 9.68
N LEU A 86 -9.86 4.31 8.80
CA LEU A 86 -10.26 4.21 7.40
C LEU A 86 -11.57 3.45 7.28
N LYS A 87 -11.67 2.35 8.00
CA LYS A 87 -12.86 1.50 7.99
C LYS A 87 -14.10 2.28 8.43
N SER A 88 -13.92 3.21 9.36
CA SER A 88 -15.06 3.93 9.92
C SER A 88 -15.35 5.24 9.18
N ARG A 89 -14.32 6.05 8.94
CA ARG A 89 -14.54 7.40 8.43
C ARG A 89 -14.34 7.49 6.93
N GLU A 90 -13.67 6.51 6.33
CA GLU A 90 -13.26 6.58 4.92
C GLU A 90 -12.37 7.80 4.70
N ILE A 91 -11.15 7.73 5.21
CA ILE A 91 -10.22 8.85 5.16
C ILE A 91 -9.40 8.80 3.88
N THR A 92 -8.83 9.94 3.52
CA THR A 92 -8.02 10.05 2.32
C THR A 92 -6.80 9.11 2.40
N PHE A 93 -6.44 8.52 1.26
CA PHE A 93 -5.35 7.54 1.21
C PHE A 93 -4.03 8.17 1.66
N GLN A 94 -3.91 9.48 1.47
CA GLN A 94 -2.72 10.20 1.91
C GLN A 94 -2.65 10.25 3.44
N GLU A 95 -3.81 10.44 4.07
CA GLU A 95 -3.89 10.50 5.53
C GLU A 95 -3.66 9.11 6.12
N TYR A 96 -4.15 8.10 5.43
CA TYR A 96 -4.00 6.71 5.85
C TYR A 96 -2.52 6.35 5.93
N ARG A 97 -1.78 6.61 4.85
CA ARG A 97 -0.37 6.28 4.82
C ARG A 97 0.45 7.20 5.69
N ARG A 98 -0.04 8.41 5.93
CA ARG A 98 0.65 9.37 6.79
C ARG A 98 0.85 8.78 8.18
N ASN A 99 -0.26 8.38 8.79
CA ASN A 99 -0.23 7.80 10.13
C ASN A 99 0.49 6.46 10.12
N LEU A 100 0.33 5.74 9.02
CA LEU A 100 0.95 4.42 8.87
C LEU A 100 2.47 4.56 8.85
N ALA A 101 2.95 5.62 8.19
CA ALA A 101 4.39 5.89 8.15
C ALA A 101 4.90 6.29 9.53
N LYS A 102 4.05 6.92 10.32
CA LYS A 102 4.41 7.29 11.70
C LYS A 102 4.53 6.03 12.55
N ALA A 103 3.84 4.98 12.14
CA ALA A 103 3.86 3.71 12.87
C ALA A 103 5.12 2.93 12.57
N GLY A 104 5.82 3.30 11.51
CA GLY A 104 7.05 2.63 11.14
C GLY A 104 6.89 1.70 9.97
N VAL A 105 5.72 1.74 9.34
CA VAL A 105 5.45 0.89 8.19
C VAL A 105 6.13 1.46 6.94
N PHE A 106 7.17 0.79 6.51
CA PHE A 106 7.96 1.23 5.36
C PHE A 106 7.65 0.37 4.14
N ARG A 107 7.29 -0.87 4.38
CA ARG A 107 7.08 -1.82 3.30
C ARG A 107 5.64 -2.32 3.27
N TRP A 108 4.87 -1.82 2.32
CA TRP A 108 3.47 -2.21 2.14
C TRP A 108 3.39 -3.38 1.15
N VAL A 109 3.15 -4.58 1.65
CA VAL A 109 3.04 -5.74 0.78
C VAL A 109 1.61 -6.27 0.77
N THR A 110 0.95 -6.21 -0.36
CA THR A 110 -0.40 -6.73 -0.47
C THR A 110 -0.48 -7.86 -1.48
N ASN A 111 -0.71 -9.06 -0.97
CA ASN A 111 -0.90 -10.23 -1.81
C ASN A 111 -2.36 -10.37 -2.18
N ILE A 112 -2.70 -10.01 -3.41
CA ILE A 112 -4.08 -10.07 -3.88
C ILE A 112 -4.56 -11.50 -3.92
N HIS A 113 -3.67 -12.40 -4.32
CA HIS A 113 -3.98 -13.83 -4.41
C HIS A 113 -4.29 -14.39 -3.01
N GLU A 114 -3.69 -13.80 -1.98
CA GLU A 114 -3.89 -14.29 -0.63
C GLU A 114 -4.99 -13.51 0.08
N GLN A 115 -5.37 -12.36 -0.48
CA GLN A 115 -6.36 -11.47 0.11
C GLN A 115 -5.87 -10.94 1.46
N LYS A 116 -4.57 -10.66 1.53
CA LYS A 116 -3.95 -10.23 2.79
C LYS A 116 -2.95 -9.09 2.56
N ARG A 117 -3.01 -8.09 3.44
CA ARG A 117 -2.05 -6.99 3.41
C ARG A 117 -1.05 -7.15 4.56
N TYR A 118 0.23 -7.13 4.22
CA TYR A 118 1.29 -7.28 5.19
C TYR A 118 1.99 -5.95 5.41
N TYR A 119 2.09 -5.53 6.65
CA TYR A 119 2.73 -4.27 6.99
C TYR A 119 4.11 -4.53 7.60
N TYR A 120 5.16 -4.20 6.85
CA TYR A 120 6.52 -4.42 7.31
C TYR A 120 7.16 -3.12 7.76
N THR A 121 7.91 -3.19 8.85
CA THR A 121 8.69 -2.06 9.33
C THR A 121 9.98 -1.94 8.53
N PHE A 122 10.75 -0.89 8.78
CA PHE A 122 12.02 -0.67 8.09
C PHE A 122 13.01 -1.79 8.44
N ASP A 123 12.72 -2.49 9.53
CA ASP A 123 13.52 -3.64 9.96
C ASP A 123 13.32 -4.83 9.02
N ASN A 124 12.34 -4.69 8.12
CA ASN A 124 11.93 -5.78 7.23
C ASN A 124 11.25 -6.90 8.02
N SER A 125 10.69 -6.52 9.16
CA SER A 125 9.97 -7.45 10.00
C SER A 125 8.47 -7.21 9.85
N LEU A 126 7.71 -8.29 9.80
CA LEU A 126 6.26 -8.20 9.65
C LEU A 126 5.62 -7.72 10.95
N LEU A 127 5.05 -6.53 10.91
CA LEU A 127 4.40 -5.95 12.07
C LEU A 127 2.96 -6.43 12.17
N PHE A 128 2.15 -6.06 11.20
CA PHE A 128 0.73 -6.33 11.24
C PHE A 128 0.30 -7.10 10.00
N THR A 129 -0.58 -8.08 10.19
CA THR A 129 -1.11 -8.84 9.08
C THR A 129 -2.61 -8.65 8.96
N GLU A 130 -3.03 -7.86 7.99
CA GLU A 130 -4.44 -7.53 7.83
C GLU A 130 -5.02 -8.15 6.58
N SER A 131 -5.92 -9.10 6.76
CA SER A 131 -6.61 -9.70 5.64
C SER A 131 -7.68 -8.74 5.09
N ILE A 132 -7.78 -8.63 3.78
CA ILE A 132 -8.75 -7.73 3.16
C ILE A 132 -10.09 -8.43 2.97
N GLN A 133 -10.19 -9.64 3.48
CA GLN A 133 -11.44 -10.37 3.48
C GLN A 133 -12.31 -9.85 4.62
N ASP A 7 3.86 2.60 -21.69
CA ASP A 7 4.71 2.05 -20.65
C ASP A 7 3.83 1.59 -19.50
N GLN A 8 4.04 0.36 -19.05
CA GLN A 8 3.14 -0.28 -18.09
C GLN A 8 3.13 0.44 -16.74
N VAL A 9 4.20 1.18 -16.44
CA VAL A 9 4.27 1.94 -15.20
C VAL A 9 3.18 3.01 -15.17
N VAL A 10 2.91 3.60 -16.33
CA VAL A 10 1.89 4.65 -16.44
C VAL A 10 0.52 4.12 -16.05
N ILE A 11 0.22 2.90 -16.50
CA ILE A 11 -1.09 2.29 -16.23
C ILE A 11 -1.31 2.11 -14.73
N PHE A 12 -0.37 1.43 -14.09
CA PHE A 12 -0.50 1.15 -12.65
C PHE A 12 -0.43 2.42 -11.83
N LYS A 13 0.46 3.34 -12.20
CA LYS A 13 0.61 4.60 -11.49
C LYS A 13 -0.68 5.40 -11.57
N GLN A 14 -1.35 5.32 -12.70
CA GLN A 14 -2.61 6.02 -12.93
C GLN A 14 -3.70 5.53 -11.97
N ILE A 15 -3.69 4.22 -11.71
CA ILE A 15 -4.64 3.63 -10.78
C ILE A 15 -4.48 4.22 -9.39
N PHE A 16 -3.25 4.23 -8.90
CA PHE A 16 -2.95 4.78 -7.58
C PHE A 16 -3.10 6.31 -7.59
N ASP A 17 -2.77 6.91 -8.73
CA ASP A 17 -2.82 8.36 -8.91
C ASP A 17 -4.21 8.91 -8.61
N LYS A 18 -5.24 8.20 -9.01
CA LYS A 18 -6.60 8.67 -8.82
C LYS A 18 -7.19 8.17 -7.50
N VAL A 19 -6.90 6.93 -7.12
CA VAL A 19 -7.49 6.35 -5.93
C VAL A 19 -7.06 7.08 -4.66
N ARG A 20 -5.87 7.68 -4.66
CA ARG A 20 -5.38 8.41 -3.50
C ARG A 20 -6.16 9.71 -3.29
N ASN A 21 -6.94 10.09 -4.30
CA ASN A 21 -7.68 11.33 -4.25
C ASN A 21 -9.18 11.07 -4.23
N ASP A 22 -9.64 10.30 -5.21
CA ASP A 22 -11.08 10.09 -5.39
C ASP A 22 -11.58 8.89 -4.61
N LEU A 23 -10.65 8.05 -4.14
CA LEU A 23 -10.98 6.89 -3.30
C LEU A 23 -11.90 5.91 -4.02
N ASN A 24 -11.73 5.78 -5.33
CA ASN A 24 -12.52 4.84 -6.11
C ASN A 24 -11.97 3.41 -5.97
N TYR A 25 -12.43 2.72 -4.93
CA TYR A 25 -11.94 1.39 -4.63
C TYR A 25 -12.58 0.33 -5.51
N GLN A 26 -13.77 0.64 -6.04
CA GLN A 26 -14.47 -0.29 -6.92
C GLN A 26 -13.61 -0.62 -8.14
N TRP A 27 -13.11 0.42 -8.80
CA TRP A 27 -12.23 0.24 -9.95
C TRP A 27 -10.84 -0.21 -9.50
N PHE A 28 -10.45 0.24 -8.31
CA PHE A 28 -9.14 -0.07 -7.75
C PHE A 28 -8.96 -1.57 -7.57
N TYR A 29 -9.84 -2.20 -6.80
CA TYR A 29 -9.74 -3.62 -6.52
C TYR A 29 -9.93 -4.46 -7.78
N SER A 30 -10.75 -3.98 -8.69
CA SER A 30 -11.01 -4.70 -9.94
C SER A 30 -9.74 -4.82 -10.78
N GLU A 31 -9.02 -3.72 -10.93
CA GLU A 31 -7.77 -3.73 -11.68
C GLU A 31 -6.70 -4.53 -10.93
N LEU A 32 -6.74 -4.49 -9.61
CA LEU A 32 -5.81 -5.28 -8.81
C LEU A 32 -5.98 -6.77 -9.11
N LYS A 33 -7.21 -7.24 -9.09
CA LYS A 33 -7.50 -8.65 -9.34
C LYS A 33 -7.34 -9.00 -10.81
N ARG A 34 -7.21 -7.99 -11.67
CA ARG A 34 -7.09 -8.21 -13.10
C ARG A 34 -5.63 -8.11 -13.55
N HIS A 35 -4.77 -7.52 -12.72
CA HIS A 35 -3.37 -7.33 -13.09
C HIS A 35 -2.44 -7.89 -12.03
N ASN A 36 -2.72 -7.57 -10.78
CA ASN A 36 -1.88 -8.00 -9.66
C ASN A 36 -2.29 -9.39 -9.22
N VAL A 37 -1.83 -10.39 -9.96
CA VAL A 37 -2.21 -11.77 -9.69
C VAL A 37 -1.56 -12.28 -8.41
N SER A 38 -0.36 -11.79 -8.11
CA SER A 38 0.31 -12.21 -6.89
C SER A 38 0.23 -11.13 -5.80
N HIS A 39 1.12 -10.15 -5.85
CA HIS A 39 1.22 -9.16 -4.76
C HIS A 39 1.99 -7.94 -5.21
N TYR A 40 1.77 -6.81 -4.54
CA TYR A 40 2.54 -5.61 -4.80
C TYR A 40 3.11 -5.06 -3.49
N ILE A 41 4.34 -4.57 -3.56
CA ILE A 41 5.02 -4.05 -2.39
C ILE A 41 5.10 -2.52 -2.46
N TYR A 42 4.33 -1.86 -1.62
CA TYR A 42 4.30 -0.42 -1.58
C TYR A 42 5.35 0.09 -0.59
N TYR A 43 6.38 0.75 -1.10
CA TYR A 43 7.36 1.37 -0.24
C TYR A 43 6.96 2.80 0.07
N LEU A 44 6.65 3.06 1.33
CA LEU A 44 6.20 4.36 1.75
C LEU A 44 7.32 5.38 1.70
N ALA A 45 6.95 6.66 1.64
CA ALA A 45 7.89 7.77 1.45
C ALA A 45 8.47 7.75 0.04
N THR A 46 9.26 6.73 -0.27
CA THR A 46 9.87 6.61 -1.59
C THR A 46 8.78 6.51 -2.66
N GLU A 47 7.62 5.98 -2.25
CA GLU A 47 6.45 5.86 -3.12
C GLU A 47 6.74 4.95 -4.31
N ASN A 48 7.69 4.04 -4.14
CA ASN A 48 8.01 3.06 -5.16
C ASN A 48 7.15 1.82 -4.95
N VAL A 49 6.09 1.73 -5.72
CA VAL A 49 5.16 0.61 -5.61
C VAL A 49 5.60 -0.52 -6.52
N HIS A 50 6.04 -1.63 -5.94
CA HIS A 50 6.53 -2.75 -6.72
C HIS A 50 5.40 -3.75 -6.99
N ILE A 51 4.75 -3.61 -8.14
CA ILE A 51 3.67 -4.51 -8.51
C ILE A 51 4.22 -5.77 -9.18
N VAL A 52 4.21 -6.87 -8.43
CA VAL A 52 4.57 -8.14 -9.01
C VAL A 52 3.33 -8.76 -9.62
N LEU A 53 3.34 -8.90 -10.94
CA LEU A 53 2.18 -9.42 -11.65
C LEU A 53 1.90 -10.87 -11.29
N LYS A 54 2.59 -11.77 -11.97
CA LYS A 54 2.44 -13.19 -11.74
C LYS A 54 3.77 -13.74 -11.22
N ASN A 55 4.78 -13.70 -12.08
CA ASN A 55 6.14 -14.10 -11.70
C ASN A 55 7.11 -13.74 -12.80
N ASP A 56 6.72 -12.80 -13.65
CA ASP A 56 7.46 -12.50 -14.87
C ASP A 56 8.07 -11.11 -14.83
N ASN A 57 7.37 -10.17 -14.20
CA ASN A 57 7.84 -8.80 -14.14
C ASN A 57 7.28 -8.10 -12.91
N THR A 58 8.06 -7.17 -12.39
CA THR A 58 7.67 -6.36 -11.25
C THR A 58 7.64 -4.89 -11.63
N VAL A 59 6.44 -4.35 -11.78
CA VAL A 59 6.28 -2.96 -12.20
C VAL A 59 6.42 -2.04 -10.99
N LEU A 60 7.56 -1.39 -10.87
CA LEU A 60 7.80 -0.48 -9.77
C LEU A 60 7.45 0.94 -10.16
N LEU A 61 6.48 1.51 -9.44
CA LEU A 61 5.99 2.86 -9.73
C LEU A 61 6.76 3.89 -8.94
N LYS A 62 6.46 5.15 -9.19
CA LYS A 62 7.04 6.26 -8.46
C LYS A 62 6.00 7.35 -8.24
N GLY A 63 5.79 7.71 -6.99
CA GLY A 63 4.90 8.81 -6.67
C GLY A 63 5.61 10.15 -6.79
N LEU A 64 5.69 10.87 -5.69
CA LEU A 64 6.37 12.16 -5.68
C LEU A 64 7.87 11.95 -5.48
N LYS A 65 8.26 11.52 -4.28
CA LYS A 65 9.67 11.29 -3.96
C LYS A 65 9.84 10.84 -2.52
N ASN A 66 9.24 11.57 -1.59
CA ASN A 66 9.35 11.24 -0.18
C ASN A 66 8.04 11.58 0.53
N ILE A 67 7.63 12.84 0.39
CA ILE A 67 6.37 13.39 0.94
C ILE A 67 6.24 13.27 2.48
N VAL A 68 6.38 12.08 3.01
CA VAL A 68 6.20 11.83 4.44
C VAL A 68 7.42 11.15 5.04
N SER A 69 7.84 11.61 6.21
CA SER A 69 8.99 11.06 6.87
C SER A 69 8.64 9.78 7.63
N VAL A 70 9.06 8.65 7.10
CA VAL A 70 8.87 7.38 7.77
C VAL A 70 9.73 7.31 9.03
N LYS A 71 9.08 7.29 10.18
CA LYS A 71 9.77 7.35 11.45
C LYS A 71 10.21 5.96 11.86
N PHE A 72 11.46 5.85 12.33
CA PHE A 72 11.99 4.56 12.73
C PHE A 72 11.28 4.02 13.97
N SER A 73 10.21 3.29 13.73
CA SER A 73 9.45 2.67 14.78
C SER A 73 8.90 1.32 14.34
N LYS A 74 8.21 0.65 15.25
CA LYS A 74 7.53 -0.60 14.93
C LYS A 74 6.32 -0.77 15.84
N ASP A 75 5.29 0.02 15.58
CA ASP A 75 4.07 -0.03 16.37
C ASP A 75 2.91 -0.51 15.52
N ARG A 76 2.29 -1.60 15.92
CA ARG A 76 1.21 -2.18 15.13
C ARG A 76 -0.14 -1.64 15.57
N HIS A 77 -0.17 -0.99 16.73
CA HIS A 77 -1.40 -0.44 17.27
C HIS A 77 -1.85 0.77 16.46
N LEU A 78 -0.89 1.61 16.07
CA LEU A 78 -1.18 2.74 15.21
C LEU A 78 -1.66 2.25 13.86
N ILE A 79 -1.01 1.21 13.33
CA ILE A 79 -1.44 0.56 12.11
C ILE A 79 -2.87 0.07 12.27
N GLU A 80 -3.10 -0.65 13.36
CA GLU A 80 -4.41 -1.19 13.71
C GLU A 80 -5.47 -0.08 13.70
N THR A 81 -5.17 1.02 14.38
CA THR A 81 -6.08 2.17 14.41
C THR A 81 -6.29 2.74 13.00
N THR A 82 -5.23 2.77 12.22
CA THR A 82 -5.29 3.29 10.86
C THR A 82 -6.13 2.38 9.97
N SER A 83 -5.90 1.07 10.07
CA SER A 83 -6.65 0.07 9.32
C SER A 83 -8.14 0.19 9.63
N ASN A 84 -8.46 0.38 10.91
CA ASN A 84 -9.84 0.52 11.34
C ASN A 84 -10.41 1.86 10.86
N LYS A 85 -9.60 2.91 10.95
CA LYS A 85 -10.03 4.25 10.59
C LYS A 85 -10.40 4.33 9.12
N LEU A 86 -9.61 3.71 8.24
CA LEU A 86 -9.93 3.71 6.82
C LEU A 86 -11.14 2.82 6.55
N LYS A 87 -11.17 1.67 7.20
CA LYS A 87 -12.19 0.66 6.94
C LYS A 87 -13.57 1.10 7.43
N SER A 88 -13.60 1.75 8.58
CA SER A 88 -14.87 2.14 9.20
C SER A 88 -15.27 3.58 8.86
N ARG A 89 -14.30 4.48 8.76
CA ARG A 89 -14.60 5.90 8.58
C ARG A 89 -14.51 6.30 7.11
N GLU A 90 -13.69 5.58 6.35
CA GLU A 90 -13.38 5.94 4.97
C GLU A 90 -12.67 7.29 4.92
N ILE A 91 -11.44 7.31 5.40
CA ILE A 91 -10.59 8.51 5.35
C ILE A 91 -9.89 8.61 4.00
N THR A 92 -9.08 9.66 3.84
CA THR A 92 -8.34 9.86 2.61
C THR A 92 -7.15 8.90 2.57
N PHE A 93 -6.85 8.40 1.38
CA PHE A 93 -5.76 7.45 1.21
C PHE A 93 -4.43 8.10 1.59
N GLN A 94 -4.33 9.41 1.39
CA GLN A 94 -3.14 10.15 1.74
C GLN A 94 -2.91 10.14 3.25
N GLU A 95 -4.00 10.23 4.01
CA GLU A 95 -3.93 10.18 5.46
C GLU A 95 -3.49 8.79 5.91
N TYR A 96 -3.95 7.79 5.16
CA TYR A 96 -3.69 6.40 5.49
C TYR A 96 -2.20 6.10 5.41
N ARG A 97 -1.58 6.50 4.30
CA ARG A 97 -0.16 6.28 4.10
C ARG A 97 0.69 7.08 5.10
N ARG A 98 0.20 8.26 5.49
CA ARG A 98 0.93 9.09 6.45
C ARG A 98 0.98 8.43 7.82
N ASN A 99 -0.16 7.89 8.26
CA ASN A 99 -0.25 7.25 9.56
C ASN A 99 0.67 6.04 9.63
N LEU A 100 0.70 5.26 8.55
CA LEU A 100 1.53 4.07 8.48
C LEU A 100 3.01 4.42 8.52
N ALA A 101 3.37 5.51 7.84
CA ALA A 101 4.76 5.95 7.78
C ALA A 101 5.31 6.27 9.16
N LYS A 102 4.50 6.93 9.98
CA LYS A 102 4.94 7.30 11.32
C LYS A 102 4.85 6.12 12.28
N ALA A 103 4.19 5.06 11.87
CA ALA A 103 4.09 3.85 12.67
C ALA A 103 5.33 2.98 12.50
N GLY A 104 6.10 3.29 11.47
CA GLY A 104 7.31 2.55 11.20
C GLY A 104 7.17 1.62 10.01
N VAL A 105 6.06 1.74 9.30
CA VAL A 105 5.82 0.90 8.12
C VAL A 105 6.61 1.43 6.94
N PHE A 106 7.48 0.59 6.41
CA PHE A 106 8.30 0.98 5.27
C PHE A 106 8.00 0.06 4.09
N ARG A 107 7.56 -1.15 4.40
CA ARG A 107 7.27 -2.14 3.38
C ARG A 107 5.83 -2.63 3.50
N TRP A 108 4.98 -2.07 2.66
CA TRP A 108 3.55 -2.36 2.64
C TRP A 108 3.25 -3.40 1.56
N VAL A 109 3.11 -4.64 1.96
CA VAL A 109 2.94 -5.74 1.01
C VAL A 109 1.49 -6.21 0.97
N THR A 110 0.77 -5.85 -0.08
CA THR A 110 -0.59 -6.34 -0.23
C THR A 110 -0.59 -7.54 -1.17
N ASN A 111 -0.86 -8.71 -0.60
CA ASN A 111 -0.83 -9.95 -1.36
C ASN A 111 -2.25 -10.32 -1.77
N ILE A 112 -2.60 -9.97 -3.00
CA ILE A 112 -3.94 -10.23 -3.53
C ILE A 112 -4.19 -11.73 -3.63
N HIS A 113 -3.10 -12.47 -3.83
CA HIS A 113 -3.16 -13.93 -3.91
C HIS A 113 -3.69 -14.53 -2.59
N GLU A 114 -3.58 -13.78 -1.51
CA GLU A 114 -4.08 -14.23 -0.21
C GLU A 114 -5.21 -13.35 0.30
N GLN A 115 -5.44 -12.22 -0.37
CA GLN A 115 -6.38 -11.22 0.10
C GLN A 115 -5.94 -10.69 1.45
N LYS A 116 -4.62 -10.61 1.65
CA LYS A 116 -4.05 -10.14 2.90
C LYS A 116 -3.17 -8.92 2.67
N ARG A 117 -3.09 -8.07 3.67
CA ARG A 117 -2.26 -6.87 3.60
C ARG A 117 -1.22 -6.89 4.71
N TYR A 118 0.03 -7.11 4.33
CA TYR A 118 1.13 -7.25 5.28
C TYR A 118 1.83 -5.91 5.50
N TYR A 119 2.08 -5.57 6.76
CA TYR A 119 2.80 -4.35 7.10
C TYR A 119 4.16 -4.69 7.69
N TYR A 120 5.21 -4.34 6.97
CA TYR A 120 6.57 -4.59 7.42
C TYR A 120 7.31 -3.28 7.70
N THR A 121 8.11 -3.28 8.76
CA THR A 121 9.00 -2.18 9.03
C THR A 121 10.29 -2.39 8.22
N PHE A 122 11.13 -1.35 8.14
CA PHE A 122 12.37 -1.43 7.36
C PHE A 122 13.34 -2.42 8.00
N ASP A 123 13.14 -2.69 9.28
CA ASP A 123 13.99 -3.62 10.02
C ASP A 123 13.63 -5.07 9.68
N ASN A 124 12.66 -5.22 8.77
CA ASN A 124 12.15 -6.53 8.36
C ASN A 124 11.49 -7.24 9.53
N SER A 125 10.27 -6.84 9.81
CA SER A 125 9.47 -7.45 10.87
C SER A 125 8.00 -7.29 10.52
N LEU A 126 7.24 -8.38 10.65
CA LEU A 126 5.82 -8.33 10.39
C LEU A 126 5.10 -7.62 11.53
N LEU A 127 4.72 -6.38 11.27
CA LEU A 127 4.08 -5.56 12.28
C LEU A 127 2.61 -5.92 12.41
N PHE A 128 1.91 -5.91 11.29
CA PHE A 128 0.48 -6.17 11.30
C PHE A 128 0.07 -6.79 9.97
N THR A 129 -1.06 -7.48 9.97
CA THR A 129 -1.60 -8.07 8.75
C THR A 129 -3.12 -8.13 8.82
N GLU A 130 -3.78 -7.34 8.00
CA GLU A 130 -5.23 -7.38 7.92
C GLU A 130 -5.64 -8.09 6.64
N SER A 131 -6.84 -8.60 6.60
CA SER A 131 -7.31 -9.31 5.42
C SER A 131 -8.54 -8.61 4.85
N ILE A 132 -8.52 -8.39 3.55
CA ILE A 132 -9.66 -7.79 2.87
C ILE A 132 -10.69 -8.86 2.52
N GLN A 133 -10.35 -10.09 2.89
CA GLN A 133 -11.28 -11.20 2.81
C GLN A 133 -11.82 -11.44 4.22
N ASP A 7 3.76 4.32 -21.27
CA ASP A 7 4.41 3.53 -20.25
C ASP A 7 3.39 3.07 -19.22
N GLN A 8 3.37 1.77 -18.96
CA GLN A 8 2.41 1.19 -18.03
C GLN A 8 2.68 1.64 -16.59
N VAL A 9 3.87 2.21 -16.36
CA VAL A 9 4.18 2.79 -15.06
C VAL A 9 3.20 3.92 -14.75
N VAL A 10 2.86 4.69 -15.78
CA VAL A 10 1.87 5.75 -15.65
C VAL A 10 0.50 5.14 -15.37
N ILE A 11 0.29 3.95 -15.91
CA ILE A 11 -0.95 3.22 -15.70
C ILE A 11 -1.10 2.78 -14.25
N PHE A 12 -0.12 2.03 -13.77
CA PHE A 12 -0.18 1.48 -12.41
C PHE A 12 -0.10 2.58 -11.35
N LYS A 13 0.81 3.53 -11.54
CA LYS A 13 1.00 4.61 -10.57
C LYS A 13 -0.26 5.45 -10.47
N GLN A 14 -0.94 5.65 -11.59
CA GLN A 14 -2.16 6.44 -11.64
C GLN A 14 -3.23 5.81 -10.76
N ILE A 15 -3.31 4.48 -10.79
CA ILE A 15 -4.26 3.75 -9.96
C ILE A 15 -4.07 4.09 -8.49
N PHE A 16 -2.84 3.91 -8.00
CA PHE A 16 -2.53 4.17 -6.59
C PHE A 16 -2.65 5.66 -6.26
N ASP A 17 -2.23 6.50 -7.19
CA ASP A 17 -2.23 7.94 -6.99
C ASP A 17 -3.65 8.47 -6.85
N LYS A 18 -4.53 8.04 -7.76
CA LYS A 18 -5.89 8.54 -7.77
C LYS A 18 -6.71 7.94 -6.64
N VAL A 19 -6.49 6.66 -6.34
CA VAL A 19 -7.26 6.00 -5.28
C VAL A 19 -7.00 6.65 -3.93
N ARG A 20 -5.86 7.34 -3.80
CA ARG A 20 -5.58 8.12 -2.60
C ARG A 20 -6.68 9.15 -2.33
N ASN A 21 -7.20 9.73 -3.40
CA ASN A 21 -8.18 10.82 -3.28
C ASN A 21 -9.60 10.36 -3.62
N ASP A 22 -9.72 9.56 -4.68
CA ASP A 22 -11.03 9.10 -5.13
C ASP A 22 -11.68 8.15 -4.14
N LEU A 23 -10.85 7.38 -3.43
CA LEU A 23 -11.32 6.38 -2.47
C LEU A 23 -12.19 5.33 -3.17
N ASN A 24 -11.90 5.10 -4.43
CA ASN A 24 -12.66 4.13 -5.21
C ASN A 24 -12.01 2.75 -5.13
N TYR A 25 -12.25 2.06 -4.02
CA TYR A 25 -11.67 0.75 -3.78
C TYR A 25 -12.18 -0.27 -4.80
N GLN A 26 -13.41 -0.08 -5.24
CA GLN A 26 -14.02 -0.95 -6.24
C GLN A 26 -13.13 -1.03 -7.49
N TRP A 27 -12.83 0.12 -8.06
CA TRP A 27 -12.00 0.18 -9.26
C TRP A 27 -10.57 -0.23 -8.95
N PHE A 28 -10.09 0.17 -7.78
CA PHE A 28 -8.75 -0.14 -7.32
C PHE A 28 -8.49 -1.65 -7.35
N TYR A 29 -9.33 -2.41 -6.66
CA TYR A 29 -9.15 -3.85 -6.57
C TYR A 29 -9.45 -4.54 -7.91
N SER A 30 -10.33 -3.94 -8.69
CA SER A 30 -10.65 -4.50 -10.02
C SER A 30 -9.42 -4.51 -10.90
N GLU A 31 -8.75 -3.36 -11.00
CA GLU A 31 -7.55 -3.25 -11.83
C GLU A 31 -6.40 -4.07 -11.23
N LEU A 32 -6.37 -4.18 -9.92
CA LEU A 32 -5.37 -5.01 -9.26
C LEU A 32 -5.47 -6.45 -9.76
N LYS A 33 -6.63 -7.05 -9.59
CA LYS A 33 -6.84 -8.45 -9.99
C LYS A 33 -6.58 -8.64 -11.49
N ARG A 34 -6.91 -7.63 -12.29
CA ARG A 34 -6.73 -7.73 -13.74
C ARG A 34 -5.24 -7.79 -14.12
N HIS A 35 -4.44 -6.98 -13.46
CA HIS A 35 -3.04 -6.82 -13.83
C HIS A 35 -2.15 -7.58 -12.85
N ASN A 36 -2.25 -7.21 -11.59
CA ASN A 36 -1.42 -7.79 -10.54
C ASN A 36 -2.17 -8.90 -9.82
N VAL A 37 -2.10 -10.10 -10.38
CA VAL A 37 -2.76 -11.26 -9.79
C VAL A 37 -1.94 -11.81 -8.62
N SER A 38 -0.67 -11.43 -8.55
CA SER A 38 0.22 -11.97 -7.54
C SER A 38 0.27 -11.08 -6.29
N HIS A 39 1.10 -10.03 -6.32
CA HIS A 39 1.29 -9.17 -5.16
C HIS A 39 2.21 -8.00 -5.49
N TYR A 40 2.06 -6.90 -4.74
CA TYR A 40 2.91 -5.73 -4.93
C TYR A 40 3.59 -5.35 -3.61
N ILE A 41 4.86 -4.98 -3.70
CA ILE A 41 5.61 -4.52 -2.54
C ILE A 41 5.79 -3.00 -2.62
N TYR A 42 4.99 -2.29 -1.85
CA TYR A 42 4.96 -0.84 -1.89
C TYR A 42 5.85 -0.25 -0.80
N TYR A 43 6.97 0.31 -1.20
CA TYR A 43 7.85 1.00 -0.28
C TYR A 43 7.42 2.47 -0.18
N LEU A 44 7.15 2.92 1.04
CA LEU A 44 6.65 4.27 1.25
C LEU A 44 7.78 5.30 1.13
N ALA A 45 7.45 6.56 1.41
CA ALA A 45 8.40 7.68 1.32
C ALA A 45 8.72 8.02 -0.13
N THR A 46 9.40 7.11 -0.82
CA THR A 46 9.75 7.32 -2.22
C THR A 46 8.64 6.78 -3.12
N GLU A 47 7.81 5.92 -2.53
CA GLU A 47 6.71 5.27 -3.22
C GLU A 47 7.23 4.34 -4.30
N ASN A 48 8.17 3.48 -3.92
CA ASN A 48 8.70 2.48 -4.82
C ASN A 48 7.85 1.22 -4.74
N VAL A 49 6.91 1.10 -5.66
CA VAL A 49 5.99 -0.02 -5.67
C VAL A 49 6.49 -1.13 -6.58
N HIS A 50 6.95 -2.21 -5.99
CA HIS A 50 7.42 -3.36 -6.76
C HIS A 50 6.27 -4.33 -7.01
N ILE A 51 5.64 -4.21 -8.16
CA ILE A 51 4.50 -5.05 -8.49
C ILE A 51 4.93 -6.30 -9.24
N VAL A 52 4.90 -7.44 -8.57
CA VAL A 52 5.26 -8.68 -9.20
C VAL A 52 4.04 -9.28 -9.89
N LEU A 53 4.06 -9.29 -11.21
CA LEU A 53 2.95 -9.79 -12.00
C LEU A 53 2.91 -11.31 -11.98
N LYS A 54 1.83 -11.87 -12.50
CA LYS A 54 1.68 -13.33 -12.60
C LYS A 54 2.62 -13.89 -13.67
N ASN A 55 3.27 -12.99 -14.39
CA ASN A 55 4.18 -13.35 -15.46
C ASN A 55 5.62 -13.16 -15.01
N ASP A 56 5.81 -13.10 -13.68
CA ASP A 56 7.14 -12.96 -13.07
C ASP A 56 7.66 -11.52 -13.14
N ASN A 57 7.35 -10.83 -14.23
CA ASN A 57 7.82 -9.46 -14.44
C ASN A 57 7.36 -8.54 -13.32
N THR A 58 8.27 -7.73 -12.81
CA THR A 58 7.94 -6.80 -11.76
C THR A 58 7.88 -5.37 -12.28
N VAL A 59 6.71 -4.76 -12.15
CA VAL A 59 6.54 -3.37 -12.52
C VAL A 59 6.81 -2.49 -11.31
N LEU A 60 7.98 -1.88 -11.29
CA LEU A 60 8.34 -1.02 -10.17
C LEU A 60 7.95 0.42 -10.45
N LEU A 61 7.20 1.00 -9.54
CA LEU A 61 6.75 2.37 -9.66
C LEU A 61 7.53 3.27 -8.71
N LYS A 62 7.77 4.50 -9.13
CA LYS A 62 8.27 5.51 -8.22
C LYS A 62 7.32 6.70 -8.20
N GLY A 63 6.56 6.82 -7.12
CA GLY A 63 5.59 7.88 -7.01
C GLY A 63 6.22 9.25 -7.04
N LEU A 64 7.19 9.47 -6.13
CA LEU A 64 7.98 10.70 -6.03
C LEU A 64 7.15 11.99 -5.95
N LYS A 65 5.84 11.85 -5.83
CA LYS A 65 4.95 13.01 -5.74
C LYS A 65 4.32 13.09 -4.36
N ASN A 66 4.82 12.24 -3.46
CA ASN A 66 4.39 12.25 -2.07
C ASN A 66 5.49 11.68 -1.20
N ILE A 67 6.48 12.51 -0.92
CA ILE A 67 7.62 12.09 -0.13
C ILE A 67 7.34 12.28 1.35
N VAL A 68 6.91 11.20 1.99
CA VAL A 68 6.59 11.24 3.41
C VAL A 68 7.74 10.67 4.24
N SER A 69 8.07 11.35 5.32
CA SER A 69 9.13 10.90 6.21
C SER A 69 8.72 9.64 6.97
N VAL A 70 9.22 8.49 6.53
CA VAL A 70 8.93 7.23 7.19
C VAL A 70 10.02 6.89 8.19
N LYS A 71 9.62 6.45 9.38
CA LYS A 71 10.58 6.11 10.41
C LYS A 71 10.81 4.61 10.46
N PHE A 72 11.60 4.19 11.44
CA PHE A 72 11.93 2.77 11.61
C PHE A 72 11.24 2.25 12.86
N SER A 73 10.20 2.96 13.27
CA SER A 73 9.48 2.64 14.49
C SER A 73 8.57 1.43 14.30
N LYS A 74 8.08 0.90 15.41
CA LYS A 74 7.14 -0.20 15.38
C LYS A 74 5.87 0.18 16.13
N ASP A 75 4.99 0.92 15.48
CA ASP A 75 3.74 1.34 16.08
C ASP A 75 2.57 0.55 15.52
N ARG A 76 2.31 -0.61 16.08
CA ARG A 76 1.18 -1.44 15.67
C ARG A 76 -0.13 -0.77 16.08
N HIS A 77 -0.13 -0.17 17.26
CA HIS A 77 -1.32 0.49 17.78
C HIS A 77 -1.75 1.64 16.88
N LEU A 78 -0.78 2.26 16.22
CA LEU A 78 -1.08 3.34 15.29
C LEU A 78 -1.70 2.78 14.02
N ILE A 79 -1.22 1.61 13.60
CA ILE A 79 -1.82 0.90 12.48
C ILE A 79 -3.26 0.54 12.80
N GLU A 80 -3.46 -0.05 13.97
CA GLU A 80 -4.77 -0.47 14.43
C GLU A 80 -5.74 0.72 14.47
N THR A 81 -5.30 1.82 15.06
CA THR A 81 -6.14 3.00 15.18
C THR A 81 -6.43 3.61 13.81
N THR A 82 -5.42 3.61 12.93
CA THR A 82 -5.61 4.13 11.58
C THR A 82 -6.62 3.29 10.79
N SER A 83 -6.56 1.98 10.96
CA SER A 83 -7.50 1.07 10.32
C SER A 83 -8.92 1.38 10.79
N ASN A 84 -9.11 1.48 12.10
CA ASN A 84 -10.39 1.82 12.68
C ASN A 84 -10.83 3.20 12.25
N LYS A 85 -9.87 4.12 12.19
CA LYS A 85 -10.12 5.50 11.77
C LYS A 85 -10.62 5.57 10.33
N LEU A 86 -10.11 4.70 9.48
CA LEU A 86 -10.54 4.64 8.09
C LEU A 86 -11.97 4.12 8.00
N LYS A 87 -12.30 3.13 8.83
CA LYS A 87 -13.62 2.51 8.82
C LYS A 87 -14.65 3.42 9.48
N SER A 88 -14.21 4.21 10.45
CA SER A 88 -15.10 5.06 11.23
C SER A 88 -15.48 6.34 10.47
N ARG A 89 -14.51 7.23 10.29
CA ARG A 89 -14.78 8.54 9.70
C ARG A 89 -14.56 8.54 8.19
N GLU A 90 -14.11 7.41 7.66
CA GLU A 90 -13.82 7.29 6.23
C GLU A 90 -12.88 8.40 5.77
N ILE A 91 -11.66 8.34 6.26
CA ILE A 91 -10.64 9.33 5.94
C ILE A 91 -10.10 9.13 4.53
N THR A 92 -9.24 10.03 4.11
CA THR A 92 -8.65 9.94 2.79
C THR A 92 -7.62 8.82 2.76
N PHE A 93 -7.54 8.10 1.64
CA PHE A 93 -6.63 6.96 1.52
C PHE A 93 -5.18 7.41 1.57
N GLN A 94 -4.95 8.68 1.20
CA GLN A 94 -3.62 9.27 1.31
C GLN A 94 -3.22 9.38 2.78
N GLU A 95 -4.21 9.56 3.64
CA GLU A 95 -3.98 9.71 5.07
C GLU A 95 -3.64 8.37 5.70
N TYR A 96 -4.38 7.34 5.30
CA TYR A 96 -4.14 5.99 5.78
C TYR A 96 -2.69 5.58 5.51
N ARG A 97 -2.21 5.91 4.31
CA ARG A 97 -0.84 5.60 3.92
C ARG A 97 0.17 6.46 4.69
N ARG A 98 -0.18 7.72 4.93
CA ARG A 98 0.72 8.63 5.62
C ARG A 98 0.82 8.29 7.11
N ASN A 99 -0.29 7.84 7.69
CA ASN A 99 -0.32 7.46 9.10
C ASN A 99 0.52 6.21 9.32
N LEU A 100 0.50 5.32 8.34
CA LEU A 100 1.33 4.10 8.38
C LEU A 100 2.81 4.46 8.34
N ALA A 101 3.15 5.48 7.57
CA ALA A 101 4.53 5.96 7.49
C ALA A 101 5.04 6.36 8.87
N LYS A 102 4.18 7.05 9.61
CA LYS A 102 4.51 7.48 10.97
C LYS A 102 4.61 6.27 11.91
N ALA A 103 3.89 5.21 11.58
CA ALA A 103 3.88 4.00 12.40
C ALA A 103 5.14 3.17 12.16
N GLY A 104 5.92 3.56 11.17
CA GLY A 104 7.16 2.87 10.87
C GLY A 104 6.98 1.85 9.76
N VAL A 105 5.82 1.87 9.12
CA VAL A 105 5.54 0.95 8.03
C VAL A 105 6.13 1.49 6.73
N PHE A 106 7.24 0.92 6.33
CA PHE A 106 7.92 1.34 5.10
C PHE A 106 7.66 0.31 4.00
N ARG A 107 7.26 -0.88 4.39
CA ARG A 107 7.08 -1.98 3.44
C ARG A 107 5.63 -2.46 3.43
N TRP A 108 4.88 -2.01 2.43
CA TRP A 108 3.48 -2.37 2.25
C TRP A 108 3.39 -3.53 1.27
N VAL A 109 3.18 -4.73 1.78
CA VAL A 109 3.12 -5.91 0.94
C VAL A 109 1.72 -6.50 0.90
N THR A 110 1.01 -6.23 -0.17
CA THR A 110 -0.32 -6.78 -0.34
C THR A 110 -0.30 -7.94 -1.31
N ASN A 111 -0.53 -9.14 -0.79
CA ASN A 111 -0.64 -10.31 -1.61
C ASN A 111 -2.08 -10.45 -2.09
N ILE A 112 -2.30 -10.21 -3.37
CA ILE A 112 -3.63 -10.24 -3.95
C ILE A 112 -4.21 -11.65 -3.88
N HIS A 113 -3.36 -12.63 -4.14
CA HIS A 113 -3.76 -14.03 -4.08
C HIS A 113 -4.15 -14.41 -2.64
N GLU A 114 -3.57 -13.72 -1.68
CA GLU A 114 -3.82 -14.01 -0.27
C GLU A 114 -4.95 -13.15 0.29
N GLN A 115 -5.23 -12.03 -0.39
CA GLN A 115 -6.22 -11.07 0.09
C GLN A 115 -5.81 -10.51 1.44
N LYS A 116 -4.50 -10.34 1.61
CA LYS A 116 -3.95 -9.88 2.88
C LYS A 116 -2.96 -8.75 2.66
N ARG A 117 -3.09 -7.70 3.46
CA ARG A 117 -2.20 -6.56 3.41
C ARG A 117 -1.19 -6.62 4.55
N TYR A 118 0.02 -7.04 4.22
CA TYR A 118 1.08 -7.18 5.22
C TYR A 118 1.83 -5.86 5.38
N TYR A 119 1.99 -5.43 6.62
CA TYR A 119 2.69 -4.19 6.90
C TYR A 119 4.00 -4.48 7.64
N TYR A 120 5.11 -4.19 6.97
CA TYR A 120 6.43 -4.42 7.54
C TYR A 120 7.13 -3.09 7.82
N THR A 121 7.87 -3.03 8.91
CA THR A 121 8.72 -1.89 9.19
C THR A 121 9.99 -2.00 8.35
N PHE A 122 10.81 -0.94 8.33
CA PHE A 122 12.04 -0.94 7.53
C PHE A 122 13.02 -1.97 8.06
N ASP A 123 12.89 -2.29 9.34
CA ASP A 123 13.67 -3.35 9.99
C ASP A 123 13.37 -4.70 9.34
N ASN A 124 12.24 -4.74 8.63
CA ASN A 124 11.76 -5.93 7.93
C ASN A 124 11.26 -6.96 8.94
N SER A 125 10.07 -6.70 9.44
CA SER A 125 9.41 -7.59 10.38
C SER A 125 7.91 -7.37 10.30
N LEU A 126 7.15 -8.44 10.44
CA LEU A 126 5.70 -8.37 10.31
C LEU A 126 5.08 -7.65 11.52
N LEU A 127 4.68 -6.40 11.31
CA LEU A 127 4.05 -5.62 12.36
C LEU A 127 2.55 -5.87 12.39
N PHE A 128 1.95 -5.95 11.22
CA PHE A 128 0.50 -6.11 11.14
C PHE A 128 0.10 -6.78 9.83
N THR A 129 -0.97 -7.54 9.87
CA THR A 129 -1.52 -8.17 8.68
C THR A 129 -3.01 -7.86 8.57
N GLU A 130 -3.34 -6.88 7.72
CA GLU A 130 -4.72 -6.50 7.53
C GLU A 130 -5.33 -7.33 6.41
N SER A 131 -5.96 -8.43 6.79
CA SER A 131 -6.62 -9.30 5.82
C SER A 131 -7.99 -8.73 5.45
N ILE A 132 -8.16 -8.45 4.17
CA ILE A 132 -9.39 -7.86 3.67
C ILE A 132 -10.42 -8.95 3.35
N GLN A 133 -10.83 -9.68 4.38
CA GLN A 133 -11.82 -10.74 4.23
C GLN A 133 -13.20 -10.14 4.06
N ASP A 7 3.10 3.37 -22.00
CA ASP A 7 3.95 2.68 -21.04
C ASP A 7 3.11 1.98 -19.99
N GLN A 8 3.42 0.71 -19.74
CA GLN A 8 2.72 -0.07 -18.71
C GLN A 8 2.78 0.65 -17.37
N VAL A 9 3.88 1.34 -17.13
CA VAL A 9 4.08 2.11 -15.91
C VAL A 9 2.98 3.16 -15.75
N VAL A 10 2.62 3.80 -16.84
CA VAL A 10 1.63 4.88 -16.81
C VAL A 10 0.27 4.37 -16.34
N ILE A 11 -0.18 3.26 -16.91
CA ILE A 11 -1.48 2.69 -16.56
C ILE A 11 -1.55 2.40 -15.05
N PHE A 12 -0.57 1.65 -14.55
CA PHE A 12 -0.57 1.27 -13.14
C PHE A 12 -0.38 2.49 -12.23
N LYS A 13 0.51 3.38 -12.62
CA LYS A 13 0.81 4.56 -11.82
C LYS A 13 -0.41 5.48 -11.71
N GLN A 14 -1.15 5.62 -12.81
CA GLN A 14 -2.35 6.44 -12.81
C GLN A 14 -3.43 5.86 -11.89
N ILE A 15 -3.47 4.53 -11.79
CA ILE A 15 -4.41 3.87 -10.91
C ILE A 15 -4.14 4.25 -9.46
N PHE A 16 -2.91 4.04 -9.01
CA PHE A 16 -2.53 4.34 -7.63
C PHE A 16 -2.59 5.85 -7.37
N ASP A 17 -2.19 6.63 -8.36
CA ASP A 17 -2.15 8.10 -8.23
C ASP A 17 -3.53 8.68 -7.97
N LYS A 18 -4.53 8.17 -8.67
CA LYS A 18 -5.88 8.71 -8.54
C LYS A 18 -6.68 7.99 -7.46
N VAL A 19 -6.41 6.71 -7.22
CA VAL A 19 -7.17 5.95 -6.23
C VAL A 19 -6.91 6.47 -4.82
N ARG A 20 -5.73 7.04 -4.61
CA ARG A 20 -5.36 7.58 -3.31
C ARG A 20 -6.12 8.87 -3.00
N ASN A 21 -6.84 9.37 -4.00
CA ASN A 21 -7.65 10.57 -3.84
C ASN A 21 -9.12 10.25 -4.00
N ASP A 22 -9.45 9.50 -5.05
CA ASP A 22 -10.84 9.22 -5.39
C ASP A 22 -11.43 8.14 -4.48
N LEU A 23 -10.54 7.28 -3.95
CA LEU A 23 -10.93 6.23 -3.00
C LEU A 23 -11.82 5.17 -3.64
N ASN A 24 -11.71 5.01 -4.96
CA ASN A 24 -12.47 3.98 -5.66
C ASN A 24 -11.77 2.64 -5.53
N TYR A 25 -12.04 1.95 -4.42
CA TYR A 25 -11.41 0.65 -4.16
C TYR A 25 -12.00 -0.44 -5.03
N GLN A 26 -13.24 -0.26 -5.46
CA GLN A 26 -13.92 -1.24 -6.28
C GLN A 26 -13.16 -1.48 -7.58
N TRP A 27 -12.93 -0.41 -8.32
CA TRP A 27 -12.20 -0.49 -9.58
C TRP A 27 -10.74 -0.86 -9.33
N PHE A 28 -10.18 -0.29 -8.25
CA PHE A 28 -8.79 -0.52 -7.88
C PHE A 28 -8.48 -2.01 -7.75
N TYR A 29 -9.23 -2.70 -6.89
CA TYR A 29 -8.97 -4.11 -6.63
C TYR A 29 -9.43 -5.01 -7.77
N SER A 30 -10.34 -4.51 -8.60
CA SER A 30 -10.80 -5.26 -9.76
C SER A 30 -9.69 -5.34 -10.81
N GLU A 31 -9.00 -4.22 -11.03
CA GLU A 31 -7.86 -4.21 -11.94
C GLU A 31 -6.73 -5.02 -11.35
N LEU A 32 -6.54 -4.93 -10.05
CA LEU A 32 -5.50 -5.67 -9.36
C LEU A 32 -5.65 -7.16 -9.59
N LYS A 33 -6.86 -7.70 -9.43
CA LYS A 33 -7.08 -9.13 -9.58
C LYS A 33 -7.01 -9.55 -11.06
N ARG A 34 -7.05 -8.58 -11.97
CA ARG A 34 -6.97 -8.87 -13.39
C ARG A 34 -5.56 -8.62 -13.93
N HIS A 35 -4.66 -8.11 -13.08
CA HIS A 35 -3.30 -7.84 -13.49
C HIS A 35 -2.31 -8.44 -12.50
N ASN A 36 -2.42 -8.01 -11.26
CA ASN A 36 -1.51 -8.43 -10.21
C ASN A 36 -1.99 -9.74 -9.59
N VAL A 37 -1.53 -10.83 -10.16
CA VAL A 37 -1.91 -12.17 -9.70
C VAL A 37 -1.16 -12.53 -8.42
N SER A 38 -0.02 -11.87 -8.22
CA SER A 38 0.82 -12.18 -7.07
C SER A 38 0.64 -11.15 -5.95
N HIS A 39 1.42 -10.07 -6.00
CA HIS A 39 1.43 -9.09 -4.92
C HIS A 39 2.30 -7.89 -5.29
N TYR A 40 2.07 -6.76 -4.64
CA TYR A 40 2.86 -5.57 -4.90
C TYR A 40 3.45 -5.05 -3.60
N ILE A 41 4.65 -4.49 -3.68
CA ILE A 41 5.33 -3.93 -2.52
C ILE A 41 5.42 -2.41 -2.65
N TYR A 42 4.66 -1.72 -1.82
CA TYR A 42 4.62 -0.26 -1.84
C TYR A 42 5.52 0.30 -0.75
N TYR A 43 6.64 0.90 -1.14
CA TYR A 43 7.55 1.50 -0.18
C TYR A 43 7.03 2.88 0.22
N LEU A 44 6.70 3.03 1.50
CA LEU A 44 6.04 4.26 1.98
C LEU A 44 7.00 5.43 2.04
N ALA A 45 8.19 5.23 2.61
CA ALA A 45 9.17 6.31 2.80
C ALA A 45 9.97 6.57 1.52
N THR A 46 9.28 6.50 0.40
CA THR A 46 9.89 6.69 -0.92
C THR A 46 8.79 6.90 -1.96
N GLU A 47 7.68 6.19 -1.75
CA GLU A 47 6.56 6.16 -2.68
C GLU A 47 6.99 5.50 -3.98
N ASN A 48 7.27 4.21 -3.88
CA ASN A 48 7.65 3.41 -5.02
C ASN A 48 6.92 2.08 -4.94
N VAL A 49 6.02 1.85 -5.87
CA VAL A 49 5.21 0.64 -5.86
C VAL A 49 5.83 -0.40 -6.77
N HIS A 50 6.17 -1.55 -6.20
CA HIS A 50 6.71 -2.66 -6.96
C HIS A 50 5.64 -3.72 -7.20
N ILE A 51 5.03 -3.69 -8.37
CA ILE A 51 3.98 -4.63 -8.71
C ILE A 51 4.56 -5.84 -9.43
N VAL A 52 4.56 -6.98 -8.76
CA VAL A 52 4.98 -8.22 -9.39
C VAL A 52 3.74 -8.95 -9.90
N LEU A 53 3.48 -8.81 -11.20
CA LEU A 53 2.27 -9.38 -11.80
C LEU A 53 2.12 -10.85 -11.47
N LYS A 54 3.17 -11.60 -11.71
CA LYS A 54 3.20 -13.04 -11.47
C LYS A 54 4.58 -13.56 -11.82
N ASN A 55 4.86 -13.56 -13.12
CA ASN A 55 6.22 -13.82 -13.61
C ASN A 55 6.40 -13.12 -14.95
N ASP A 56 5.50 -12.17 -15.21
CA ASP A 56 5.53 -11.43 -16.47
C ASP A 56 6.59 -10.33 -16.38
N ASN A 57 6.40 -9.43 -15.42
CA ASN A 57 7.38 -8.40 -15.12
C ASN A 57 7.03 -7.72 -13.79
N THR A 58 7.99 -6.96 -13.27
CA THR A 58 7.77 -6.16 -12.07
C THR A 58 7.68 -4.69 -12.45
N VAL A 59 6.57 -4.07 -12.11
CA VAL A 59 6.37 -2.66 -12.41
C VAL A 59 6.75 -1.81 -11.20
N LEU A 60 7.72 -0.92 -11.36
CA LEU A 60 8.11 -0.02 -10.28
C LEU A 60 7.61 1.39 -10.56
N LEU A 61 6.75 1.88 -9.69
CA LEU A 61 6.14 3.18 -9.86
C LEU A 61 6.72 4.18 -8.87
N LYS A 62 7.52 5.11 -9.35
CA LYS A 62 8.02 6.18 -8.50
C LYS A 62 6.99 7.29 -8.43
N GLY A 63 6.46 7.52 -7.25
CA GLY A 63 5.48 8.57 -7.06
C GLY A 63 6.12 9.94 -6.93
N LEU A 64 5.83 10.61 -5.81
CA LEU A 64 6.31 11.96 -5.57
C LEU A 64 7.83 12.03 -5.51
N LYS A 65 8.42 11.68 -4.37
CA LYS A 65 9.86 11.86 -4.20
C LYS A 65 10.38 11.25 -2.89
N ASN A 66 9.86 11.72 -1.76
CA ASN A 66 10.44 11.37 -0.46
C ASN A 66 9.38 10.85 0.51
N ILE A 67 8.77 11.76 1.26
CA ILE A 67 7.72 11.42 2.24
C ILE A 67 8.26 10.48 3.33
N VAL A 68 9.49 10.71 3.74
CA VAL A 68 10.06 9.95 4.85
C VAL A 68 9.49 10.45 6.17
N SER A 69 8.44 9.77 6.62
CA SER A 69 7.80 10.10 7.88
C SER A 69 7.64 8.82 8.71
N VAL A 70 8.46 7.83 8.37
CA VAL A 70 8.41 6.53 9.02
C VAL A 70 9.21 6.54 10.32
N LYS A 71 8.58 6.07 11.40
CA LYS A 71 9.29 5.95 12.67
C LYS A 71 10.23 4.75 12.64
N PHE A 72 11.39 4.89 13.26
CA PHE A 72 12.34 3.79 13.37
C PHE A 72 11.90 2.80 14.45
N SER A 73 10.65 2.39 14.37
CA SER A 73 10.04 1.57 15.39
C SER A 73 9.10 0.55 14.77
N LYS A 74 8.31 -0.11 15.62
CA LYS A 74 7.33 -1.08 15.17
C LYS A 74 6.01 -0.83 15.91
N ASP A 75 5.24 0.13 15.43
CA ASP A 75 4.05 0.59 16.13
C ASP A 75 2.80 -0.09 15.59
N ARG A 76 2.47 -1.24 16.14
CA ARG A 76 1.28 -1.97 15.71
C ARG A 76 0.01 -1.25 16.14
N HIS A 77 0.09 -0.55 17.26
CA HIS A 77 -1.05 0.15 17.83
C HIS A 77 -1.55 1.24 16.88
N LEU A 78 -0.62 1.92 16.22
CA LEU A 78 -0.99 2.98 15.30
C LEU A 78 -1.62 2.39 14.04
N ILE A 79 -1.16 1.21 13.64
CA ILE A 79 -1.75 0.51 12.49
C ILE A 79 -3.22 0.21 12.75
N GLU A 80 -3.49 -0.39 13.90
CA GLU A 80 -4.84 -0.73 14.32
C GLU A 80 -5.76 0.49 14.27
N THR A 81 -5.30 1.58 14.88
CA THR A 81 -6.11 2.79 14.99
C THR A 81 -6.30 3.48 13.64
N THR A 82 -5.29 3.40 12.79
CA THR A 82 -5.38 4.00 11.46
C THR A 82 -6.43 3.27 10.61
N SER A 83 -6.37 1.94 10.60
CA SER A 83 -7.35 1.14 9.88
C SER A 83 -8.75 1.33 10.48
N ASN A 84 -8.79 1.55 11.78
CA ASN A 84 -10.05 1.75 12.48
C ASN A 84 -10.65 3.10 12.11
N LYS A 85 -9.78 4.11 11.94
CA LYS A 85 -10.24 5.45 11.57
C LYS A 85 -10.77 5.47 10.13
N LEU A 86 -10.12 4.72 9.25
CA LEU A 86 -10.57 4.57 7.87
C LEU A 86 -11.98 4.00 7.84
N LYS A 87 -12.20 3.00 8.69
CA LYS A 87 -13.50 2.36 8.81
C LYS A 87 -14.51 3.28 9.49
N SER A 88 -14.02 4.19 10.32
CA SER A 88 -14.88 5.09 11.07
C SER A 88 -15.62 6.02 10.13
N ARG A 89 -14.91 6.96 9.52
CA ARG A 89 -15.55 7.89 8.60
C ARG A 89 -15.29 7.51 7.14
N GLU A 90 -14.08 7.83 6.67
CA GLU A 90 -13.70 7.69 5.26
C GLU A 90 -12.26 8.15 5.07
N ILE A 91 -11.96 9.31 5.68
CA ILE A 91 -10.64 9.98 5.57
C ILE A 91 -10.10 9.97 4.14
N THR A 92 -8.79 9.97 3.99
CA THR A 92 -8.17 9.92 2.69
C THR A 92 -7.06 8.88 2.69
N PHE A 93 -6.89 8.19 1.57
CA PHE A 93 -5.90 7.12 1.45
C PHE A 93 -4.50 7.65 1.73
N GLN A 94 -4.27 8.92 1.40
CA GLN A 94 -2.98 9.55 1.63
C GLN A 94 -2.70 9.63 3.13
N GLU A 95 -3.73 9.92 3.93
CA GLU A 95 -3.57 9.99 5.38
C GLU A 95 -3.44 8.59 5.97
N TYR A 96 -4.22 7.67 5.42
CA TYR A 96 -4.18 6.27 5.83
C TYR A 96 -2.77 5.72 5.70
N ARG A 97 -2.14 5.96 4.55
CA ARG A 97 -0.78 5.51 4.30
C ARG A 97 0.21 6.35 5.10
N ARG A 98 -0.14 7.60 5.36
CA ARG A 98 0.72 8.49 6.14
C ARG A 98 0.90 7.98 7.56
N ASN A 99 -0.20 7.58 8.18
CA ASN A 99 -0.17 7.10 9.56
C ASN A 99 0.47 5.72 9.64
N LEU A 100 0.31 4.94 8.59
CA LEU A 100 0.98 3.64 8.50
C LEU A 100 2.49 3.83 8.49
N ALA A 101 2.95 4.81 7.72
CA ALA A 101 4.37 5.14 7.70
C ALA A 101 4.85 5.55 9.09
N LYS A 102 4.03 6.33 9.76
CA LYS A 102 4.35 6.82 11.10
C LYS A 102 4.32 5.67 12.12
N ALA A 103 3.79 4.54 11.72
CA ALA A 103 3.78 3.35 12.58
C ALA A 103 5.02 2.51 12.35
N GLY A 104 5.79 2.87 11.32
CA GLY A 104 6.99 2.13 11.01
C GLY A 104 6.82 1.25 9.79
N VAL A 105 5.64 1.30 9.19
CA VAL A 105 5.38 0.52 7.99
C VAL A 105 6.14 1.11 6.81
N PHE A 106 7.15 0.39 6.37
CA PHE A 106 7.99 0.84 5.27
C PHE A 106 7.66 0.03 4.02
N ARG A 107 7.15 -1.17 4.23
CA ARG A 107 6.84 -2.08 3.14
C ARG A 107 5.36 -2.48 3.16
N TRP A 108 4.59 -1.81 2.31
CA TRP A 108 3.18 -2.11 2.13
C TRP A 108 3.06 -3.26 1.12
N VAL A 109 2.84 -4.46 1.62
CA VAL A 109 2.80 -5.63 0.75
C VAL A 109 1.40 -6.23 0.70
N THR A 110 0.68 -5.95 -0.38
CA THR A 110 -0.65 -6.50 -0.54
C THR A 110 -0.61 -7.72 -1.45
N ASN A 111 -0.85 -8.89 -0.86
CA ASN A 111 -0.86 -10.14 -1.59
C ASN A 111 -2.25 -10.42 -2.14
N ILE A 112 -2.47 -10.09 -3.40
CA ILE A 112 -3.75 -10.34 -4.05
C ILE A 112 -3.98 -11.84 -4.17
N HIS A 113 -2.87 -12.56 -4.29
CA HIS A 113 -2.88 -14.02 -4.34
C HIS A 113 -3.43 -14.63 -3.05
N GLU A 114 -3.49 -13.83 -1.99
CA GLU A 114 -3.97 -14.32 -0.69
C GLU A 114 -5.11 -13.44 -0.16
N GLN A 115 -5.42 -12.38 -0.87
CA GLN A 115 -6.46 -11.42 -0.48
C GLN A 115 -6.19 -10.85 0.91
N LYS A 116 -4.92 -10.62 1.21
CA LYS A 116 -4.50 -10.08 2.51
C LYS A 116 -3.49 -8.95 2.32
N ARG A 117 -3.45 -8.02 3.26
CA ARG A 117 -2.51 -6.92 3.20
C ARG A 117 -1.50 -7.02 4.34
N TYR A 118 -0.24 -7.15 4.00
CA TYR A 118 0.82 -7.29 4.98
C TYR A 118 1.50 -5.95 5.22
N TYR A 119 1.74 -5.63 6.49
CA TYR A 119 2.43 -4.41 6.85
C TYR A 119 3.80 -4.74 7.43
N TYR A 120 4.84 -4.47 6.66
CA TYR A 120 6.21 -4.73 7.10
C TYR A 120 6.95 -3.43 7.38
N THR A 121 7.79 -3.46 8.39
CA THR A 121 8.68 -2.35 8.66
C THR A 121 9.99 -2.57 7.90
N PHE A 122 10.90 -1.59 7.95
CA PHE A 122 12.20 -1.74 7.30
C PHE A 122 13.05 -2.78 8.04
N ASP A 123 12.63 -3.09 9.26
CA ASP A 123 13.26 -4.14 10.06
C ASP A 123 12.80 -5.51 9.58
N ASN A 124 11.86 -5.50 8.63
CA ASN A 124 11.32 -6.71 8.00
C ASN A 124 10.58 -7.60 8.99
N SER A 125 10.25 -7.05 10.13
CA SER A 125 9.42 -7.74 11.09
C SER A 125 7.96 -7.49 10.75
N LEU A 126 7.19 -8.55 10.57
CA LEU A 126 5.77 -8.42 10.25
C LEU A 126 5.05 -7.68 11.37
N LEU A 127 4.55 -6.50 11.04
CA LEU A 127 3.88 -5.65 12.01
C LEU A 127 2.43 -6.06 12.16
N PHE A 128 1.73 -6.09 11.05
CA PHE A 128 0.31 -6.37 11.08
C PHE A 128 -0.11 -7.03 9.77
N THR A 129 -1.19 -7.79 9.81
CA THR A 129 -1.75 -8.39 8.62
C THR A 129 -3.26 -8.19 8.61
N GLU A 130 -3.72 -7.32 7.74
CA GLU A 130 -5.13 -6.99 7.66
C GLU A 130 -5.75 -7.59 6.41
N SER A 131 -6.66 -8.52 6.61
CA SER A 131 -7.37 -9.13 5.50
C SER A 131 -8.32 -8.12 4.88
N ILE A 132 -8.17 -7.89 3.59
CA ILE A 132 -8.95 -6.88 2.90
C ILE A 132 -10.40 -7.34 2.70
N GLN A 133 -11.23 -6.98 3.69
CA GLN A 133 -12.68 -7.21 3.67
C GLN A 133 -13.02 -8.66 3.98
N ASP A 7 4.00 2.56 -21.60
CA ASP A 7 4.25 2.12 -20.24
C ASP A 7 2.94 1.81 -19.52
N GLN A 8 2.73 0.55 -19.16
CA GLN A 8 1.60 0.21 -18.30
C GLN A 8 1.85 0.77 -16.91
N VAL A 9 3.08 1.23 -16.68
CA VAL A 9 3.45 1.91 -15.46
C VAL A 9 2.51 3.10 -15.22
N VAL A 10 2.22 3.83 -16.29
CA VAL A 10 1.31 4.96 -16.23
C VAL A 10 -0.10 4.46 -15.88
N ILE A 11 -0.47 3.33 -16.46
CA ILE A 11 -1.77 2.71 -16.22
C ILE A 11 -1.93 2.35 -14.75
N PHE A 12 -0.97 1.60 -14.21
CA PHE A 12 -1.01 1.17 -12.82
C PHE A 12 -0.98 2.37 -11.87
N LYS A 13 -0.14 3.35 -12.17
CA LYS A 13 0.00 4.50 -11.30
C LYS A 13 -1.28 5.34 -11.30
N GLN A 14 -1.92 5.44 -12.47
CA GLN A 14 -3.19 6.15 -12.59
C GLN A 14 -4.23 5.58 -11.63
N ILE A 15 -4.17 4.26 -11.44
CA ILE A 15 -5.05 3.58 -10.49
C ILE A 15 -4.82 4.11 -9.08
N PHE A 16 -3.55 4.16 -8.66
CA PHE A 16 -3.20 4.63 -7.33
C PHE A 16 -3.45 6.13 -7.17
N ASP A 17 -3.14 6.89 -8.23
CA ASP A 17 -3.37 8.33 -8.22
C ASP A 17 -4.87 8.65 -8.16
N LYS A 18 -5.68 7.75 -8.70
CA LYS A 18 -7.12 7.92 -8.68
C LYS A 18 -7.67 7.71 -7.27
N VAL A 19 -7.27 6.61 -6.65
CA VAL A 19 -7.82 6.19 -5.37
C VAL A 19 -7.33 7.06 -4.21
N ARG A 20 -6.17 7.70 -4.37
CA ARG A 20 -5.60 8.49 -3.28
C ARG A 20 -6.44 9.73 -2.99
N ASN A 21 -7.16 10.22 -3.99
CA ASN A 21 -7.98 11.41 -3.81
C ASN A 21 -9.46 11.09 -3.92
N ASP A 22 -9.83 10.27 -4.90
CA ASP A 22 -11.24 9.96 -5.13
C ASP A 22 -11.72 8.85 -4.20
N LEU A 23 -10.78 8.00 -3.78
CA LEU A 23 -11.07 6.91 -2.85
C LEU A 23 -12.04 5.89 -3.46
N ASN A 24 -12.00 5.74 -4.77
CA ASN A 24 -12.85 4.77 -5.45
C ASN A 24 -12.25 3.37 -5.36
N TYR A 25 -12.40 2.75 -4.20
CA TYR A 25 -11.88 1.40 -3.97
C TYR A 25 -12.59 0.40 -4.87
N GLN A 26 -13.78 0.77 -5.33
CA GLN A 26 -14.56 -0.07 -6.25
C GLN A 26 -13.73 -0.42 -7.48
N TRP A 27 -13.12 0.59 -8.08
CA TRP A 27 -12.30 0.39 -9.27
C TRP A 27 -10.89 -0.03 -8.88
N PHE A 28 -10.41 0.52 -7.79
CA PHE A 28 -9.07 0.24 -7.28
C PHE A 28 -8.85 -1.26 -7.11
N TYR A 29 -9.72 -1.92 -6.35
CA TYR A 29 -9.56 -3.34 -6.07
C TYR A 29 -9.82 -4.19 -7.31
N SER A 30 -10.64 -3.69 -8.22
CA SER A 30 -10.95 -4.41 -9.44
C SER A 30 -9.69 -4.55 -10.31
N GLU A 31 -8.96 -3.46 -10.47
CA GLU A 31 -7.77 -3.47 -11.29
C GLU A 31 -6.63 -4.21 -10.61
N LEU A 32 -6.63 -4.23 -9.29
CA LEU A 32 -5.67 -5.03 -8.54
C LEU A 32 -5.94 -6.51 -8.80
N LYS A 33 -7.22 -6.85 -8.86
CA LYS A 33 -7.65 -8.22 -9.04
C LYS A 33 -7.49 -8.67 -10.50
N ARG A 34 -7.30 -7.72 -11.41
CA ARG A 34 -7.07 -8.04 -12.81
C ARG A 34 -5.58 -8.04 -13.16
N HIS A 35 -4.79 -7.21 -12.50
CA HIS A 35 -3.39 -7.04 -12.88
C HIS A 35 -2.44 -7.55 -11.81
N ASN A 36 -2.70 -7.18 -10.56
CA ASN A 36 -1.79 -7.49 -9.45
C ASN A 36 -2.06 -8.88 -8.91
N VAL A 37 -2.17 -9.84 -9.82
CA VAL A 37 -2.55 -11.21 -9.48
C VAL A 37 -1.61 -11.83 -8.45
N SER A 38 -0.38 -11.34 -8.38
CA SER A 38 0.57 -11.84 -7.41
C SER A 38 0.61 -10.95 -6.16
N HIS A 39 1.38 -9.87 -6.22
CA HIS A 39 1.53 -8.99 -5.06
C HIS A 39 2.33 -7.73 -5.43
N TYR A 40 2.06 -6.63 -4.75
CA TYR A 40 2.82 -5.41 -4.97
C TYR A 40 3.43 -4.92 -3.66
N ILE A 41 4.67 -4.48 -3.75
CA ILE A 41 5.40 -3.99 -2.59
C ILE A 41 5.53 -2.48 -2.63
N TYR A 42 4.93 -1.81 -1.67
CA TYR A 42 4.92 -0.36 -1.61
C TYR A 42 5.92 0.12 -0.57
N TYR A 43 6.96 0.84 -1.01
CA TYR A 43 7.92 1.43 -0.08
C TYR A 43 7.54 2.87 0.21
N LEU A 44 7.00 3.11 1.39
CA LEU A 44 6.40 4.39 1.73
C LEU A 44 7.42 5.55 1.78
N ALA A 45 8.68 5.22 2.06
CA ALA A 45 9.71 6.24 2.22
C ALA A 45 10.22 6.74 0.86
N THR A 46 9.90 6.02 -0.19
CA THR A 46 10.34 6.40 -1.52
C THR A 46 9.15 6.54 -2.47
N GLU A 47 8.03 5.94 -2.07
CA GLU A 47 6.80 5.92 -2.85
C GLU A 47 7.00 5.15 -4.15
N ASN A 48 7.92 4.19 -4.13
CA ASN A 48 8.05 3.29 -5.27
C ASN A 48 7.23 2.04 -5.02
N VAL A 49 6.43 1.66 -5.99
CA VAL A 49 5.55 0.52 -5.85
C VAL A 49 5.99 -0.61 -6.78
N HIS A 50 6.42 -1.71 -6.19
CA HIS A 50 6.88 -2.85 -6.97
C HIS A 50 5.74 -3.83 -7.21
N ILE A 51 5.08 -3.73 -8.37
CA ILE A 51 4.00 -4.64 -8.69
C ILE A 51 4.57 -5.89 -9.35
N VAL A 52 4.62 -6.98 -8.61
CA VAL A 52 5.02 -8.25 -9.18
C VAL A 52 3.81 -8.89 -9.84
N LEU A 53 3.89 -9.07 -11.14
CA LEU A 53 2.79 -9.62 -11.91
C LEU A 53 2.58 -11.09 -11.59
N LYS A 54 1.57 -11.68 -12.23
CA LYS A 54 1.14 -13.07 -11.97
C LYS A 54 2.34 -14.00 -11.80
N ASN A 55 3.20 -14.05 -12.79
CA ASN A 55 4.43 -14.84 -12.74
C ASN A 55 5.43 -14.24 -13.71
N ASP A 56 5.22 -12.98 -14.02
CA ASP A 56 5.98 -12.31 -15.08
C ASP A 56 7.21 -11.62 -14.53
N ASN A 57 7.04 -10.37 -14.11
CA ASN A 57 8.15 -9.56 -13.64
C ASN A 57 7.64 -8.49 -12.68
N THR A 58 8.50 -7.54 -12.35
CA THR A 58 8.14 -6.50 -11.40
C THR A 58 8.00 -5.14 -12.07
N VAL A 59 6.79 -4.62 -12.07
CA VAL A 59 6.52 -3.29 -12.60
C VAL A 59 6.62 -2.26 -11.48
N LEU A 60 7.69 -1.47 -11.50
CA LEU A 60 7.92 -0.50 -10.45
C LEU A 60 7.31 0.86 -10.80
N LEU A 61 6.32 1.26 -10.02
CA LEU A 61 5.73 2.58 -10.16
C LEU A 61 6.50 3.57 -9.31
N LYS A 62 7.12 4.55 -9.94
CA LYS A 62 7.79 5.59 -9.19
C LYS A 62 6.81 6.71 -8.86
N GLY A 63 6.50 6.87 -7.58
CA GLY A 63 5.65 7.95 -7.16
C GLY A 63 6.39 9.28 -7.20
N LEU A 64 6.93 9.68 -6.07
CA LEU A 64 7.73 10.88 -6.01
C LEU A 64 9.22 10.51 -6.01
N LYS A 65 9.80 10.31 -4.83
CA LYS A 65 11.18 9.86 -4.70
C LYS A 65 11.65 9.87 -3.25
N ASN A 66 11.72 11.05 -2.66
CA ASN A 66 12.32 11.20 -1.33
C ASN A 66 11.34 11.80 -0.33
N ILE A 67 10.59 10.93 0.35
CA ILE A 67 9.68 11.36 1.40
C ILE A 67 9.84 10.44 2.62
N VAL A 68 10.71 10.83 3.53
CA VAL A 68 10.97 10.02 4.71
C VAL A 68 10.14 10.49 5.89
N SER A 69 8.89 10.05 5.93
CA SER A 69 8.03 10.29 7.07
C SER A 69 7.83 8.99 7.83
N VAL A 70 8.55 7.97 7.39
CA VAL A 70 8.46 6.64 7.97
C VAL A 70 9.50 6.48 9.08
N LYS A 71 9.03 6.21 10.28
CA LYS A 71 9.92 5.98 11.41
C LYS A 71 10.53 4.59 11.33
N PHE A 72 11.69 4.42 11.95
CA PHE A 72 12.33 3.11 12.00
C PHE A 72 11.86 2.35 13.25
N SER A 73 10.82 2.89 13.87
CA SER A 73 10.20 2.27 15.02
C SER A 73 9.07 1.35 14.56
N LYS A 74 8.32 0.81 15.50
CA LYS A 74 7.19 -0.05 15.15
C LYS A 74 6.09 0.02 16.21
N ASP A 75 4.88 0.28 15.75
CA ASP A 75 3.72 0.24 16.62
C ASP A 75 2.56 -0.43 15.92
N ARG A 76 1.78 -1.21 16.67
CA ARG A 76 0.66 -1.94 16.11
C ARG A 76 -0.65 -1.21 16.40
N HIS A 77 -0.58 -0.24 17.31
CA HIS A 77 -1.77 0.48 17.75
C HIS A 77 -2.20 1.51 16.70
N LEU A 78 -1.25 2.31 16.25
CA LEU A 78 -1.53 3.34 15.26
C LEU A 78 -2.06 2.73 13.97
N ILE A 79 -1.50 1.59 13.57
CA ILE A 79 -1.96 0.89 12.38
C ILE A 79 -3.42 0.47 12.54
N GLU A 80 -3.73 -0.13 13.69
CA GLU A 80 -5.09 -0.54 14.01
C GLU A 80 -6.03 0.65 13.98
N THR A 81 -5.65 1.71 14.69
CA THR A 81 -6.46 2.91 14.80
C THR A 81 -6.69 3.57 13.44
N THR A 82 -5.62 3.70 12.66
CA THR A 82 -5.70 4.35 11.36
C THR A 82 -6.61 3.58 10.41
N SER A 83 -6.53 2.25 10.45
CA SER A 83 -7.34 1.41 9.57
C SER A 83 -8.83 1.51 9.93
N ASN A 84 -9.12 1.49 11.23
CA ASN A 84 -10.50 1.59 11.70
C ASN A 84 -11.06 2.96 11.34
N LYS A 85 -10.30 4.01 11.65
CA LYS A 85 -10.70 5.37 11.36
C LYS A 85 -10.84 5.57 9.84
N LEU A 86 -10.01 4.86 9.10
CA LEU A 86 -10.02 4.92 7.64
C LEU A 86 -11.40 4.58 7.10
N LYS A 87 -11.97 3.46 7.52
CA LYS A 87 -13.25 3.03 6.98
C LYS A 87 -14.40 3.75 7.69
N SER A 88 -14.13 4.29 8.86
CA SER A 88 -15.15 4.99 9.64
C SER A 88 -15.46 6.36 9.01
N ARG A 89 -14.44 7.19 8.87
CA ARG A 89 -14.64 8.53 8.31
C ARG A 89 -14.42 8.52 6.81
N GLU A 90 -13.73 7.48 6.34
CA GLU A 90 -13.34 7.36 4.95
C GLU A 90 -12.49 8.56 4.53
N ILE A 91 -11.36 8.69 5.20
CA ILE A 91 -10.38 9.74 4.91
C ILE A 91 -9.57 9.37 3.68
N THR A 92 -8.81 10.31 3.17
CA THR A 92 -8.01 10.08 1.97
C THR A 92 -6.94 9.04 2.18
N PHE A 93 -6.52 8.42 1.09
CA PHE A 93 -5.50 7.38 1.12
C PHE A 93 -4.17 7.96 1.61
N GLN A 94 -4.03 9.28 1.43
CA GLN A 94 -2.83 9.98 1.86
C GLN A 94 -2.73 10.01 3.38
N GLU A 95 -3.86 10.27 4.04
CA GLU A 95 -3.91 10.26 5.50
C GLU A 95 -3.59 8.87 6.03
N TYR A 96 -4.16 7.86 5.37
CA TYR A 96 -3.92 6.47 5.75
C TYR A 96 -2.43 6.15 5.63
N ARG A 97 -1.82 6.57 4.53
CA ARG A 97 -0.40 6.34 4.30
C ARG A 97 0.46 7.04 5.36
N ARG A 98 0.16 8.31 5.58
CA ARG A 98 0.99 9.15 6.45
C ARG A 98 1.02 8.61 7.88
N ASN A 99 -0.11 8.14 8.37
CA ASN A 99 -0.19 7.60 9.71
C ASN A 99 0.56 6.26 9.79
N LEU A 100 0.49 5.48 8.72
CA LEU A 100 1.24 4.23 8.65
C LEU A 100 2.73 4.49 8.71
N ALA A 101 3.17 5.53 8.00
CA ALA A 101 4.57 5.93 7.99
C ALA A 101 5.03 6.30 9.40
N LYS A 102 4.17 6.97 10.14
CA LYS A 102 4.47 7.38 11.50
C LYS A 102 4.53 6.17 12.43
N ALA A 103 3.81 5.10 12.08
CA ALA A 103 3.79 3.89 12.87
C ALA A 103 5.02 3.03 12.59
N GLY A 104 5.65 3.29 11.45
CA GLY A 104 6.87 2.59 11.12
C GLY A 104 6.68 1.60 9.99
N VAL A 105 5.59 1.74 9.25
CA VAL A 105 5.33 0.88 8.10
C VAL A 105 6.21 1.30 6.93
N PHE A 106 7.30 0.57 6.73
CA PHE A 106 8.26 0.89 5.68
C PHE A 106 7.96 0.11 4.41
N ARG A 107 7.41 -1.09 4.58
CA ARG A 107 7.13 -1.96 3.45
C ARG A 107 5.70 -2.45 3.48
N TRP A 108 4.90 -1.93 2.57
CA TRP A 108 3.50 -2.28 2.43
C TRP A 108 3.36 -3.33 1.34
N VAL A 109 3.16 -4.57 1.71
CA VAL A 109 3.09 -5.66 0.75
C VAL A 109 1.68 -6.22 0.66
N THR A 110 0.92 -5.74 -0.30
CA THR A 110 -0.41 -6.29 -0.53
C THR A 110 -0.31 -7.47 -1.48
N ASN A 111 -0.51 -8.65 -0.93
CA ASN A 111 -0.39 -9.89 -1.69
C ASN A 111 -1.77 -10.37 -2.12
N ILE A 112 -2.16 -9.99 -3.32
CA ILE A 112 -3.46 -10.35 -3.87
C ILE A 112 -3.55 -11.86 -4.06
N HIS A 113 -2.44 -12.47 -4.42
CA HIS A 113 -2.35 -13.91 -4.63
C HIS A 113 -2.66 -14.66 -3.33
N GLU A 114 -2.40 -14.00 -2.20
CA GLU A 114 -2.56 -14.62 -0.90
C GLU A 114 -3.76 -14.02 -0.16
N GLN A 115 -4.37 -13.01 -0.77
CA GLN A 115 -5.55 -12.34 -0.22
C GLN A 115 -5.23 -11.65 1.12
N LYS A 116 -4.03 -11.09 1.23
CA LYS A 116 -3.61 -10.40 2.44
C LYS A 116 -2.90 -9.09 2.12
N ARG A 117 -2.88 -8.19 3.09
CA ARG A 117 -2.10 -6.96 2.97
C ARG A 117 -1.12 -6.87 4.14
N TYR A 118 0.14 -7.19 3.86
CA TYR A 118 1.17 -7.26 4.89
C TYR A 118 1.80 -5.91 5.15
N TYR A 119 2.02 -5.59 6.42
CA TYR A 119 2.68 -4.36 6.82
C TYR A 119 3.96 -4.66 7.60
N TYR A 120 5.10 -4.39 6.96
CA TYR A 120 6.42 -4.62 7.55
C TYR A 120 7.11 -3.29 7.83
N THR A 121 7.86 -3.26 8.91
CA THR A 121 8.71 -2.12 9.22
C THR A 121 10.09 -2.35 8.57
N PHE A 122 11.02 -1.44 8.80
CA PHE A 122 12.36 -1.57 8.22
C PHE A 122 13.00 -2.90 8.64
N ASP A 123 12.68 -3.37 9.84
CA ASP A 123 13.20 -4.63 10.35
C ASP A 123 12.18 -5.75 10.13
N ASN A 124 11.26 -5.49 9.19
CA ASN A 124 10.18 -6.40 8.81
C ASN A 124 9.13 -6.44 9.91
N SER A 125 9.47 -7.16 10.96
CA SER A 125 8.63 -7.36 12.15
C SER A 125 7.28 -8.04 11.86
N LEU A 126 6.61 -7.63 10.78
CA LEU A 126 5.24 -8.04 10.49
C LEU A 126 4.33 -7.49 11.58
N LEU A 127 3.96 -6.23 11.44
CA LEU A 127 3.18 -5.54 12.44
C LEU A 127 1.70 -5.77 12.22
N PHE A 128 1.30 -5.89 10.97
CA PHE A 128 -0.10 -6.05 10.63
C PHE A 128 -0.24 -6.80 9.32
N THR A 129 -1.36 -7.47 9.14
CA THR A 129 -1.63 -8.20 7.91
C THR A 129 -3.12 -8.51 7.80
N GLU A 130 -3.82 -7.69 7.03
CA GLU A 130 -5.25 -7.85 6.87
C GLU A 130 -5.57 -8.77 5.70
N SER A 131 -6.37 -9.79 5.94
CA SER A 131 -6.80 -10.67 4.89
C SER A 131 -8.12 -10.14 4.31
N ILE A 132 -8.10 -9.82 3.03
CA ILE A 132 -9.27 -9.27 2.36
C ILE A 132 -10.25 -10.38 2.00
N GLN A 133 -11.27 -10.54 2.84
CA GLN A 133 -12.24 -11.60 2.68
C GLN A 133 -13.36 -11.17 1.75
N ASP A 7 2.45 2.31 -23.11
CA ASP A 7 3.27 1.91 -21.97
C ASP A 7 2.42 1.38 -20.82
N GLN A 8 2.75 0.17 -20.40
CA GLN A 8 2.05 -0.52 -19.32
C GLN A 8 2.23 0.22 -17.99
N VAL A 9 3.36 0.91 -17.85
CA VAL A 9 3.66 1.65 -16.63
C VAL A 9 2.64 2.78 -16.45
N VAL A 10 2.20 3.35 -17.56
CA VAL A 10 1.21 4.42 -17.54
C VAL A 10 -0.07 3.95 -16.85
N ILE A 11 -0.58 2.79 -17.29
CA ILE A 11 -1.83 2.25 -16.76
C ILE A 11 -1.75 2.04 -15.25
N PHE A 12 -0.72 1.33 -14.80
CA PHE A 12 -0.56 1.04 -13.38
C PHE A 12 -0.41 2.32 -12.57
N LYS A 13 0.36 3.26 -13.11
CA LYS A 13 0.56 4.54 -12.43
C LYS A 13 -0.76 5.30 -12.33
N GLN A 14 -1.56 5.27 -13.39
CA GLN A 14 -2.86 5.92 -13.40
C GLN A 14 -3.77 5.33 -12.31
N ILE A 15 -3.66 4.03 -12.11
CA ILE A 15 -4.43 3.33 -11.08
C ILE A 15 -4.14 3.92 -9.70
N PHE A 16 -2.87 3.87 -9.31
CA PHE A 16 -2.46 4.30 -7.98
C PHE A 16 -2.57 5.82 -7.82
N ASP A 17 -2.34 6.55 -8.91
CA ASP A 17 -2.44 8.00 -8.87
C ASP A 17 -3.87 8.43 -8.65
N LYS A 18 -4.79 7.80 -9.38
CA LYS A 18 -6.20 8.16 -9.30
C LYS A 18 -6.83 7.68 -7.99
N VAL A 19 -6.47 6.50 -7.53
CA VAL A 19 -7.06 5.96 -6.30
C VAL A 19 -6.62 6.79 -5.08
N ARG A 20 -5.45 7.41 -5.19
CA ARG A 20 -4.92 8.24 -4.11
C ARG A 20 -5.66 9.58 -4.05
N ASN A 21 -6.44 9.86 -5.08
CA ASN A 21 -7.20 11.11 -5.16
C ASN A 21 -8.69 10.86 -5.07
N ASP A 22 -9.18 9.96 -5.93
CA ASP A 22 -10.61 9.67 -6.02
C ASP A 22 -11.06 8.79 -4.85
N LEU A 23 -10.11 8.07 -4.27
CA LEU A 23 -10.37 7.17 -3.14
C LEU A 23 -11.34 6.07 -3.53
N ASN A 24 -11.24 5.63 -4.78
CA ASN A 24 -12.06 4.55 -5.29
C ASN A 24 -11.40 3.21 -5.02
N TYR A 25 -11.84 2.56 -3.96
CA TYR A 25 -11.27 1.27 -3.57
C TYR A 25 -12.03 0.13 -4.24
N GLN A 26 -13.29 0.41 -4.59
CA GLN A 26 -14.12 -0.57 -5.27
C GLN A 26 -13.47 -1.01 -6.58
N TRP A 27 -13.07 -0.04 -7.39
CA TRP A 27 -12.38 -0.32 -8.63
C TRP A 27 -10.95 -0.75 -8.35
N PHE A 28 -10.33 -0.12 -7.36
CA PHE A 28 -8.92 -0.35 -7.03
C PHE A 28 -8.61 -1.84 -6.87
N TYR A 29 -9.25 -2.49 -5.92
CA TYR A 29 -8.96 -3.89 -5.63
C TYR A 29 -9.39 -4.81 -6.78
N SER A 30 -10.43 -4.40 -7.50
CA SER A 30 -10.94 -5.19 -8.62
C SER A 30 -9.97 -5.11 -9.80
N GLU A 31 -9.39 -3.94 -10.01
CA GLU A 31 -8.40 -3.74 -11.06
C GLU A 31 -7.13 -4.51 -10.72
N LEU A 32 -6.75 -4.46 -9.44
CA LEU A 32 -5.61 -5.23 -8.96
C LEU A 32 -5.84 -6.71 -9.22
N LYS A 33 -7.05 -7.19 -8.98
CA LYS A 33 -7.39 -8.59 -9.21
C LYS A 33 -7.24 -8.96 -10.68
N ARG A 34 -7.40 -7.99 -11.57
CA ARG A 34 -7.33 -8.27 -13.00
C ARG A 34 -5.88 -8.34 -13.48
N HIS A 35 -4.96 -7.73 -12.74
CA HIS A 35 -3.55 -7.71 -13.15
C HIS A 35 -2.64 -8.34 -12.12
N ASN A 36 -2.72 -7.84 -10.89
CA ASN A 36 -1.86 -8.28 -9.81
C ASN A 36 -2.36 -9.60 -9.24
N VAL A 37 -2.04 -10.68 -9.93
CA VAL A 37 -2.42 -12.01 -9.51
C VAL A 37 -1.74 -12.39 -8.19
N SER A 38 -0.55 -11.84 -7.97
CA SER A 38 0.19 -12.12 -6.75
C SER A 38 0.18 -10.91 -5.80
N HIS A 39 1.13 -9.98 -5.96
CA HIS A 39 1.28 -8.91 -4.97
C HIS A 39 2.10 -7.74 -5.52
N TYR A 40 1.87 -6.56 -4.95
CA TYR A 40 2.68 -5.39 -5.28
C TYR A 40 3.24 -4.80 -4.00
N ILE A 41 4.46 -4.28 -4.07
CA ILE A 41 5.13 -3.70 -2.92
C ILE A 41 5.19 -2.18 -3.06
N TYR A 42 4.40 -1.51 -2.25
CA TYR A 42 4.39 -0.06 -2.21
C TYR A 42 5.33 0.42 -1.11
N TYR A 43 6.43 1.05 -1.49
CA TYR A 43 7.39 1.55 -0.52
C TYR A 43 6.99 2.94 -0.05
N LEU A 44 6.67 3.05 1.24
CA LEU A 44 6.37 4.35 1.82
C LEU A 44 7.63 5.19 1.89
N ALA A 45 7.45 6.51 2.04
CA ALA A 45 8.55 7.46 2.15
C ALA A 45 9.23 7.71 0.80
N THR A 46 9.10 6.76 -0.13
CA THR A 46 9.73 6.89 -1.43
C THR A 46 8.70 6.95 -2.56
N GLU A 47 7.50 6.41 -2.30
CA GLU A 47 6.42 6.40 -3.28
C GLU A 47 6.78 5.50 -4.47
N ASN A 48 7.66 4.54 -4.23
CA ASN A 48 8.08 3.60 -5.28
C ASN A 48 7.25 2.34 -5.19
N VAL A 49 6.43 2.11 -6.21
CA VAL A 49 5.53 0.97 -6.22
C VAL A 49 6.07 -0.13 -7.14
N HIS A 50 6.30 -1.31 -6.60
CA HIS A 50 6.78 -2.43 -7.39
C HIS A 50 5.68 -3.46 -7.56
N ILE A 51 5.07 -3.47 -8.74
CA ILE A 51 3.97 -4.37 -9.04
C ILE A 51 4.48 -5.65 -9.67
N VAL A 52 4.42 -6.75 -8.92
CA VAL A 52 4.74 -8.05 -9.48
C VAL A 52 3.45 -8.78 -9.82
N LEU A 53 3.20 -8.93 -11.12
CA LEU A 53 1.94 -9.50 -11.59
C LEU A 53 1.68 -10.86 -10.96
N LYS A 54 2.39 -11.86 -11.43
CA LYS A 54 2.34 -13.17 -10.79
C LYS A 54 3.74 -13.57 -10.35
N ASN A 55 4.71 -13.11 -11.12
CA ASN A 55 6.13 -13.45 -10.97
C ASN A 55 6.80 -13.27 -12.33
N ASP A 56 5.95 -13.28 -13.35
CA ASP A 56 6.36 -13.15 -14.73
C ASP A 56 6.82 -11.73 -15.04
N ASN A 57 6.02 -10.74 -14.67
CA ASN A 57 6.34 -9.36 -14.95
C ASN A 57 6.37 -8.52 -13.67
N THR A 58 7.18 -7.47 -13.68
CA THR A 58 7.28 -6.56 -12.57
C THR A 58 7.37 -5.11 -13.06
N VAL A 59 6.34 -4.33 -12.77
CA VAL A 59 6.28 -2.95 -13.19
C VAL A 59 6.57 -2.04 -11.99
N LEU A 60 7.52 -1.14 -12.12
CA LEU A 60 7.89 -0.27 -11.03
C LEU A 60 7.49 1.18 -11.32
N LEU A 61 6.68 1.74 -10.46
CA LEU A 61 6.26 3.12 -10.57
C LEU A 61 7.04 3.96 -9.57
N LYS A 62 8.00 4.74 -10.07
CA LYS A 62 8.84 5.54 -9.20
C LYS A 62 8.22 6.91 -9.01
N GLY A 63 7.75 7.16 -7.79
CA GLY A 63 7.08 8.41 -7.49
C GLY A 63 8.02 9.53 -7.04
N LEU A 64 7.64 10.22 -5.98
CA LEU A 64 8.32 11.44 -5.55
C LEU A 64 9.73 11.16 -5.02
N LYS A 65 9.95 9.92 -4.56
CA LYS A 65 11.23 9.47 -3.99
C LYS A 65 11.45 10.04 -2.60
N ASN A 66 11.02 11.27 -2.37
CA ASN A 66 11.23 11.92 -1.09
C ASN A 66 9.90 12.39 -0.50
N ILE A 67 9.31 11.55 0.31
CA ILE A 67 8.09 11.91 1.03
C ILE A 67 8.18 11.35 2.46
N VAL A 68 9.43 11.06 2.85
CA VAL A 68 9.73 10.40 4.11
C VAL A 68 9.11 11.11 5.31
N SER A 69 8.15 10.45 5.92
CA SER A 69 7.53 10.91 7.14
C SER A 69 7.42 9.76 8.13
N VAL A 70 8.14 8.69 7.81
CA VAL A 70 8.07 7.45 8.58
C VAL A 70 9.10 7.46 9.70
N LYS A 71 8.69 7.05 10.87
CA LYS A 71 9.58 7.01 12.03
C LYS A 71 9.77 5.57 12.47
N PHE A 72 10.89 5.27 13.12
CA PHE A 72 11.13 3.92 13.63
C PHE A 72 10.20 3.64 14.82
N SER A 73 9.02 3.13 14.50
CA SER A 73 8.07 2.72 15.51
C SER A 73 7.68 1.27 15.27
N LYS A 74 7.21 0.62 16.32
CA LYS A 74 6.66 -0.72 16.20
C LYS A 74 5.34 -0.79 16.96
N ASP A 75 4.26 -0.45 16.29
CA ASP A 75 2.95 -0.45 16.93
C ASP A 75 1.91 -1.08 16.02
N ARG A 76 1.39 -2.21 16.45
CA ARG A 76 0.41 -2.96 15.67
C ARG A 76 -0.97 -2.35 15.88
N HIS A 77 -1.15 -1.74 17.04
CA HIS A 77 -2.45 -1.16 17.41
C HIS A 77 -2.78 0.04 16.54
N LEU A 78 -1.79 0.91 16.32
CA LEU A 78 -1.98 2.10 15.51
C LEU A 78 -2.39 1.73 14.09
N ILE A 79 -1.77 0.69 13.56
CA ILE A 79 -2.12 0.20 12.23
C ILE A 79 -3.59 -0.24 12.21
N GLU A 80 -3.96 -1.04 13.20
CA GLU A 80 -5.36 -1.45 13.36
C GLU A 80 -6.29 -0.25 13.39
N THR A 81 -5.91 0.73 14.20
CA THR A 81 -6.72 1.93 14.38
C THR A 81 -6.79 2.74 13.09
N THR A 82 -5.75 2.66 12.28
CA THR A 82 -5.71 3.37 11.01
C THR A 82 -6.64 2.70 9.99
N SER A 83 -6.57 1.37 9.91
CA SER A 83 -7.45 0.61 9.03
C SER A 83 -8.92 0.87 9.39
N ASN A 84 -9.20 0.88 10.68
CA ASN A 84 -10.54 1.20 11.17
C ASN A 84 -10.90 2.64 10.85
N LYS A 85 -9.94 3.53 11.05
CA LYS A 85 -10.13 4.96 10.83
C LYS A 85 -10.53 5.26 9.39
N LEU A 86 -9.94 4.52 8.46
CA LEU A 86 -10.28 4.66 7.04
C LEU A 86 -11.70 4.18 6.77
N LYS A 87 -12.00 2.98 7.25
CA LYS A 87 -13.27 2.33 6.98
C LYS A 87 -14.43 3.07 7.66
N SER A 88 -14.17 3.65 8.82
CA SER A 88 -15.21 4.33 9.58
C SER A 88 -15.25 5.83 9.29
N ARG A 89 -14.14 6.52 9.53
CA ARG A 89 -14.09 7.98 9.50
C ARG A 89 -13.89 8.52 8.09
N GLU A 90 -13.41 7.67 7.19
CA GLU A 90 -13.08 8.07 5.83
C GLU A 90 -11.94 9.10 5.83
N ILE A 91 -10.78 8.68 6.32
CA ILE A 91 -9.59 9.51 6.21
C ILE A 91 -9.00 9.38 4.81
N THR A 92 -8.42 10.47 4.31
CA THR A 92 -7.84 10.47 2.98
C THR A 92 -6.64 9.51 2.90
N PHE A 93 -6.43 8.92 1.72
CA PHE A 93 -5.36 7.93 1.52
C PHE A 93 -4.00 8.50 1.92
N GLN A 94 -3.82 9.81 1.72
CA GLN A 94 -2.61 10.50 2.16
C GLN A 94 -2.44 10.37 3.67
N GLU A 95 -3.49 10.68 4.41
CA GLU A 95 -3.48 10.62 5.87
C GLU A 95 -3.33 9.18 6.34
N TYR A 96 -3.92 8.26 5.59
CA TYR A 96 -3.85 6.84 5.90
C TYR A 96 -2.39 6.37 5.93
N ARG A 97 -1.64 6.72 4.90
CA ARG A 97 -0.23 6.36 4.83
C ARG A 97 0.56 7.15 5.86
N ARG A 98 0.08 8.34 6.17
CA ARG A 98 0.73 9.21 7.14
C ARG A 98 0.70 8.58 8.54
N ASN A 99 -0.43 7.98 8.88
CA ASN A 99 -0.58 7.30 10.17
C ASN A 99 0.27 6.03 10.21
N LEU A 100 0.32 5.33 9.08
CA LEU A 100 1.14 4.14 8.96
C LEU A 100 2.63 4.49 9.07
N ALA A 101 2.99 5.63 8.51
CA ALA A 101 4.36 6.14 8.61
C ALA A 101 4.74 6.38 10.06
N LYS A 102 3.77 6.83 10.84
CA LYS A 102 3.99 7.07 12.27
C LYS A 102 4.14 5.74 13.01
N ALA A 103 3.50 4.71 12.48
CA ALA A 103 3.55 3.38 13.11
C ALA A 103 4.83 2.63 12.73
N GLY A 104 5.56 3.16 11.75
CA GLY A 104 6.83 2.57 11.37
C GLY A 104 6.71 1.64 10.18
N VAL A 105 5.65 1.82 9.40
CA VAL A 105 5.43 0.99 8.22
C VAL A 105 6.16 1.54 7.00
N PHE A 106 7.04 0.73 6.44
CA PHE A 106 7.78 1.10 5.24
C PHE A 106 7.32 0.28 4.04
N ARG A 107 6.80 -0.92 4.30
CA ARG A 107 6.36 -1.81 3.25
C ARG A 107 4.84 -1.93 3.22
N TRP A 108 4.24 -1.38 2.18
CA TRP A 108 2.84 -1.59 1.89
C TRP A 108 2.74 -2.72 0.86
N VAL A 109 2.62 -3.94 1.35
CA VAL A 109 2.59 -5.10 0.47
C VAL A 109 1.18 -5.66 0.40
N THR A 110 0.47 -5.32 -0.65
CA THR A 110 -0.87 -5.84 -0.84
C THR A 110 -0.82 -7.06 -1.74
N ASN A 111 -1.09 -8.22 -1.16
CA ASN A 111 -1.07 -9.46 -1.90
C ASN A 111 -2.49 -9.90 -2.20
N ILE A 112 -2.85 -9.86 -3.48
CA ILE A 112 -4.20 -10.15 -3.93
C ILE A 112 -4.45 -11.65 -3.90
N HIS A 113 -3.41 -12.42 -4.19
CA HIS A 113 -3.51 -13.87 -4.18
C HIS A 113 -3.86 -14.36 -2.78
N GLU A 114 -3.18 -13.81 -1.79
CA GLU A 114 -3.38 -14.20 -0.41
C GLU A 114 -4.55 -13.42 0.22
N GLN A 115 -4.99 -12.38 -0.49
CA GLN A 115 -6.04 -11.49 0.02
C GLN A 115 -5.62 -10.85 1.34
N LYS A 116 -4.37 -10.39 1.39
CA LYS A 116 -3.81 -9.86 2.63
C LYS A 116 -2.95 -8.63 2.35
N ARG A 117 -3.07 -7.63 3.21
CA ARG A 117 -2.22 -6.45 3.14
C ARG A 117 -1.17 -6.51 4.24
N TYR A 118 0.07 -6.71 3.85
CA TYR A 118 1.17 -6.85 4.79
C TYR A 118 1.83 -5.50 5.05
N TYR A 119 1.99 -5.16 6.32
CA TYR A 119 2.69 -3.95 6.71
C TYR A 119 4.01 -4.29 7.38
N TYR A 120 5.11 -4.09 6.66
CA TYR A 120 6.44 -4.33 7.21
C TYR A 120 7.13 -3.02 7.51
N THR A 121 8.01 -3.05 8.50
CA THR A 121 8.90 -1.92 8.75
C THR A 121 10.18 -2.11 7.91
N PHE A 122 11.13 -1.19 8.02
CA PHE A 122 12.35 -1.28 7.19
C PHE A 122 13.20 -2.49 7.59
N ASP A 123 12.95 -2.99 8.79
CA ASP A 123 13.60 -4.20 9.27
C ASP A 123 13.04 -5.43 8.55
N ASN A 124 11.88 -5.23 7.92
CA ASN A 124 11.11 -6.30 7.28
C ASN A 124 10.39 -7.15 8.31
N SER A 125 10.29 -6.62 9.52
CA SER A 125 9.46 -7.23 10.54
C SER A 125 8.00 -7.02 10.20
N LEU A 126 7.20 -8.08 10.27
CA LEU A 126 5.78 -7.98 9.99
C LEU A 126 5.06 -7.38 11.19
N LEU A 127 4.65 -6.13 11.05
CA LEU A 127 3.97 -5.44 12.13
C LEU A 127 2.50 -5.80 12.13
N PHE A 128 1.89 -5.82 10.95
CA PHE A 128 0.47 -6.13 10.82
C PHE A 128 0.19 -6.76 9.47
N THR A 129 -0.73 -7.71 9.45
CA THR A 129 -1.19 -8.31 8.21
C THR A 129 -2.70 -8.49 8.26
N GLU A 130 -3.41 -7.73 7.47
CA GLU A 130 -4.86 -7.78 7.46
C GLU A 130 -5.37 -8.49 6.20
N SER A 131 -6.24 -9.46 6.40
CA SER A 131 -6.89 -10.12 5.28
C SER A 131 -8.06 -9.25 4.81
N ILE A 132 -7.94 -8.74 3.60
CA ILE A 132 -8.95 -7.83 3.05
C ILE A 132 -10.29 -8.54 2.90
N GLN A 133 -11.26 -8.08 3.67
CA GLN A 133 -12.58 -8.69 3.71
C GLN A 133 -13.35 -8.46 2.42
N ASP A 7 3.66 2.29 -22.41
CA ASP A 7 4.33 1.86 -21.18
C ASP A 7 3.33 1.47 -20.11
N GLN A 8 3.54 0.28 -19.54
CA GLN A 8 2.65 -0.28 -18.53
C GLN A 8 2.66 0.56 -17.25
N VAL A 9 3.77 1.26 -17.01
CA VAL A 9 3.90 2.11 -15.82
C VAL A 9 2.81 3.17 -15.78
N VAL A 10 2.46 3.67 -16.96
CA VAL A 10 1.43 4.71 -17.07
C VAL A 10 0.09 4.19 -16.61
N ILE A 11 -0.19 2.92 -16.90
CA ILE A 11 -1.45 2.30 -16.55
C ILE A 11 -1.57 2.14 -15.03
N PHE A 12 -0.58 1.48 -14.43
CA PHE A 12 -0.62 1.19 -13.01
C PHE A 12 -0.50 2.43 -12.15
N LYS A 13 0.38 3.36 -12.55
CA LYS A 13 0.56 4.57 -11.78
C LYS A 13 -0.72 5.39 -11.78
N GLN A 14 -1.41 5.41 -12.91
CA GLN A 14 -2.66 6.14 -13.03
C GLN A 14 -3.71 5.57 -12.09
N ILE A 15 -3.63 4.27 -11.83
CA ILE A 15 -4.52 3.60 -10.89
C ILE A 15 -4.28 4.11 -9.47
N PHE A 16 -3.04 3.99 -9.01
CA PHE A 16 -2.68 4.39 -7.66
C PHE A 16 -2.87 5.90 -7.46
N ASP A 17 -2.40 6.69 -8.42
CA ASP A 17 -2.53 8.14 -8.35
C ASP A 17 -4.00 8.56 -8.35
N LYS A 18 -4.85 7.73 -8.94
CA LYS A 18 -6.28 8.02 -8.97
C LYS A 18 -6.90 7.85 -7.59
N VAL A 19 -6.62 6.72 -6.95
CA VAL A 19 -7.23 6.38 -5.68
C VAL A 19 -6.79 7.34 -4.56
N ARG A 20 -5.64 8.00 -4.77
CA ARG A 20 -5.12 8.97 -3.79
C ARG A 20 -6.14 10.08 -3.54
N ASN A 21 -6.88 10.43 -4.59
CA ASN A 21 -7.78 11.58 -4.52
C ASN A 21 -9.24 11.15 -4.69
N ASP A 22 -9.47 10.19 -5.58
CA ASP A 22 -10.82 9.77 -5.89
C ASP A 22 -11.35 8.76 -4.87
N LEU A 23 -10.41 8.00 -4.28
CA LEU A 23 -10.74 7.00 -3.27
C LEU A 23 -11.66 5.90 -3.83
N ASN A 24 -11.51 5.61 -5.12
CA ASN A 24 -12.24 4.51 -5.74
C ASN A 24 -11.55 3.20 -5.43
N TYR A 25 -11.95 2.57 -4.33
CA TYR A 25 -11.34 1.31 -3.91
C TYR A 25 -11.88 0.15 -4.74
N GLN A 26 -13.10 0.32 -5.23
CA GLN A 26 -13.77 -0.72 -6.01
C GLN A 26 -12.96 -1.05 -7.27
N TRP A 27 -12.67 -0.02 -8.06
CA TRP A 27 -11.91 -0.19 -9.28
C TRP A 27 -10.45 -0.53 -8.96
N PHE A 28 -9.97 0.01 -7.84
CA PHE A 28 -8.62 -0.24 -7.38
C PHE A 28 -8.40 -1.74 -7.16
N TYR A 29 -9.26 -2.36 -6.36
CA TYR A 29 -9.17 -3.78 -6.09
C TYR A 29 -9.48 -4.59 -7.35
N SER A 30 -10.39 -4.10 -8.16
CA SER A 30 -10.79 -4.79 -9.38
C SER A 30 -9.60 -4.94 -10.32
N GLU A 31 -8.83 -3.87 -10.49
CA GLU A 31 -7.67 -3.90 -11.37
C GLU A 31 -6.53 -4.71 -10.78
N LEU A 32 -6.40 -4.66 -9.46
CA LEU A 32 -5.39 -5.47 -8.79
C LEU A 32 -5.68 -6.95 -9.01
N LYS A 33 -6.93 -7.33 -8.88
CA LYS A 33 -7.34 -8.73 -9.00
C LYS A 33 -7.27 -9.20 -10.46
N ARG A 34 -7.28 -8.26 -11.40
CA ARG A 34 -7.26 -8.61 -12.82
C ARG A 34 -5.87 -8.47 -13.43
N HIS A 35 -4.93 -7.90 -12.68
CA HIS A 35 -3.58 -7.67 -13.21
C HIS A 35 -2.51 -8.16 -12.24
N ASN A 36 -2.59 -7.72 -10.99
CA ASN A 36 -1.62 -8.12 -9.98
C ASN A 36 -2.04 -9.45 -9.35
N VAL A 37 -1.63 -10.54 -9.97
CA VAL A 37 -2.01 -11.87 -9.54
C VAL A 37 -1.27 -12.29 -8.28
N SER A 38 -0.03 -11.84 -8.12
CA SER A 38 0.75 -12.24 -6.97
C SER A 38 0.78 -11.17 -5.87
N HIS A 39 1.68 -10.19 -6.00
CA HIS A 39 1.91 -9.24 -4.90
C HIS A 39 2.67 -8.01 -5.38
N TYR A 40 2.46 -6.89 -4.70
CA TYR A 40 3.20 -5.67 -4.99
C TYR A 40 3.80 -5.10 -3.71
N ILE A 41 4.97 -4.47 -3.83
CA ILE A 41 5.65 -3.88 -2.68
C ILE A 41 5.56 -2.37 -2.74
N TYR A 42 4.84 -1.79 -1.81
CA TYR A 42 4.64 -0.35 -1.75
C TYR A 42 5.58 0.26 -0.73
N TYR A 43 6.57 1.00 -1.21
CA TYR A 43 7.46 1.74 -0.33
C TYR A 43 6.85 3.10 -0.01
N LEU A 44 6.31 3.23 1.19
CA LEU A 44 5.56 4.43 1.58
C LEU A 44 6.44 5.67 1.60
N ALA A 45 7.68 5.52 2.05
CA ALA A 45 8.55 6.67 2.25
C ALA A 45 8.95 7.34 0.93
N THR A 46 9.30 6.52 -0.06
CA THR A 46 9.78 7.05 -1.33
C THR A 46 8.67 7.12 -2.38
N GLU A 47 7.49 6.59 -2.01
CA GLU A 47 6.35 6.52 -2.94
C GLU A 47 6.73 5.65 -4.14
N ASN A 48 7.38 4.53 -3.84
CA ASN A 48 7.81 3.58 -4.86
C ASN A 48 7.00 2.30 -4.78
N VAL A 49 6.17 2.06 -5.78
CA VAL A 49 5.33 0.88 -5.80
C VAL A 49 5.88 -0.14 -6.79
N HIS A 50 6.28 -1.30 -6.29
CA HIS A 50 6.83 -2.35 -7.14
C HIS A 50 5.79 -3.47 -7.33
N ILE A 51 5.09 -3.45 -8.45
CA ILE A 51 4.04 -4.42 -8.72
C ILE A 51 4.60 -5.63 -9.47
N VAL A 52 4.70 -6.75 -8.79
CA VAL A 52 5.06 -8.00 -9.44
C VAL A 52 3.79 -8.69 -9.89
N LEU A 53 3.55 -8.73 -11.20
CA LEU A 53 2.31 -9.26 -11.74
C LEU A 53 2.12 -10.73 -11.38
N LYS A 54 2.85 -11.58 -12.07
CA LYS A 54 2.77 -13.02 -11.86
C LYS A 54 4.13 -13.63 -12.10
N ASN A 55 4.55 -13.65 -13.35
CA ASN A 55 5.89 -14.11 -13.72
C ASN A 55 6.41 -13.30 -14.90
N ASP A 56 5.68 -12.24 -15.22
CA ASP A 56 5.99 -11.42 -16.37
C ASP A 56 7.10 -10.44 -16.04
N ASN A 57 6.77 -9.42 -15.26
CA ASN A 57 7.72 -8.39 -14.88
C ASN A 57 7.29 -7.69 -13.61
N THR A 58 8.12 -6.75 -13.16
CA THR A 58 7.80 -5.93 -12.01
C THR A 58 7.65 -4.46 -12.44
N VAL A 59 6.43 -3.97 -12.36
CA VAL A 59 6.14 -2.59 -12.72
C VAL A 59 6.47 -1.68 -11.54
N LEU A 60 7.53 -0.89 -11.67
CA LEU A 60 7.97 -0.01 -10.60
C LEU A 60 7.45 1.41 -10.82
N LEU A 61 6.54 1.82 -9.95
CA LEU A 61 5.98 3.16 -10.00
C LEU A 61 6.68 4.05 -8.98
N LYS A 62 7.53 4.94 -9.46
CA LYS A 62 8.25 5.83 -8.57
C LYS A 62 7.64 7.23 -8.60
N GLY A 63 6.81 7.50 -7.60
CA GLY A 63 6.17 8.80 -7.53
C GLY A 63 7.09 9.86 -6.97
N LEU A 64 7.73 9.52 -5.85
CA LEU A 64 8.70 10.39 -5.18
C LEU A 64 8.10 11.76 -4.83
N LYS A 65 6.79 11.81 -4.60
CA LYS A 65 6.15 13.05 -4.21
C LYS A 65 6.12 13.19 -2.69
N ASN A 66 7.13 13.87 -2.17
CA ASN A 66 7.26 14.15 -0.73
C ASN A 66 7.59 12.87 0.04
N ILE A 67 8.86 12.73 0.37
CA ILE A 67 9.34 11.57 1.11
C ILE A 67 8.90 11.66 2.56
N VAL A 68 8.13 10.68 3.00
CA VAL A 68 7.66 10.64 4.39
C VAL A 68 8.70 9.98 5.28
N SER A 69 8.72 10.35 6.55
CA SER A 69 9.73 9.86 7.46
C SER A 69 9.25 8.61 8.19
N VAL A 70 9.83 7.47 7.83
CA VAL A 70 9.55 6.22 8.53
C VAL A 70 10.51 6.09 9.72
N LYS A 71 9.95 6.11 10.91
CA LYS A 71 10.75 6.10 12.12
C LYS A 71 10.90 4.69 12.68
N PHE A 72 11.95 4.50 13.47
CA PHE A 72 12.15 3.23 14.16
C PHE A 72 11.32 3.20 15.45
N SER A 73 10.01 3.22 15.29
CA SER A 73 9.08 3.18 16.40
C SER A 73 7.87 2.38 15.99
N LYS A 74 7.92 1.08 16.26
CA LYS A 74 6.92 0.15 15.76
C LYS A 74 5.78 -0.03 16.76
N ASP A 75 4.56 0.20 16.29
CA ASP A 75 3.38 0.04 17.13
C ASP A 75 2.20 -0.45 16.30
N ARG A 76 1.54 -1.49 16.80
CA ARG A 76 0.38 -2.05 16.13
C ARG A 76 -0.87 -1.22 16.39
N HIS A 77 -0.90 -0.54 17.54
CA HIS A 77 -2.10 0.18 17.96
C HIS A 77 -2.35 1.39 17.06
N LEU A 78 -1.29 2.05 16.64
CA LEU A 78 -1.42 3.16 15.70
C LEU A 78 -2.01 2.66 14.38
N ILE A 79 -1.45 1.58 13.85
CA ILE A 79 -1.95 0.97 12.63
C ILE A 79 -3.43 0.59 12.79
N GLU A 80 -3.71 -0.07 13.91
CA GLU A 80 -5.05 -0.48 14.27
C GLU A 80 -6.00 0.71 14.29
N THR A 81 -5.64 1.72 15.07
CA THR A 81 -6.47 2.91 15.23
C THR A 81 -6.67 3.63 13.90
N THR A 82 -5.62 3.69 13.08
CA THR A 82 -5.69 4.37 11.80
C THR A 82 -6.62 3.62 10.84
N SER A 83 -6.62 2.29 10.94
CA SER A 83 -7.53 1.48 10.13
C SER A 83 -8.98 1.73 10.54
N ASN A 84 -9.19 1.87 11.86
CA ASN A 84 -10.51 2.20 12.38
C ASN A 84 -10.90 3.61 11.99
N LYS A 85 -9.93 4.50 11.98
CA LYS A 85 -10.13 5.89 11.57
C LYS A 85 -10.55 5.94 10.10
N LEU A 86 -9.86 5.15 9.28
CA LEU A 86 -10.17 5.05 7.85
C LEU A 86 -11.57 4.48 7.64
N LYS A 87 -11.89 3.42 8.37
CA LYS A 87 -13.17 2.75 8.22
C LYS A 87 -14.32 3.63 8.69
N SER A 88 -14.17 4.21 9.87
CA SER A 88 -15.26 4.94 10.50
C SER A 88 -15.42 6.35 9.91
N ARG A 89 -14.32 7.08 9.77
CA ARG A 89 -14.38 8.48 9.38
C ARG A 89 -14.08 8.66 7.90
N GLU A 90 -13.67 7.59 7.24
CA GLU A 90 -13.36 7.58 5.80
C GLU A 90 -12.03 8.30 5.52
N ILE A 91 -11.86 9.48 6.13
CA ILE A 91 -10.66 10.30 6.01
C ILE A 91 -10.10 10.30 4.58
N THR A 92 -8.80 10.09 4.45
CA THR A 92 -8.16 10.08 3.15
C THR A 92 -7.04 9.05 3.11
N PHE A 93 -6.77 8.52 1.92
CA PHE A 93 -5.74 7.50 1.72
C PHE A 93 -4.37 8.01 2.20
N GLN A 94 -4.17 9.32 2.07
CA GLN A 94 -2.94 9.96 2.53
C GLN A 94 -2.74 9.74 4.03
N GLU A 95 -3.77 10.08 4.84
CA GLU A 95 -3.69 9.93 6.29
C GLU A 95 -3.35 8.51 6.70
N TYR A 96 -4.00 7.55 6.04
CA TYR A 96 -3.78 6.15 6.36
C TYR A 96 -2.30 5.79 6.20
N ARG A 97 -1.67 6.29 5.14
CA ARG A 97 -0.27 5.99 4.89
C ARG A 97 0.65 6.80 5.80
N ARG A 98 0.25 8.04 6.10
CA ARG A 98 1.03 8.90 6.99
C ARG A 98 1.21 8.26 8.35
N ASN A 99 0.13 7.68 8.86
CA ASN A 99 0.14 7.04 10.17
C ASN A 99 0.90 5.72 10.11
N LEU A 100 0.80 5.01 9.00
CA LEU A 100 1.51 3.74 8.83
C LEU A 100 3.02 3.95 8.85
N ALA A 101 3.49 4.93 8.11
CA ALA A 101 4.92 5.27 8.10
C ALA A 101 5.36 5.74 9.47
N LYS A 102 4.43 6.37 10.18
CA LYS A 102 4.70 6.87 11.53
C LYS A 102 4.80 5.71 12.52
N ALA A 103 4.24 4.56 12.14
CA ALA A 103 4.26 3.37 12.98
C ALA A 103 5.40 2.44 12.59
N GLY A 104 6.19 2.85 11.60
CA GLY A 104 7.36 2.08 11.21
C GLY A 104 7.13 1.22 9.98
N VAL A 105 5.97 1.38 9.34
CA VAL A 105 5.65 0.60 8.14
C VAL A 105 6.37 1.19 6.94
N PHE A 106 7.42 0.50 6.51
CA PHE A 106 8.21 0.95 5.36
C PHE A 106 7.89 0.10 4.14
N ARG A 107 7.53 -1.16 4.37
CA ARG A 107 7.24 -2.09 3.29
C ARG A 107 5.80 -2.54 3.32
N TRP A 108 4.97 -1.93 2.49
CA TRP A 108 3.59 -2.31 2.35
C TRP A 108 3.47 -3.33 1.23
N VAL A 109 3.50 -4.60 1.59
CA VAL A 109 3.43 -5.65 0.59
C VAL A 109 2.05 -6.28 0.56
N THR A 110 1.23 -5.89 -0.40
CA THR A 110 -0.09 -6.48 -0.54
C THR A 110 -0.02 -7.67 -1.48
N ASN A 111 -0.35 -8.83 -0.95
CA ASN A 111 -0.35 -10.05 -1.74
C ASN A 111 -1.79 -10.39 -2.12
N ILE A 112 -2.13 -10.13 -3.37
CA ILE A 112 -3.49 -10.35 -3.86
C ILE A 112 -3.79 -11.84 -3.96
N HIS A 113 -2.76 -12.62 -4.27
CA HIS A 113 -2.89 -14.07 -4.36
C HIS A 113 -3.29 -14.64 -3.01
N GLU A 114 -2.81 -14.00 -1.95
CA GLU A 114 -3.08 -14.45 -0.60
C GLU A 114 -4.27 -13.70 -0.02
N GLN A 115 -4.64 -12.60 -0.68
CA GLN A 115 -5.75 -11.76 -0.27
C GLN A 115 -5.44 -11.03 1.04
N LYS A 116 -4.16 -10.72 1.25
CA LYS A 116 -3.73 -10.10 2.50
C LYS A 116 -2.75 -8.95 2.26
N ARG A 117 -2.81 -7.95 3.13
CA ARG A 117 -1.82 -6.90 3.17
C ARG A 117 -0.77 -7.24 4.21
N TYR A 118 0.50 -7.07 3.86
CA TYR A 118 1.56 -7.30 4.82
C TYR A 118 2.32 -5.99 5.08
N TYR A 119 2.17 -5.47 6.29
CA TYR A 119 2.86 -4.25 6.68
C TYR A 119 4.16 -4.59 7.37
N TYR A 120 5.27 -4.39 6.69
CA TYR A 120 6.59 -4.69 7.23
C TYR A 120 7.29 -3.44 7.71
N THR A 121 7.94 -3.55 8.85
CA THR A 121 8.78 -2.48 9.37
C THR A 121 10.04 -2.34 8.52
N PHE A 122 10.84 -1.30 8.79
CA PHE A 122 12.03 -1.02 8.01
C PHE A 122 13.03 -2.17 8.07
N ASP A 123 13.08 -2.84 9.22
CA ASP A 123 13.97 -3.99 9.42
C ASP A 123 13.35 -5.26 8.85
N ASN A 124 12.25 -5.10 8.12
CA ASN A 124 11.54 -6.19 7.46
C ASN A 124 11.02 -7.22 8.46
N SER A 125 9.85 -6.95 8.99
CA SER A 125 9.18 -7.83 9.93
C SER A 125 7.69 -7.52 9.90
N LEU A 126 6.86 -8.55 9.99
CA LEU A 126 5.42 -8.36 9.88
C LEU A 126 4.86 -7.70 11.12
N LEU A 127 4.64 -6.39 11.03
CA LEU A 127 4.05 -5.63 12.12
C LEU A 127 2.55 -5.86 12.16
N PHE A 128 1.91 -5.78 11.00
CA PHE A 128 0.47 -5.89 10.92
C PHE A 128 0.07 -6.50 9.58
N THR A 129 -0.93 -7.37 9.60
CA THR A 129 -1.44 -7.95 8.37
C THR A 129 -2.96 -7.92 8.40
N GLU A 130 -3.57 -7.66 7.25
CA GLU A 130 -5.02 -7.59 7.17
C GLU A 130 -5.50 -8.21 5.87
N SER A 131 -6.62 -8.90 5.93
CA SER A 131 -7.16 -9.56 4.77
C SER A 131 -8.15 -8.65 4.04
N ILE A 132 -7.92 -8.45 2.76
CA ILE A 132 -8.79 -7.59 1.97
C ILE A 132 -10.09 -8.32 1.65
N GLN A 133 -11.11 -7.98 2.44
CA GLN A 133 -12.42 -8.62 2.36
C GLN A 133 -12.37 -10.01 2.98
N ASP A 7 3.29 3.78 -21.51
CA ASP A 7 3.85 2.70 -20.71
C ASP A 7 2.86 2.17 -19.70
N GLN A 8 3.00 0.90 -19.35
CA GLN A 8 2.12 0.26 -18.38
C GLN A 8 2.31 0.90 -17.01
N VAL A 9 3.50 1.44 -16.78
CA VAL A 9 3.77 2.20 -15.57
C VAL A 9 2.80 3.38 -15.46
N VAL A 10 2.54 4.02 -16.58
CA VAL A 10 1.61 5.15 -16.62
C VAL A 10 0.20 4.69 -16.30
N ILE A 11 -0.18 3.54 -16.85
CA ILE A 11 -1.49 2.97 -16.59
C ILE A 11 -1.64 2.58 -15.12
N PHE A 12 -0.65 1.87 -14.59
CA PHE A 12 -0.70 1.44 -13.19
C PHE A 12 -0.66 2.61 -12.23
N LYS A 13 0.16 3.61 -12.52
CA LYS A 13 0.23 4.79 -11.66
C LYS A 13 -1.04 5.60 -11.82
N GLN A 14 -1.76 5.38 -12.91
CA GLN A 14 -3.05 6.01 -13.15
C GLN A 14 -4.10 5.31 -12.30
N ILE A 15 -3.98 3.99 -12.22
CA ILE A 15 -4.85 3.17 -11.37
C ILE A 15 -4.75 3.60 -9.91
N PHE A 16 -3.53 3.60 -9.39
CA PHE A 16 -3.28 3.99 -8.01
C PHE A 16 -3.63 5.46 -7.78
N ASP A 17 -3.48 6.27 -8.82
CA ASP A 17 -3.75 7.71 -8.71
C ASP A 17 -5.25 7.95 -8.67
N LYS A 18 -5.99 7.19 -9.48
CA LYS A 18 -7.44 7.29 -9.52
C LYS A 18 -8.04 7.06 -8.13
N VAL A 19 -7.62 5.97 -7.49
CA VAL A 19 -8.13 5.63 -6.18
C VAL A 19 -7.56 6.54 -5.09
N ARG A 20 -6.38 7.10 -5.35
CA ARG A 20 -5.71 7.96 -4.38
C ARG A 20 -6.52 9.21 -4.09
N ASN A 21 -7.10 9.81 -5.12
CA ASN A 21 -7.77 11.09 -4.99
C ASN A 21 -9.28 10.94 -4.95
N ASP A 22 -9.81 9.89 -5.55
CA ASP A 22 -11.25 9.69 -5.61
C ASP A 22 -11.72 8.78 -4.47
N LEU A 23 -10.81 7.94 -3.98
CA LEU A 23 -11.10 7.00 -2.89
C LEU A 23 -12.11 5.95 -3.33
N ASN A 24 -12.12 5.67 -4.63
CA ASN A 24 -12.99 4.66 -5.19
C ASN A 24 -12.33 3.28 -5.11
N TYR A 25 -12.11 2.81 -3.89
CA TYR A 25 -11.45 1.53 -3.64
C TYR A 25 -12.19 0.38 -4.31
N GLN A 26 -13.49 0.58 -4.52
CA GLN A 26 -14.33 -0.40 -5.20
C GLN A 26 -13.76 -0.74 -6.57
N TRP A 27 -13.29 0.29 -7.28
CA TRP A 27 -12.71 0.11 -8.61
C TRP A 27 -11.37 -0.59 -8.51
N PHE A 28 -10.65 -0.25 -7.45
CA PHE A 28 -9.22 -0.53 -7.36
C PHE A 28 -8.95 -2.00 -7.07
N TYR A 29 -9.71 -2.59 -6.14
CA TYR A 29 -9.49 -3.98 -5.78
C TYR A 29 -9.86 -4.92 -6.92
N SER A 30 -10.83 -4.52 -7.74
CA SER A 30 -11.19 -5.30 -8.91
C SER A 30 -10.17 -5.07 -10.01
N GLU A 31 -9.70 -3.83 -10.12
CA GLU A 31 -8.65 -3.45 -11.06
C GLU A 31 -7.41 -4.29 -10.80
N LEU A 32 -6.97 -4.30 -9.55
CA LEU A 32 -5.82 -5.10 -9.13
C LEU A 32 -6.02 -6.57 -9.47
N LYS A 33 -7.19 -7.10 -9.13
CA LYS A 33 -7.46 -8.53 -9.30
C LYS A 33 -7.35 -8.95 -10.77
N ARG A 34 -7.55 -8.01 -11.68
CA ARG A 34 -7.42 -8.28 -13.10
C ARG A 34 -5.95 -8.39 -13.50
N HIS A 35 -5.15 -7.43 -13.04
CA HIS A 35 -3.75 -7.33 -13.47
C HIS A 35 -2.82 -7.91 -12.41
N ASN A 36 -2.80 -7.29 -11.24
CA ASN A 36 -1.95 -7.73 -10.15
C ASN A 36 -2.65 -8.79 -9.32
N VAL A 37 -2.63 -10.02 -9.81
CA VAL A 37 -3.25 -11.14 -9.11
C VAL A 37 -2.28 -11.72 -8.09
N SER A 38 -1.08 -11.16 -8.03
CA SER A 38 -0.06 -11.66 -7.14
C SER A 38 0.07 -10.75 -5.91
N HIS A 39 0.81 -9.66 -6.06
CA HIS A 39 1.11 -8.78 -4.92
C HIS A 39 1.90 -7.55 -5.37
N TYR A 40 1.66 -6.43 -4.72
CA TYR A 40 2.47 -5.24 -4.97
C TYR A 40 3.17 -4.83 -3.67
N ILE A 41 4.45 -4.54 -3.79
CA ILE A 41 5.25 -4.14 -2.65
C ILE A 41 5.46 -2.64 -2.66
N TYR A 42 4.77 -1.93 -1.79
CA TYR A 42 4.89 -0.49 -1.72
C TYR A 42 5.91 -0.11 -0.65
N TYR A 43 6.99 0.54 -1.04
CA TYR A 43 7.97 1.01 -0.08
C TYR A 43 7.64 2.44 0.32
N LEU A 44 7.10 2.60 1.52
CA LEU A 44 6.59 3.88 1.99
C LEU A 44 7.65 4.99 1.96
N ALA A 45 8.84 4.69 2.48
CA ALA A 45 9.90 5.69 2.57
C ALA A 45 10.49 6.02 1.20
N THR A 46 10.54 5.02 0.33
CA THR A 46 11.16 5.19 -0.98
C THR A 46 10.16 5.75 -2.01
N GLU A 47 8.87 5.66 -1.67
CA GLU A 47 7.78 6.08 -2.56
C GLU A 47 7.76 5.27 -3.86
N ASN A 48 8.39 4.11 -3.84
CA ASN A 48 8.47 3.25 -5.00
C ASN A 48 7.62 2.01 -4.81
N VAL A 49 6.83 1.68 -5.81
CA VAL A 49 5.90 0.56 -5.73
C VAL A 49 6.32 -0.53 -6.72
N HIS A 50 6.58 -1.72 -6.21
CA HIS A 50 6.94 -2.85 -7.07
C HIS A 50 5.74 -3.78 -7.23
N ILE A 51 5.05 -3.64 -8.36
CA ILE A 51 3.89 -4.47 -8.64
C ILE A 51 4.28 -5.69 -9.44
N VAL A 52 4.39 -6.84 -8.78
CA VAL A 52 4.73 -8.06 -9.47
C VAL A 52 3.46 -8.75 -9.95
N LEU A 53 3.24 -8.70 -11.26
CA LEU A 53 2.04 -9.26 -11.86
C LEU A 53 2.11 -10.78 -11.88
N LYS A 54 0.97 -11.40 -12.15
CA LYS A 54 0.90 -12.86 -12.26
C LYS A 54 1.73 -13.34 -13.45
N ASN A 55 1.95 -12.42 -14.39
CA ASN A 55 2.72 -12.72 -15.59
C ASN A 55 4.19 -12.36 -15.38
N ASP A 56 4.60 -12.31 -14.11
CA ASP A 56 6.02 -12.11 -13.73
C ASP A 56 6.46 -10.64 -13.87
N ASN A 57 5.96 -9.97 -14.91
CA ASN A 57 6.34 -8.59 -15.17
C ASN A 57 6.08 -7.71 -13.96
N THR A 58 7.11 -6.98 -13.55
CA THR A 58 7.02 -6.12 -12.38
C THR A 58 6.95 -4.66 -12.81
N VAL A 59 5.89 -3.98 -12.40
CA VAL A 59 5.73 -2.57 -12.69
C VAL A 59 6.25 -1.74 -11.51
N LEU A 60 7.05 -0.72 -11.81
CA LEU A 60 7.62 0.12 -10.77
C LEU A 60 7.04 1.53 -10.84
N LEU A 61 6.22 1.87 -9.85
CA LEU A 61 5.63 3.20 -9.81
C LEU A 61 6.40 4.09 -8.85
N LYS A 62 6.25 5.39 -9.05
CA LYS A 62 6.88 6.38 -8.18
C LYS A 62 5.82 7.33 -7.64
N GLY A 63 5.76 7.46 -6.33
CA GLY A 63 4.89 8.43 -5.71
C GLY A 63 5.29 9.86 -6.05
N LEU A 64 6.24 10.41 -5.31
CA LEU A 64 6.74 11.75 -5.58
C LEU A 64 8.25 11.74 -5.80
N LYS A 65 9.00 11.31 -4.78
CA LYS A 65 10.45 11.31 -4.86
C LYS A 65 11.07 10.38 -3.82
N ASN A 66 10.69 10.59 -2.56
CA ASN A 66 11.24 9.88 -1.42
C ASN A 66 10.77 10.59 -0.15
N ILE A 67 10.26 9.83 0.80
CA ILE A 67 9.78 10.43 2.03
C ILE A 67 10.31 9.66 3.25
N VAL A 68 11.39 10.15 3.82
CA VAL A 68 12.08 9.47 4.91
C VAL A 68 11.45 9.81 6.26
N SER A 69 10.16 10.12 6.25
CA SER A 69 9.43 10.42 7.47
C SER A 69 9.00 9.14 8.18
N VAL A 70 9.22 8.01 7.51
CA VAL A 70 8.92 6.71 8.09
C VAL A 70 9.89 6.40 9.23
N LYS A 71 9.36 6.26 10.43
CA LYS A 71 10.17 6.03 11.60
C LYS A 71 10.34 4.53 11.86
N PHE A 72 11.38 4.17 12.60
CA PHE A 72 11.60 2.78 12.97
C PHE A 72 10.71 2.43 14.17
N SER A 73 9.44 2.26 13.91
CA SER A 73 8.47 2.01 14.97
C SER A 73 7.79 0.66 14.79
N LYS A 74 6.97 0.30 15.77
CA LYS A 74 6.26 -0.96 15.78
C LYS A 74 4.84 -0.76 16.29
N ASP A 75 4.26 0.39 15.93
CA ASP A 75 2.94 0.79 16.42
C ASP A 75 1.83 0.03 15.71
N ARG A 76 1.62 -1.22 16.11
CA ARG A 76 0.54 -2.03 15.55
C ARG A 76 -0.81 -1.44 15.92
N HIS A 77 -0.89 -0.83 17.10
CA HIS A 77 -2.11 -0.18 17.54
C HIS A 77 -2.44 1.01 16.66
N LEU A 78 -1.40 1.68 16.16
CA LEU A 78 -1.59 2.81 15.25
C LEU A 78 -2.06 2.30 13.90
N ILE A 79 -1.52 1.15 13.48
CA ILE A 79 -1.96 0.50 12.25
C ILE A 79 -3.45 0.17 12.34
N GLU A 80 -3.85 -0.45 13.46
CA GLU A 80 -5.24 -0.77 13.72
C GLU A 80 -6.11 0.48 13.62
N THR A 81 -5.68 1.54 14.31
CA THR A 81 -6.40 2.79 14.32
C THR A 81 -6.52 3.38 12.93
N THR A 82 -5.44 3.29 12.15
CA THR A 82 -5.43 3.82 10.79
C THR A 82 -6.42 3.07 9.89
N SER A 83 -6.35 1.74 9.92
CA SER A 83 -7.23 0.91 9.11
C SER A 83 -8.69 1.11 9.52
N ASN A 84 -8.92 1.18 10.83
CA ASN A 84 -10.25 1.41 11.37
C ASN A 84 -10.76 2.80 10.98
N LYS A 85 -9.87 3.77 11.00
CA LYS A 85 -10.21 5.14 10.65
C LYS A 85 -10.62 5.24 9.18
N LEU A 86 -9.96 4.46 8.33
CA LEU A 86 -10.34 4.39 6.92
C LEU A 86 -11.68 3.69 6.77
N LYS A 87 -11.80 2.56 7.44
CA LYS A 87 -13.02 1.74 7.40
C LYS A 87 -14.24 2.54 7.85
N SER A 88 -14.03 3.47 8.77
CA SER A 88 -15.13 4.23 9.35
C SER A 88 -15.37 5.55 8.60
N ARG A 89 -14.36 6.40 8.54
CA ARG A 89 -14.55 7.77 8.07
C ARG A 89 -14.19 7.95 6.60
N GLU A 90 -13.71 6.87 5.96
CA GLU A 90 -13.33 6.93 4.55
C GLU A 90 -12.28 8.02 4.32
N ILE A 91 -11.21 7.99 5.11
CA ILE A 91 -10.16 8.99 5.02
C ILE A 91 -9.41 8.90 3.70
N THR A 92 -8.81 10.00 3.29
CA THR A 92 -8.06 10.07 2.04
C THR A 92 -6.87 9.10 2.07
N PHE A 93 -6.40 8.72 0.89
CA PHE A 93 -5.26 7.82 0.78
C PHE A 93 -4.04 8.47 1.43
N GLN A 94 -4.03 9.81 1.41
CA GLN A 94 -3.01 10.60 2.09
C GLN A 94 -2.99 10.30 3.58
N GLU A 95 -4.15 10.46 4.21
CA GLU A 95 -4.30 10.20 5.65
C GLU A 95 -3.93 8.76 5.99
N TYR A 96 -4.40 7.83 5.16
CA TYR A 96 -4.16 6.42 5.38
C TYR A 96 -2.66 6.11 5.38
N ARG A 97 -2.00 6.47 4.30
CA ARG A 97 -0.58 6.20 4.12
C ARG A 97 0.27 6.94 5.15
N ARG A 98 -0.12 8.18 5.46
CA ARG A 98 0.62 9.01 6.41
C ARG A 98 0.71 8.37 7.79
N ASN A 99 -0.44 7.92 8.31
CA ASN A 99 -0.49 7.35 9.65
C ASN A 99 0.23 6.01 9.71
N LEU A 100 0.20 5.26 8.60
CA LEU A 100 0.90 3.98 8.53
C LEU A 100 2.40 4.20 8.56
N ALA A 101 2.86 5.25 7.90
CA ALA A 101 4.28 5.57 7.84
C ALA A 101 4.83 5.87 9.24
N LYS A 102 4.04 6.57 10.04
CA LYS A 102 4.46 6.90 11.40
C LYS A 102 4.46 5.65 12.29
N ALA A 103 3.66 4.66 11.92
CA ALA A 103 3.53 3.43 12.71
C ALA A 103 4.80 2.59 12.62
N GLY A 104 5.66 2.92 11.67
CA GLY A 104 6.89 2.17 11.51
C GLY A 104 6.84 1.19 10.37
N VAL A 105 5.78 1.27 9.58
CA VAL A 105 5.61 0.40 8.44
C VAL A 105 6.45 0.88 7.27
N PHE A 106 7.41 0.07 6.85
CA PHE A 106 8.24 0.39 5.71
C PHE A 106 7.75 -0.37 4.49
N ARG A 107 7.22 -1.55 4.74
CA ARG A 107 6.70 -2.40 3.67
C ARG A 107 5.22 -2.66 3.88
N TRP A 108 4.37 -1.98 3.14
CA TRP A 108 2.97 -2.36 3.10
C TRP A 108 2.70 -3.07 1.78
N VAL A 109 2.63 -4.38 1.88
CA VAL A 109 2.56 -5.25 0.72
C VAL A 109 1.18 -5.88 0.63
N THR A 110 0.44 -5.54 -0.40
CA THR A 110 -0.89 -6.08 -0.55
C THR A 110 -0.88 -7.28 -1.49
N ASN A 111 -0.97 -8.46 -0.91
CA ASN A 111 -0.96 -9.70 -1.68
C ASN A 111 -2.37 -10.11 -2.05
N ILE A 112 -2.73 -9.93 -3.30
CA ILE A 112 -4.02 -10.37 -3.79
C ILE A 112 -4.07 -11.89 -3.81
N HIS A 113 -2.92 -12.48 -4.12
CA HIS A 113 -2.79 -13.94 -4.18
C HIS A 113 -3.03 -14.55 -2.80
N GLU A 114 -2.63 -13.84 -1.75
CA GLU A 114 -2.76 -14.34 -0.39
C GLU A 114 -3.98 -13.73 0.29
N GLN A 115 -4.59 -12.74 -0.38
CA GLN A 115 -5.77 -12.04 0.12
C GLN A 115 -5.45 -11.31 1.43
N LYS A 116 -4.20 -10.89 1.59
CA LYS A 116 -3.76 -10.23 2.82
C LYS A 116 -2.84 -9.06 2.52
N ARG A 117 -2.96 -8.02 3.33
CA ARG A 117 -2.05 -6.90 3.27
C ARG A 117 -1.04 -7.02 4.41
N TYR A 118 0.21 -7.25 4.06
CA TYR A 118 1.26 -7.45 5.05
C TYR A 118 1.94 -6.13 5.39
N TYR A 119 1.93 -5.79 6.68
CA TYR A 119 2.60 -4.60 7.16
C TYR A 119 3.92 -4.98 7.83
N TYR A 120 5.02 -4.74 7.14
CA TYR A 120 6.34 -5.02 7.68
C TYR A 120 7.04 -3.74 8.08
N THR A 121 7.76 -3.78 9.18
CA THR A 121 8.59 -2.66 9.58
C THR A 121 9.89 -2.70 8.78
N PHE A 122 10.76 -1.73 9.01
CA PHE A 122 12.01 -1.63 8.25
C PHE A 122 12.87 -2.88 8.46
N ASP A 123 12.86 -3.40 9.68
CA ASP A 123 13.69 -4.54 10.03
C ASP A 123 12.98 -5.86 9.71
N ASN A 124 12.32 -5.89 8.55
CA ASN A 124 11.70 -7.11 7.97
C ASN A 124 10.80 -7.85 8.96
N SER A 125 10.33 -7.18 9.98
CA SER A 125 9.49 -7.81 10.98
C SER A 125 8.02 -7.60 10.67
N LEU A 126 7.24 -8.68 10.72
CA LEU A 126 5.82 -8.61 10.46
C LEU A 126 5.10 -7.93 11.62
N LEU A 127 4.53 -6.76 11.36
CA LEU A 127 3.81 -6.03 12.37
C LEU A 127 2.34 -6.41 12.34
N PHE A 128 1.68 -6.16 11.21
CA PHE A 128 0.25 -6.37 11.12
C PHE A 128 -0.11 -7.12 9.84
N THR A 129 -1.15 -7.93 9.91
CA THR A 129 -1.65 -8.63 8.75
C THR A 129 -3.12 -8.28 8.53
N GLU A 130 -3.40 -7.54 7.47
CA GLU A 130 -4.75 -7.09 7.20
C GLU A 130 -5.39 -7.97 6.14
N SER A 131 -6.29 -8.83 6.55
CA SER A 131 -6.95 -9.74 5.64
C SER A 131 -8.06 -9.02 4.86
N ILE A 132 -7.83 -8.79 3.58
CA ILE A 132 -8.83 -8.12 2.75
C ILE A 132 -9.91 -9.09 2.31
N GLN A 133 -10.86 -9.32 3.20
CA GLN A 133 -11.93 -10.26 2.95
C GLN A 133 -13.15 -9.56 2.35
N ASP A 7 3.07 2.84 -22.16
CA ASP A 7 3.95 2.77 -21.02
C ASP A 7 3.24 2.11 -19.86
N GLN A 8 3.61 0.85 -19.62
CA GLN A 8 3.01 0.03 -18.58
C GLN A 8 3.04 0.74 -17.21
N VAL A 9 4.08 1.53 -17.00
CA VAL A 9 4.23 2.28 -15.75
C VAL A 9 3.07 3.26 -15.57
N VAL A 10 2.63 3.89 -16.66
CA VAL A 10 1.57 4.88 -16.60
C VAL A 10 0.25 4.25 -16.19
N ILE A 11 -0.05 3.08 -16.77
CA ILE A 11 -1.30 2.37 -16.47
C ILE A 11 -1.40 2.10 -14.98
N PHE A 12 -0.36 1.49 -14.42
CA PHE A 12 -0.37 1.10 -13.01
C PHE A 12 -0.34 2.30 -12.08
N LYS A 13 0.51 3.29 -12.37
CA LYS A 13 0.62 4.45 -11.49
C LYS A 13 -0.68 5.25 -11.48
N GLN A 14 -1.39 5.22 -12.59
CA GLN A 14 -2.65 5.94 -12.73
C GLN A 14 -3.74 5.28 -11.90
N ILE A 15 -3.66 3.96 -11.76
CA ILE A 15 -4.60 3.23 -10.91
C ILE A 15 -4.47 3.68 -9.46
N PHE A 16 -3.23 3.73 -8.99
CA PHE A 16 -2.94 4.18 -7.62
C PHE A 16 -3.19 5.68 -7.48
N ASP A 17 -2.99 6.41 -8.57
CA ASP A 17 -3.21 7.85 -8.59
C ASP A 17 -4.68 8.18 -8.44
N LYS A 18 -5.52 7.38 -9.09
CA LYS A 18 -6.96 7.57 -9.02
C LYS A 18 -7.49 7.28 -7.62
N VAL A 19 -7.04 6.19 -7.02
CA VAL A 19 -7.56 5.78 -5.72
C VAL A 19 -7.11 6.72 -4.60
N ARG A 20 -5.96 7.35 -4.76
CA ARG A 20 -5.44 8.25 -3.73
C ARG A 20 -6.13 9.60 -3.78
N ASN A 21 -6.77 9.90 -4.90
CA ASN A 21 -7.44 11.19 -5.09
C ASN A 21 -8.96 11.04 -5.08
N ASP A 22 -9.45 10.04 -5.79
CA ASP A 22 -10.89 9.86 -5.96
C ASP A 22 -11.45 8.87 -4.94
N LEU A 23 -10.57 8.06 -4.37
CA LEU A 23 -10.95 7.06 -3.36
C LEU A 23 -11.92 6.04 -3.95
N ASN A 24 -11.75 5.73 -5.23
CA ASN A 24 -12.58 4.73 -5.90
C ASN A 24 -12.02 3.33 -5.64
N TYR A 25 -12.29 2.82 -4.45
CA TYR A 25 -11.77 1.52 -4.03
C TYR A 25 -12.35 0.38 -4.85
N GLN A 26 -13.58 0.52 -5.31
CA GLN A 26 -14.25 -0.53 -6.07
C GLN A 26 -13.50 -0.84 -7.36
N TRP A 27 -13.16 0.21 -8.12
CA TRP A 27 -12.42 0.06 -9.37
C TRP A 27 -10.98 -0.36 -9.09
N PHE A 28 -10.48 0.08 -7.93
CA PHE A 28 -9.11 -0.20 -7.53
C PHE A 28 -8.91 -1.69 -7.23
N TYR A 29 -9.79 -2.26 -6.38
CA TYR A 29 -9.66 -3.65 -5.97
C TYR A 29 -9.75 -4.61 -7.15
N SER A 30 -10.68 -4.34 -8.06
CA SER A 30 -10.90 -5.21 -9.20
C SER A 30 -9.69 -5.21 -10.13
N GLU A 31 -9.09 -4.05 -10.34
CA GLU A 31 -7.91 -3.95 -11.20
C GLU A 31 -6.69 -4.59 -10.55
N LEU A 32 -6.64 -4.54 -9.22
CA LEU A 32 -5.57 -5.21 -8.49
C LEU A 32 -5.63 -6.71 -8.72
N LYS A 33 -6.84 -7.26 -8.62
CA LYS A 33 -7.03 -8.70 -8.79
C LYS A 33 -6.69 -9.13 -10.21
N ARG A 34 -6.88 -8.23 -11.16
CA ARG A 34 -6.64 -8.54 -12.56
C ARG A 34 -5.15 -8.55 -12.89
N HIS A 35 -4.36 -7.72 -12.19
CA HIS A 35 -2.97 -7.53 -12.58
C HIS A 35 -2.00 -7.87 -11.46
N ASN A 36 -2.27 -7.38 -10.27
CA ASN A 36 -1.37 -7.55 -9.12
C ASN A 36 -1.58 -8.91 -8.47
N VAL A 37 -1.84 -9.91 -9.29
CA VAL A 37 -2.23 -11.23 -8.81
C VAL A 37 -1.25 -11.79 -7.77
N SER A 38 0.04 -11.53 -7.95
CA SER A 38 1.02 -11.96 -6.97
C SER A 38 1.01 -11.04 -5.75
N HIS A 39 1.68 -9.89 -5.85
CA HIS A 39 1.77 -8.96 -4.74
C HIS A 39 2.44 -7.67 -5.18
N TYR A 40 2.06 -6.57 -4.56
CA TYR A 40 2.72 -5.30 -4.81
C TYR A 40 3.38 -4.77 -3.54
N ILE A 41 4.59 -4.27 -3.68
CA ILE A 41 5.34 -3.73 -2.55
C ILE A 41 5.32 -2.20 -2.58
N TYR A 42 4.60 -1.62 -1.64
CA TYR A 42 4.45 -0.17 -1.57
C TYR A 42 5.39 0.38 -0.50
N TYR A 43 6.22 1.35 -0.88
CA TYR A 43 7.08 2.02 0.08
C TYR A 43 6.46 3.35 0.49
N LEU A 44 6.05 3.44 1.75
CA LEU A 44 5.32 4.59 2.27
C LEU A 44 6.21 5.82 2.40
N ALA A 45 7.50 5.66 2.11
CA ALA A 45 8.44 6.76 2.19
C ALA A 45 8.56 7.50 0.85
N THR A 46 9.01 6.77 -0.17
CA THR A 46 9.27 7.37 -1.47
C THR A 46 8.09 7.27 -2.42
N GLU A 47 7.05 6.55 -2.00
CA GLU A 47 5.87 6.32 -2.82
C GLU A 47 6.26 5.50 -4.05
N ASN A 48 7.22 4.60 -3.86
CA ASN A 48 7.64 3.69 -4.91
C ASN A 48 6.92 2.36 -4.72
N VAL A 49 6.46 1.77 -5.80
CA VAL A 49 5.68 0.53 -5.70
C VAL A 49 6.24 -0.54 -6.64
N HIS A 50 6.48 -1.73 -6.10
CA HIS A 50 6.94 -2.86 -6.90
C HIS A 50 5.78 -3.82 -7.14
N ILE A 51 5.17 -3.74 -8.30
CA ILE A 51 4.07 -4.63 -8.65
C ILE A 51 4.60 -5.88 -9.34
N VAL A 52 4.77 -6.94 -8.58
CA VAL A 52 5.23 -8.20 -9.15
C VAL A 52 4.04 -8.94 -9.74
N LEU A 53 4.04 -9.08 -11.05
CA LEU A 53 2.98 -9.78 -11.75
C LEU A 53 3.05 -11.27 -11.46
N LYS A 54 2.02 -12.01 -11.87
CA LYS A 54 2.00 -13.44 -11.66
C LYS A 54 2.77 -14.14 -12.77
N ASN A 55 3.52 -13.36 -13.54
CA ASN A 55 4.28 -13.89 -14.66
C ASN A 55 5.66 -13.26 -14.71
N ASP A 56 6.34 -13.25 -13.55
CA ASP A 56 7.77 -12.93 -13.46
C ASP A 56 8.08 -11.43 -13.53
N ASN A 57 7.45 -10.73 -14.46
CA ASN A 57 7.74 -9.30 -14.67
C ASN A 57 7.24 -8.46 -13.50
N THR A 58 8.00 -7.42 -13.16
CA THR A 58 7.65 -6.53 -12.07
C THR A 58 7.53 -5.08 -12.56
N VAL A 59 6.42 -4.44 -12.21
CA VAL A 59 6.19 -3.05 -12.58
C VAL A 59 6.65 -2.13 -11.44
N LEU A 60 7.61 -1.27 -11.72
CA LEU A 60 8.10 -0.35 -10.71
C LEU A 60 7.50 1.04 -10.89
N LEU A 61 6.62 1.41 -9.97
CA LEU A 61 6.01 2.73 -9.98
C LEU A 61 6.81 3.68 -9.12
N LYS A 62 6.92 4.92 -9.55
CA LYS A 62 7.67 5.92 -8.82
C LYS A 62 6.86 7.18 -8.61
N GLY A 63 6.32 7.34 -7.41
CA GLY A 63 5.75 8.61 -7.02
C GLY A 63 6.87 9.62 -6.80
N LEU A 64 7.73 9.31 -5.83
CA LEU A 64 8.98 10.03 -5.61
C LEU A 64 8.72 11.52 -5.32
N LYS A 65 7.58 11.81 -4.73
CA LYS A 65 7.22 13.19 -4.42
C LYS A 65 7.50 13.51 -2.96
N ASN A 66 8.23 12.62 -2.29
CA ASN A 66 8.64 12.78 -0.89
C ASN A 66 7.44 12.79 0.06
N ILE A 67 7.18 11.63 0.66
CA ILE A 67 6.17 11.53 1.71
C ILE A 67 6.87 11.35 3.05
N VAL A 68 7.70 10.32 3.12
CA VAL A 68 8.56 10.02 4.28
C VAL A 68 7.82 10.21 5.60
N SER A 69 6.84 9.36 5.84
CA SER A 69 6.11 9.39 7.10
C SER A 69 6.55 8.22 7.98
N VAL A 70 7.51 7.46 7.49
CA VAL A 70 7.97 6.26 8.18
C VAL A 70 8.85 6.62 9.37
N LYS A 71 8.44 6.15 10.53
CA LYS A 71 9.22 6.33 11.75
C LYS A 71 9.90 5.02 12.13
N PHE A 72 10.95 5.12 12.93
CA PHE A 72 11.63 3.94 13.41
C PHE A 72 10.84 3.34 14.57
N SER A 73 9.76 2.64 14.23
CA SER A 73 8.88 2.08 15.23
C SER A 73 8.40 0.69 14.79
N LYS A 74 7.62 0.05 15.65
CA LYS A 74 7.12 -1.29 15.41
C LYS A 74 5.77 -1.47 16.08
N ASP A 75 5.00 -0.39 16.14
CA ASP A 75 3.77 -0.39 16.91
C ASP A 75 2.59 -0.87 16.07
N ARG A 76 1.84 -1.79 16.64
CA ARG A 76 0.67 -2.35 15.97
C ARG A 76 -0.58 -1.54 16.33
N HIS A 77 -0.49 -0.75 17.39
CA HIS A 77 -1.64 0.03 17.86
C HIS A 77 -2.00 1.12 16.86
N LEU A 78 -1.01 1.89 16.42
CA LEU A 78 -1.25 2.96 15.48
C LEU A 78 -1.75 2.41 14.14
N ILE A 79 -1.31 1.20 13.79
CA ILE A 79 -1.83 0.52 12.61
C ILE A 79 -3.32 0.27 12.77
N GLU A 80 -3.68 -0.35 13.89
CA GLU A 80 -5.08 -0.65 14.21
C GLU A 80 -5.90 0.63 14.32
N THR A 81 -5.30 1.67 14.88
CA THR A 81 -5.96 2.96 15.04
C THR A 81 -6.24 3.58 13.66
N THR A 82 -5.26 3.53 12.78
CA THR A 82 -5.40 4.10 11.45
C THR A 82 -6.38 3.30 10.60
N SER A 83 -6.44 1.99 10.84
CA SER A 83 -7.39 1.13 10.17
C SER A 83 -8.82 1.55 10.53
N ASN A 84 -9.07 1.74 11.83
CA ASN A 84 -10.35 2.21 12.31
C ASN A 84 -10.61 3.65 11.88
N LYS A 85 -9.53 4.42 11.74
CA LYS A 85 -9.61 5.80 11.28
C LYS A 85 -10.21 5.85 9.88
N LEU A 86 -9.67 5.02 9.00
CA LEU A 86 -10.16 4.90 7.63
C LEU A 86 -11.61 4.42 7.62
N LYS A 87 -11.91 3.49 8.52
CA LYS A 87 -13.24 2.91 8.60
C LYS A 87 -14.27 3.94 9.06
N SER A 88 -13.93 4.67 10.12
CA SER A 88 -14.86 5.60 10.74
C SER A 88 -14.90 6.95 10.01
N ARG A 89 -13.74 7.54 9.78
CA ARG A 89 -13.66 8.89 9.25
C ARG A 89 -13.46 8.92 7.74
N GLU A 90 -13.14 7.77 7.16
CA GLU A 90 -12.89 7.64 5.71
C GLU A 90 -11.57 8.30 5.31
N ILE A 91 -11.39 9.56 5.72
CA ILE A 91 -10.17 10.35 5.47
C ILE A 91 -9.69 10.26 4.02
N THR A 92 -8.46 10.68 3.78
CA THR A 92 -7.86 10.58 2.46
C THR A 92 -6.84 9.44 2.43
N PHE A 93 -6.72 8.79 1.28
CA PHE A 93 -5.78 7.67 1.12
C PHE A 93 -4.35 8.12 1.46
N GLN A 94 -4.06 9.38 1.15
CA GLN A 94 -2.76 9.97 1.47
C GLN A 94 -2.51 9.95 2.98
N GLU A 95 -3.53 10.32 3.74
CA GLU A 95 -3.44 10.40 5.20
C GLU A 95 -3.35 9.00 5.80
N TYR A 96 -4.07 8.06 5.18
CA TYR A 96 -4.05 6.67 5.59
C TYR A 96 -2.63 6.12 5.59
N ARG A 97 -1.93 6.33 4.48
CA ARG A 97 -0.56 5.89 4.33
C ARG A 97 0.35 6.53 5.39
N ARG A 98 0.12 7.82 5.63
CA ARG A 98 0.94 8.59 6.56
C ARG A 98 1.00 7.94 7.94
N ASN A 99 -0.15 7.74 8.55
CA ASN A 99 -0.21 7.27 9.92
C ASN A 99 0.18 5.80 10.04
N LEU A 100 0.04 5.05 8.95
CA LEU A 100 0.51 3.68 8.92
C LEU A 100 2.03 3.65 8.92
N ALA A 101 2.62 4.56 8.17
CA ALA A 101 4.07 4.70 8.13
C ALA A 101 4.61 5.22 9.45
N LYS A 102 3.82 6.07 10.11
CA LYS A 102 4.18 6.60 11.42
C LYS A 102 4.29 5.48 12.46
N ALA A 103 3.62 4.37 12.18
CA ALA A 103 3.63 3.23 13.10
C ALA A 103 4.93 2.45 12.99
N GLY A 104 5.71 2.76 11.96
CA GLY A 104 6.95 2.06 11.75
C GLY A 104 6.89 1.15 10.53
N VAL A 105 5.76 1.20 9.85
CA VAL A 105 5.57 0.38 8.66
C VAL A 105 6.24 1.05 7.46
N PHE A 106 7.16 0.32 6.85
CA PHE A 106 7.87 0.82 5.68
C PHE A 106 7.58 -0.07 4.48
N ARG A 107 7.29 -1.34 4.77
CA ARG A 107 7.06 -2.32 3.72
C ARG A 107 5.58 -2.69 3.66
N TRP A 108 4.85 -2.04 2.78
CA TRP A 108 3.45 -2.36 2.53
C TRP A 108 3.37 -3.42 1.45
N VAL A 109 3.13 -4.66 1.85
CA VAL A 109 3.04 -5.76 0.89
C VAL A 109 1.66 -6.36 0.91
N THR A 110 0.92 -6.19 -0.17
CA THR A 110 -0.39 -6.80 -0.28
C THR A 110 -0.35 -7.94 -1.28
N ASN A 111 -0.53 -9.16 -0.79
CA ASN A 111 -0.58 -10.33 -1.63
C ASN A 111 -2.01 -10.57 -2.07
N ILE A 112 -2.29 -10.27 -3.33
CA ILE A 112 -3.65 -10.36 -3.86
C ILE A 112 -4.05 -11.82 -4.06
N HIS A 113 -3.07 -12.67 -4.31
CA HIS A 113 -3.32 -14.09 -4.54
C HIS A 113 -3.83 -14.74 -3.25
N GLU A 114 -3.34 -14.27 -2.11
CA GLU A 114 -3.79 -14.76 -0.82
C GLU A 114 -4.87 -13.86 -0.24
N GLN A 115 -5.11 -12.72 -0.90
CA GLN A 115 -6.01 -11.69 -0.36
C GLN A 115 -5.53 -11.29 1.02
N LYS A 116 -4.22 -11.12 1.15
CA LYS A 116 -3.59 -10.97 2.45
C LYS A 116 -2.64 -9.78 2.45
N ARG A 117 -2.88 -8.84 3.36
CA ARG A 117 -2.07 -7.63 3.44
C ARG A 117 -1.07 -7.74 4.60
N TYR A 118 0.20 -7.65 4.25
CA TYR A 118 1.28 -7.75 5.22
C TYR A 118 1.85 -6.38 5.57
N TYR A 119 2.20 -6.18 6.83
CA TYR A 119 2.84 -4.96 7.28
C TYR A 119 4.23 -5.26 7.82
N TYR A 120 5.25 -4.79 7.13
CA TYR A 120 6.62 -4.98 7.58
C TYR A 120 7.26 -3.64 7.96
N THR A 121 8.06 -3.66 9.00
CA THR A 121 8.80 -2.47 9.41
C THR A 121 9.94 -2.17 8.41
N PHE A 122 10.71 -1.11 8.69
CA PHE A 122 11.77 -0.68 7.78
C PHE A 122 12.84 -1.77 7.55
N ASP A 123 13.04 -2.62 8.56
CA ASP A 123 14.02 -3.70 8.46
C ASP A 123 13.38 -4.94 7.84
N ASN A 124 12.11 -4.78 7.47
CA ASN A 124 11.31 -5.87 6.91
C ASN A 124 11.06 -6.94 7.96
N SER A 125 10.23 -6.62 8.92
CA SER A 125 9.82 -7.56 9.95
C SER A 125 8.30 -7.50 10.09
N LEU A 126 7.67 -8.65 10.26
CA LEU A 126 6.22 -8.72 10.26
C LEU A 126 5.63 -8.10 11.52
N LEU A 127 4.89 -7.01 11.32
CA LEU A 127 4.24 -6.33 12.43
C LEU A 127 2.76 -6.69 12.49
N PHE A 128 2.11 -6.64 11.34
CA PHE A 128 0.67 -6.88 11.26
C PHE A 128 0.34 -7.67 10.00
N THR A 129 -0.69 -8.49 10.05
CA THR A 129 -1.12 -9.24 8.89
C THR A 129 -2.63 -9.39 8.88
N GLU A 130 -3.27 -8.84 7.86
CA GLU A 130 -4.71 -8.88 7.76
C GLU A 130 -5.15 -9.33 6.37
N SER A 131 -6.12 -10.24 6.32
CA SER A 131 -6.71 -10.63 5.05
C SER A 131 -7.73 -9.58 4.63
N ILE A 132 -7.59 -9.09 3.42
CA ILE A 132 -8.45 -8.01 2.95
C ILE A 132 -9.79 -8.53 2.44
N GLN A 133 -10.77 -8.47 3.34
CA GLN A 133 -12.15 -8.85 3.05
C GLN A 133 -12.28 -10.36 2.85
#